data_1QSG
#
_entry.id   1QSG
#
_cell.length_a   73.733
_cell.length_b   82.077
_cell.length_c   84.177
_cell.angle_alpha   89.54
_cell.angle_beta   87.43
_cell.angle_gamma   77.77
#
_symmetry.space_group_name_H-M   'P 1'
#
loop_
_entity.id
_entity.type
_entity.pdbx_description
1 polymer 'ENOYL-[ACYL-CARRIER-PROTEIN] REDUCTASE'
2 non-polymer alpha-D-glucopyranose
3 non-polymer NICOTINAMIDE-ADENINE-DINUCLEOTIDE
4 non-polymer TRICLOSAN
5 water water
#
_entity_poly.entity_id   1
_entity_poly.type   'polypeptide(L)'
_entity_poly.pdbx_seq_one_letter_code
;GSHMGFLSGKRILVTGVASKLSIAYGIAQAMHREGAELAFTYQNDKLKGRVEEFAAQLGSDIVLQCDVAEDASIDTMFAE
LGKVWPKFDGFVHSIGFAPGDQLDGDYVNAVTREGFKIAHDISSYSFVAMAKACRSMLNPGSALLTLSYLGAERAIPNYN
VMGLAKASLEANVRYMANAMGPEGVRVNAISAGPIRTLAASGIKDFRKMLAHCEAVTPIRRTVTIEDVGNSAAFLCSDLS
AGISGEVVHVDGGFSIAAMNELELK
;
_entity_poly.pdbx_strand_id   A,B,C,D,E,F,G,H
#
loop_
_chem_comp.id
_chem_comp.type
_chem_comp.name
_chem_comp.formula
GLC D-saccharide, alpha linking alpha-D-glucopyranose 'C6 H12 O6'
NAD non-polymer NICOTINAMIDE-ADENINE-DINUCLEOTIDE 'C21 H27 N7 O14 P2'
TCL non-polymer TRICLOSAN 'C12 H7 Cl3 O2'
#
# COMPACT_ATOMS: atom_id res chain seq x y z
N GLY A 5 23.44 -18.24 -19.35
CA GLY A 5 22.62 -17.13 -19.94
C GLY A 5 23.49 -15.90 -20.09
N PHE A 6 23.00 -14.83 -20.73
CA PHE A 6 23.80 -13.65 -21.02
C PHE A 6 24.00 -12.70 -19.86
N LEU A 7 23.46 -12.99 -18.68
CA LEU A 7 23.74 -12.14 -17.50
C LEU A 7 24.56 -12.97 -16.49
N SER A 8 25.13 -14.09 -16.91
CA SER A 8 25.97 -14.87 -16.00
C SER A 8 27.11 -14.02 -15.44
N GLY A 9 27.32 -14.06 -14.13
CA GLY A 9 28.41 -13.24 -13.57
C GLY A 9 28.05 -11.82 -13.21
N LYS A 10 26.81 -11.40 -13.46
CA LYS A 10 26.41 -10.04 -13.09
C LYS A 10 25.64 -10.06 -11.77
N ARG A 11 25.65 -9.00 -10.98
CA ARG A 11 24.91 -8.84 -9.74
C ARG A 11 24.01 -7.59 -9.86
N ILE A 12 22.70 -7.77 -9.95
CA ILE A 12 21.74 -6.68 -10.17
C ILE A 12 20.71 -6.55 -9.02
N LEU A 13 20.49 -5.30 -8.54
CA LEU A 13 19.51 -4.96 -7.52
C LEU A 13 18.17 -4.61 -8.19
N VAL A 14 17.07 -5.20 -7.75
CA VAL A 14 15.73 -4.95 -8.32
C VAL A 14 14.78 -4.29 -7.34
N THR A 15 14.28 -3.09 -7.68
CA THR A 15 13.31 -2.37 -6.88
C THR A 15 11.89 -2.57 -7.43
N GLY A 16 10.85 -2.17 -6.68
CA GLY A 16 9.50 -2.20 -7.22
C GLY A 16 8.68 -3.45 -7.33
N VAL A 17 9.03 -4.61 -6.78
CA VAL A 17 8.08 -5.74 -6.84
C VAL A 17 6.95 -5.57 -5.85
N ALA A 18 5.72 -5.32 -6.29
CA ALA A 18 4.55 -5.18 -5.43
C ALA A 18 3.66 -6.41 -5.47
N SER A 19 3.54 -7.10 -6.59
CA SER A 19 2.76 -8.32 -6.71
C SER A 19 3.24 -9.10 -7.92
N LYS A 20 2.61 -10.23 -8.24
CA LYS A 20 3.03 -11.04 -9.39
C LYS A 20 2.74 -10.35 -10.73
N LEU A 21 1.90 -9.32 -10.74
CA LEU A 21 1.59 -8.61 -11.98
C LEU A 21 2.60 -7.50 -12.27
N SER A 22 3.38 -7.08 -11.29
CA SER A 22 4.34 -5.97 -11.41
C SER A 22 5.32 -6.08 -12.57
N ILE A 23 5.68 -4.95 -13.24
CA ILE A 23 6.72 -4.99 -14.26
C ILE A 23 8.04 -5.50 -13.66
N ALA A 24 8.38 -5.12 -12.42
CA ALA A 24 9.64 -5.61 -11.85
C ALA A 24 9.65 -7.11 -11.57
N TYR A 25 8.49 -7.72 -11.36
CA TYR A 25 8.40 -9.19 -11.20
C TYR A 25 8.81 -9.87 -12.50
N GLY A 26 8.25 -9.41 -13.66
CA GLY A 26 8.63 -9.95 -14.96
C GLY A 26 10.13 -9.73 -15.21
N ILE A 27 10.68 -8.55 -14.85
CA ILE A 27 12.09 -8.26 -15.05
C ILE A 27 12.94 -9.23 -14.22
N ALA A 28 12.62 -9.44 -12.96
CA ALA A 28 13.33 -10.38 -12.08
C ALA A 28 13.32 -11.79 -12.66
N GLN A 29 12.15 -12.31 -13.05
CA GLN A 29 12.09 -13.65 -13.62
C GLN A 29 12.97 -13.80 -14.86
N ALA A 30 12.98 -12.79 -15.74
CA ALA A 30 13.83 -12.90 -16.92
C ALA A 30 15.32 -12.80 -16.55
N MET A 31 15.73 -11.93 -15.63
CA MET A 31 17.16 -11.88 -15.27
C MET A 31 17.62 -13.17 -14.58
N HIS A 32 16.76 -13.78 -13.78
CA HIS A 32 17.08 -15.07 -13.14
C HIS A 32 17.28 -16.14 -14.20
N ARG A 33 16.40 -16.24 -15.20
CA ARG A 33 16.53 -17.16 -16.31
C ARG A 33 17.84 -17.01 -17.05
N GLU A 34 18.40 -15.81 -17.19
CA GLU A 34 19.63 -15.57 -17.89
C GLU A 34 20.85 -15.56 -16.96
N GLY A 35 20.75 -16.13 -15.78
CA GLY A 35 21.88 -16.31 -14.89
C GLY A 35 22.37 -15.23 -13.95
N ALA A 36 21.66 -14.10 -13.82
CA ALA A 36 22.10 -13.11 -12.84
C ALA A 36 21.86 -13.58 -11.40
N GLU A 37 22.67 -13.02 -10.50
CA GLU A 37 22.43 -13.12 -9.06
C GLU A 37 21.62 -11.84 -8.70
N LEU A 38 20.56 -11.98 -7.92
CA LEU A 38 19.70 -10.82 -7.63
C LEU A 38 19.61 -10.46 -6.17
N ALA A 39 19.27 -9.20 -5.91
CA ALA A 39 18.97 -8.69 -4.57
C ALA A 39 17.70 -7.83 -4.70
N PHE A 40 16.85 -7.71 -3.70
CA PHE A 40 15.58 -6.96 -3.81
C PHE A 40 15.32 -5.90 -2.75
N THR A 41 14.53 -4.84 -3.05
CA THR A 41 14.12 -3.89 -2.01
C THR A 41 12.60 -3.94 -1.83
N TYR A 42 12.09 -3.50 -0.67
CA TYR A 42 10.65 -3.42 -0.42
C TYR A 42 10.36 -2.04 0.20
N GLN A 43 9.26 -1.39 -0.20
CA GLN A 43 8.97 -0.03 0.23
C GLN A 43 8.79 0.14 1.73
N ASN A 44 8.00 -0.74 2.34
CA ASN A 44 7.69 -0.65 3.76
C ASN A 44 7.27 -2.03 4.28
N ASP A 45 6.97 -2.11 5.60
CA ASP A 45 6.72 -3.42 6.20
C ASP A 45 5.46 -4.13 5.75
N LYS A 46 4.50 -3.46 5.11
CA LYS A 46 3.34 -4.18 4.56
C LYS A 46 3.71 -5.07 3.37
N LEU A 47 4.81 -4.84 2.67
CA LEU A 47 5.29 -5.64 1.56
C LEU A 47 6.37 -6.65 1.91
N LYS A 48 6.96 -6.55 3.10
CA LYS A 48 8.12 -7.38 3.43
C LYS A 48 7.93 -8.90 3.27
N GLY A 49 6.90 -9.48 3.89
CA GLY A 49 6.69 -10.92 3.80
C GLY A 49 6.66 -11.44 2.37
N ARG A 50 5.79 -10.88 1.53
CA ARG A 50 5.64 -11.33 0.16
C ARG A 50 6.90 -11.14 -0.68
N VAL A 51 7.64 -10.02 -0.49
CA VAL A 51 8.87 -9.88 -1.29
C VAL A 51 9.92 -10.90 -0.86
N GLU A 52 9.95 -11.24 0.45
CA GLU A 52 10.91 -12.23 0.92
C GLU A 52 10.60 -13.58 0.27
N GLU A 53 9.31 -13.92 0.14
CA GLU A 53 8.95 -15.19 -0.49
C GLU A 53 9.33 -15.25 -1.97
N PHE A 54 9.06 -14.16 -2.68
CA PHE A 54 9.38 -14.11 -4.12
C PHE A 54 10.88 -14.23 -4.34
N ALA A 55 11.70 -13.53 -3.55
CA ALA A 55 13.14 -13.62 -3.62
C ALA A 55 13.63 -15.05 -3.39
N ALA A 56 13.10 -15.71 -2.38
CA ALA A 56 13.47 -17.09 -2.05
C ALA A 56 13.22 -18.03 -3.22
N GLN A 57 12.10 -17.90 -3.91
CA GLN A 57 11.82 -18.68 -5.10
C GLN A 57 12.80 -18.44 -6.24
N LEU A 58 13.54 -17.34 -6.28
CA LEU A 58 14.53 -17.05 -7.31
C LEU A 58 15.94 -17.25 -6.77
N GLY A 59 16.07 -17.95 -5.63
CA GLY A 59 17.34 -18.23 -5.01
C GLY A 59 18.06 -17.12 -4.28
N SER A 60 17.36 -16.02 -3.92
CA SER A 60 18.00 -14.90 -3.26
C SER A 60 17.60 -14.76 -1.80
N ASP A 61 18.54 -14.36 -0.95
CA ASP A 61 18.12 -14.02 0.42
C ASP A 61 18.61 -12.61 0.77
N ILE A 62 18.79 -11.75 -0.24
CA ILE A 62 19.22 -10.37 0.00
C ILE A 62 17.95 -9.48 -0.20
N VAL A 63 17.25 -9.15 0.84
CA VAL A 63 15.97 -8.43 0.83
C VAL A 63 15.98 -7.29 1.85
N LEU A 64 16.04 -6.05 1.38
CA LEU A 64 16.21 -4.87 2.20
C LEU A 64 15.17 -3.76 2.02
N GLN A 65 14.78 -3.08 3.12
CA GLN A 65 13.80 -2.00 3.03
C GLN A 65 14.37 -0.74 2.42
N CYS A 66 13.57 -0.02 1.61
CA CYS A 66 14.01 1.26 1.05
C CYS A 66 12.78 2.07 0.60
N ASP A 67 12.61 3.22 1.24
CA ASP A 67 11.54 4.17 0.83
C ASP A 67 12.33 5.33 0.18
N VAL A 68 12.21 5.56 -1.14
CA VAL A 68 13.02 6.55 -1.84
C VAL A 68 12.56 7.99 -1.61
N ALA A 69 11.58 8.22 -0.75
CA ALA A 69 11.26 9.60 -0.33
C ALA A 69 12.33 10.13 0.63
N GLU A 70 13.13 9.22 1.26
CA GLU A 70 14.10 9.65 2.29
C GLU A 70 15.54 9.35 1.96
N ASP A 71 16.43 10.35 1.99
CA ASP A 71 17.84 10.13 1.71
C ASP A 71 18.46 9.14 2.71
N ALA A 72 18.04 9.22 3.97
CA ALA A 72 18.58 8.32 5.01
C ALA A 72 18.22 6.87 4.77
N SER A 73 17.02 6.62 4.23
CA SER A 73 16.61 5.24 3.91
C SER A 73 17.45 4.66 2.76
N ILE A 74 17.70 5.46 1.71
CA ILE A 74 18.53 5.03 0.58
C ILE A 74 19.96 4.75 1.04
N ASP A 75 20.53 5.62 1.88
CA ASP A 75 21.90 5.41 2.39
C ASP A 75 22.03 4.18 3.27
N THR A 76 21.08 3.98 4.16
CA THR A 76 21.12 2.78 5.03
C THR A 76 21.02 1.51 4.21
N MET A 77 20.12 1.48 3.21
CA MET A 77 19.99 0.32 2.32
C MET A 77 21.32 0.01 1.61
N PHE A 78 21.97 1.05 1.06
CA PHE A 78 23.24 0.75 0.34
C PHE A 78 24.37 0.30 1.27
N ALA A 79 24.40 0.75 2.51
CA ALA A 79 25.36 0.29 3.52
C ALA A 79 25.11 -1.17 3.88
N GLU A 80 23.88 -1.62 4.04
CA GLU A 80 23.54 -3.01 4.31
C GLU A 80 23.87 -3.88 3.09
N LEU A 81 23.57 -3.41 1.87
CA LEU A 81 23.89 -4.17 0.66
C LEU A 81 25.39 -4.40 0.58
N GLY A 82 26.17 -3.36 0.95
CA GLY A 82 27.62 -3.39 0.93
C GLY A 82 28.25 -4.51 1.76
N LYS A 83 27.57 -5.00 2.78
CA LYS A 83 28.06 -6.10 3.60
C LYS A 83 28.12 -7.42 2.84
N VAL A 84 27.28 -7.64 1.82
CA VAL A 84 27.31 -8.86 1.03
C VAL A 84 27.80 -8.57 -0.38
N TRP A 85 27.55 -7.40 -0.93
CA TRP A 85 27.96 -7.02 -2.28
C TRP A 85 28.73 -5.70 -2.25
N PRO A 86 30.01 -5.71 -1.90
CA PRO A 86 30.86 -4.54 -1.85
C PRO A 86 30.91 -3.80 -3.20
N LYS A 87 30.92 -4.54 -4.29
CA LYS A 87 30.81 -4.09 -5.64
C LYS A 87 29.64 -4.84 -6.33
N PHE A 88 28.97 -4.17 -7.28
CA PHE A 88 27.89 -4.88 -8.00
C PHE A 88 27.74 -4.22 -9.37
N ASP A 89 26.81 -4.68 -10.23
CA ASP A 89 26.79 -4.28 -11.62
C ASP A 89 25.61 -3.43 -12.14
N GLY A 90 24.83 -2.84 -11.24
CA GLY A 90 23.72 -1.98 -11.66
C GLY A 90 22.41 -2.23 -10.92
N PHE A 91 21.37 -1.47 -11.29
CA PHE A 91 20.08 -1.65 -10.61
C PHE A 91 18.92 -1.33 -11.57
N VAL A 92 17.75 -1.83 -11.24
CA VAL A 92 16.49 -1.56 -11.99
C VAL A 92 15.58 -0.69 -11.11
N HIS A 93 15.19 0.48 -11.57
CA HIS A 93 14.33 1.44 -10.86
C HIS A 93 12.92 1.30 -11.43
N SER A 94 11.99 0.68 -10.69
CA SER A 94 10.64 0.48 -11.23
C SER A 94 9.62 0.98 -10.21
N ILE A 95 9.62 2.30 -10.02
CA ILE A 95 8.98 3.05 -8.96
C ILE A 95 8.32 4.34 -9.47
N GLY A 96 7.07 4.53 -9.08
CA GLY A 96 6.34 5.79 -9.43
C GLY A 96 5.20 6.02 -8.45
N PHE A 97 4.82 7.31 -8.24
CA PHE A 97 3.74 7.71 -7.37
C PHE A 97 3.35 9.18 -7.62
N ALA A 98 2.06 9.44 -7.46
CA ALA A 98 1.43 10.75 -7.35
C ALA A 98 0.16 10.53 -6.53
N PRO A 99 -0.26 11.48 -5.70
CA PRO A 99 -1.52 11.40 -4.95
C PRO A 99 -2.68 11.12 -5.89
N GLY A 100 -3.65 10.28 -5.50
CA GLY A 100 -4.74 9.86 -6.37
C GLY A 100 -5.59 10.96 -7.00
N ASP A 101 -5.84 12.04 -6.30
CA ASP A 101 -6.58 13.21 -6.78
C ASP A 101 -5.95 13.85 -8.03
N GLN A 102 -4.65 13.63 -8.28
CA GLN A 102 -3.96 14.16 -9.44
C GLN A 102 -4.41 13.55 -10.76
N LEU A 103 -4.89 12.31 -10.78
CA LEU A 103 -5.17 11.52 -11.96
C LEU A 103 -6.64 11.41 -12.39
N ASP A 104 -7.44 12.38 -12.03
CA ASP A 104 -8.87 12.28 -12.38
C ASP A 104 -9.36 13.57 -13.02
N GLY A 105 -9.72 13.51 -14.30
CA GLY A 105 -10.33 14.65 -14.98
C GLY A 105 -9.37 15.71 -15.50
N ASP A 106 -9.91 16.89 -15.82
CA ASP A 106 -9.16 17.97 -16.48
C ASP A 106 -7.83 18.22 -15.76
N TYR A 107 -6.74 18.18 -16.51
CA TYR A 107 -5.40 18.39 -15.93
C TYR A 107 -5.22 19.69 -15.17
N VAL A 108 -5.62 20.84 -15.73
CA VAL A 108 -5.37 22.13 -15.08
C VAL A 108 -6.18 22.23 -13.77
N ASN A 109 -7.40 21.70 -13.71
CA ASN A 109 -8.17 21.68 -12.48
C ASN A 109 -7.57 20.76 -11.39
N ALA A 110 -7.00 19.61 -11.79
CA ALA A 110 -6.50 18.65 -10.79
C ALA A 110 -5.10 18.87 -10.23
N VAL A 111 -4.16 19.42 -10.99
CA VAL A 111 -2.79 19.64 -10.55
C VAL A 111 -2.69 20.69 -9.44
N THR A 112 -1.85 20.39 -8.44
CA THR A 112 -1.62 21.35 -7.33
C THR A 112 -0.11 21.44 -7.10
N ARG A 113 0.38 22.44 -6.38
CA ARG A 113 1.81 22.59 -6.20
C ARG A 113 2.38 21.39 -5.42
N GLU A 114 1.66 20.94 -4.37
CA GLU A 114 2.14 19.78 -3.60
C GLU A 114 2.06 18.50 -4.40
N GLY A 115 0.96 18.26 -5.14
CA GLY A 115 0.83 17.09 -5.98
C GLY A 115 1.95 16.93 -6.99
N PHE A 116 2.32 18.02 -7.66
CA PHE A 116 3.39 18.16 -8.63
C PHE A 116 4.73 17.86 -7.96
N LYS A 117 4.96 18.40 -6.77
CA LYS A 117 6.20 18.19 -6.03
C LYS A 117 6.41 16.71 -5.71
N ILE A 118 5.38 16.06 -5.20
CA ILE A 118 5.49 14.60 -4.87
C ILE A 118 5.71 13.75 -6.11
N ALA A 119 4.96 14.00 -7.20
CA ALA A 119 5.08 13.26 -8.45
C ALA A 119 6.51 13.27 -8.97
N HIS A 120 7.12 14.47 -9.02
CA HIS A 120 8.46 14.58 -9.59
C HIS A 120 9.49 14.02 -8.60
N ASP A 121 9.33 14.24 -7.30
CA ASP A 121 10.30 13.71 -6.31
C ASP A 121 10.39 12.18 -6.34
N ILE A 122 9.22 11.51 -6.27
CA ILE A 122 9.23 10.05 -6.22
C ILE A 122 9.43 9.40 -7.61
N SER A 123 8.90 9.98 -8.71
CA SER A 123 9.03 9.27 -9.99
C SER A 123 10.27 9.63 -10.80
N SER A 124 10.88 10.79 -10.50
CA SER A 124 12.06 11.22 -11.27
C SER A 124 13.29 11.46 -10.39
N TYR A 125 13.21 12.31 -9.34
CA TYR A 125 14.42 12.55 -8.54
C TYR A 125 15.01 11.25 -7.98
N SER A 126 14.18 10.33 -7.49
CA SER A 126 14.66 9.10 -6.87
C SER A 126 15.64 8.28 -7.70
N PHE A 127 15.55 8.31 -9.05
CA PHE A 127 16.47 7.55 -9.87
C PHE A 127 17.90 8.05 -9.71
N VAL A 128 18.10 9.36 -9.75
CA VAL A 128 19.44 9.93 -9.57
C VAL A 128 19.84 9.88 -8.08
N ALA A 129 18.92 9.95 -7.12
CA ALA A 129 19.30 9.80 -5.71
C ALA A 129 19.96 8.45 -5.43
N MET A 130 19.44 7.37 -6.04
CA MET A 130 20.00 6.03 -5.89
C MET A 130 21.39 5.96 -6.55
N ALA A 131 21.58 6.59 -7.72
CA ALA A 131 22.86 6.59 -8.42
C ALA A 131 23.94 7.33 -7.60
N LYS A 132 23.56 8.42 -6.93
CA LYS A 132 24.51 9.17 -6.13
C LYS A 132 24.99 8.29 -4.96
N ALA A 133 24.03 7.62 -4.32
CA ALA A 133 24.41 6.85 -3.12
C ALA A 133 25.19 5.59 -3.40
N CYS A 134 25.19 4.98 -4.58
CA CYS A 134 25.95 3.74 -4.84
C CYS A 134 27.03 3.91 -5.89
N ARG A 135 27.36 5.12 -6.32
CA ARG A 135 28.26 5.40 -7.43
C ARG A 135 29.62 4.73 -7.26
N SER A 136 30.16 4.76 -6.05
CA SER A 136 31.49 4.13 -5.83
C SER A 136 31.41 2.62 -5.72
N MET A 137 30.25 1.97 -5.66
CA MET A 137 30.11 0.53 -5.58
C MET A 137 29.96 -0.12 -6.98
N LEU A 138 29.82 0.68 -8.03
CA LEU A 138 29.56 0.07 -9.35
C LEU A 138 30.82 -0.37 -10.10
N ASN A 139 30.86 -1.59 -10.58
CA ASN A 139 31.99 -2.08 -11.40
C ASN A 139 31.92 -1.49 -12.81
N PRO A 140 33.07 -1.38 -13.46
CA PRO A 140 33.15 -0.98 -14.87
C PRO A 140 32.20 -1.92 -15.62
N GLY A 141 31.43 -1.41 -16.58
CA GLY A 141 30.50 -2.23 -17.33
C GLY A 141 29.10 -2.30 -16.76
N SER A 142 28.85 -1.58 -15.65
CA SER A 142 27.56 -1.58 -14.99
C SER A 142 26.48 -0.93 -15.91
N ALA A 143 25.23 -1.21 -15.57
CA ALA A 143 24.11 -0.61 -16.31
C ALA A 143 22.93 -0.27 -15.38
N LEU A 144 22.30 0.89 -15.56
CA LEU A 144 21.17 1.37 -14.76
C LEU A 144 19.94 1.48 -15.70
N LEU A 145 18.75 1.16 -15.17
CA LEU A 145 17.55 1.17 -16.04
C LEU A 145 16.34 1.69 -15.29
N THR A 146 15.50 2.49 -15.94
CA THR A 146 14.26 2.97 -15.34
C THR A 146 13.11 2.66 -16.34
N LEU A 147 11.86 2.89 -15.93
CA LEU A 147 10.65 2.67 -16.72
C LEU A 147 9.84 3.96 -16.94
N SER A 148 9.62 4.28 -18.22
CA SER A 148 8.86 5.47 -18.61
C SER A 148 7.59 5.10 -19.38
N TYR A 149 6.78 6.05 -19.84
CA TYR A 149 5.47 5.86 -20.51
C TYR A 149 5.30 6.99 -21.54
N LEU A 150 4.59 6.77 -22.65
CA LEU A 150 4.34 7.74 -23.71
C LEU A 150 3.72 9.05 -23.25
N GLY A 151 3.16 9.14 -22.05
CA GLY A 151 2.64 10.35 -21.41
C GLY A 151 3.76 11.40 -21.32
N ALA A 152 5.02 10.98 -21.24
CA ALA A 152 6.12 11.95 -21.30
C ALA A 152 6.14 12.74 -22.61
N GLU A 153 5.81 12.09 -23.72
CA GLU A 153 5.89 12.67 -25.04
C GLU A 153 4.60 13.33 -25.55
N ARG A 154 3.44 12.82 -25.16
CA ARG A 154 2.15 13.32 -25.64
C ARG A 154 1.21 13.60 -24.48
N ALA A 155 0.22 14.49 -24.66
CA ALA A 155 -0.79 14.75 -23.63
C ALA A 155 -1.86 13.67 -23.66
N ILE A 156 -2.03 12.90 -22.58
CA ILE A 156 -3.02 11.80 -22.51
C ILE A 156 -3.97 12.11 -21.37
N PRO A 157 -5.29 11.99 -21.58
CA PRO A 157 -6.31 12.24 -20.59
C PRO A 157 -6.02 11.42 -19.33
N ASN A 158 -6.24 12.02 -18.17
CA ASN A 158 -6.15 11.49 -16.82
C ASN A 158 -4.73 11.23 -16.32
N TYR A 159 -3.79 10.86 -17.17
CA TYR A 159 -2.38 10.64 -16.69
C TYR A 159 -1.82 11.90 -16.09
N ASN A 160 -2.25 13.08 -16.58
CA ASN A 160 -2.00 14.38 -16.02
C ASN A 160 -0.57 14.64 -15.53
N VAL A 161 -0.35 15.04 -14.26
CA VAL A 161 1.01 15.44 -13.83
C VAL A 161 2.03 14.30 -13.91
N MET A 162 1.61 13.03 -13.92
CA MET A 162 2.59 11.95 -14.17
C MET A 162 3.29 12.14 -15.51
N GLY A 163 2.63 12.69 -16.56
CA GLY A 163 3.29 12.88 -17.86
C GLY A 163 4.48 13.88 -17.69
N LEU A 164 4.31 14.95 -16.93
CA LEU A 164 5.40 15.90 -16.65
C LEU A 164 6.54 15.23 -15.86
N ALA A 165 6.21 14.36 -14.89
CA ALA A 165 7.23 13.66 -14.10
C ALA A 165 8.04 12.69 -14.97
N LYS A 166 7.39 12.01 -15.93
CA LYS A 166 8.09 11.11 -16.84
C LYS A 166 8.95 11.89 -17.84
N ALA A 167 8.54 13.10 -18.27
CA ALA A 167 9.41 13.89 -19.15
C ALA A 167 10.69 14.27 -18.38
N SER A 168 10.56 14.65 -17.12
CA SER A 168 11.72 14.92 -16.25
C SER A 168 12.60 13.66 -16.11
N LEU A 169 11.98 12.50 -15.91
CA LEU A 169 12.75 11.26 -15.81
C LEU A 169 13.55 10.94 -17.06
N GLU A 170 12.98 11.01 -18.29
CA GLU A 170 13.67 10.79 -19.55
C GLU A 170 14.84 11.76 -19.70
N ALA A 171 14.70 13.03 -19.38
CA ALA A 171 15.84 13.97 -19.35
C ALA A 171 16.85 13.46 -18.30
N ASN A 172 16.40 12.97 -17.16
CA ASN A 172 17.34 12.44 -16.13
C ASN A 172 18.18 11.32 -16.71
N VAL A 173 17.61 10.40 -17.50
CA VAL A 173 18.33 9.34 -18.19
C VAL A 173 19.43 9.94 -19.05
N ARG A 174 19.17 11.01 -19.84
CA ARG A 174 20.23 11.59 -20.69
C ARG A 174 21.35 12.22 -19.85
N TYR A 175 21.01 13.00 -18.83
CA TYR A 175 22.04 13.68 -18.01
C TYR A 175 22.86 12.67 -17.20
N MET A 176 22.23 11.61 -16.72
CA MET A 176 22.94 10.54 -16.02
C MET A 176 23.90 9.80 -16.95
N ALA A 177 23.47 9.42 -18.15
CA ALA A 177 24.32 8.74 -19.12
C ALA A 177 25.53 9.59 -19.48
N ASN A 178 25.32 10.89 -19.70
CA ASN A 178 26.42 11.78 -20.06
C ASN A 178 27.41 11.96 -18.92
N ALA A 179 26.92 12.05 -17.67
CA ALA A 179 27.87 12.20 -16.55
C ALA A 179 28.60 10.91 -16.19
N MET A 180 27.96 9.75 -16.27
CA MET A 180 28.56 8.50 -15.75
C MET A 180 29.24 7.64 -16.81
N GLY A 181 29.07 7.95 -18.11
CA GLY A 181 29.66 7.21 -19.19
C GLY A 181 31.19 7.05 -19.09
N PRO A 182 31.88 8.15 -18.92
CA PRO A 182 33.36 8.15 -18.93
C PRO A 182 33.96 7.21 -17.90
N GLU A 183 33.30 6.93 -16.78
CA GLU A 183 33.74 5.99 -15.77
C GLU A 183 33.29 4.58 -16.01
N GLY A 184 32.51 4.29 -17.06
CA GLY A 184 32.14 2.93 -17.43
C GLY A 184 30.73 2.48 -17.10
N VAL A 185 29.77 3.41 -16.94
CA VAL A 185 28.41 3.05 -16.56
C VAL A 185 27.41 3.52 -17.64
N ARG A 186 26.50 2.60 -18.05
CA ARG A 186 25.47 3.01 -19.05
C ARG A 186 24.13 3.25 -18.36
N VAL A 187 23.27 4.12 -18.88
CA VAL A 187 21.96 4.45 -18.27
C VAL A 187 20.89 4.53 -19.36
N ASN A 188 19.83 3.72 -19.30
CA ASN A 188 18.76 3.79 -20.31
C ASN A 188 17.37 3.65 -19.69
N ALA A 189 16.32 3.74 -20.53
CA ALA A 189 14.95 3.51 -20.07
C ALA A 189 14.15 2.65 -21.06
N ILE A 190 13.13 1.96 -20.59
CA ILE A 190 12.12 1.34 -21.42
C ILE A 190 10.83 2.15 -21.32
N SER A 191 10.24 2.59 -22.44
CA SER A 191 8.95 3.26 -22.47
C SER A 191 7.96 2.11 -22.73
N ALA A 192 7.31 1.56 -21.70
CA ALA A 192 6.46 0.37 -21.90
C ALA A 192 5.04 0.72 -22.34
N GLY A 193 4.41 -0.19 -23.10
CA GLY A 193 2.96 0.00 -23.44
C GLY A 193 2.15 -0.31 -22.17
N PRO A 194 0.82 -0.04 -22.17
CA PRO A 194 -0.02 -0.26 -21.00
C PRO A 194 -0.15 -1.74 -20.62
N ILE A 195 -0.02 -2.00 -19.32
CA ILE A 195 -0.07 -3.29 -18.66
C ILE A 195 -0.88 -3.22 -17.36
N ARG A 196 -1.82 -4.15 -17.16
CA ARG A 196 -2.64 -4.15 -15.94
C ARG A 196 -1.80 -4.50 -14.70
N THR A 197 -1.53 -3.50 -13.87
CA THR A 197 -0.78 -3.65 -12.61
C THR A 197 -1.57 -2.98 -11.48
N LEU A 198 -1.15 -3.07 -10.21
CA LEU A 198 -1.82 -2.36 -9.13
C LEU A 198 -1.81 -0.84 -9.37
N ALA A 199 -0.65 -0.25 -9.71
CA ALA A 199 -0.62 1.21 -9.90
C ALA A 199 -1.47 1.63 -11.12
N ALA A 200 -1.48 0.86 -12.18
CA ALA A 200 -2.22 1.14 -13.41
C ALA A 200 -3.71 1.23 -13.05
N SER A 201 -4.15 0.41 -12.10
CA SER A 201 -5.56 0.44 -11.70
C SER A 201 -6.00 1.68 -10.97
N GLY A 202 -5.09 2.59 -10.58
CA GLY A 202 -5.42 3.83 -9.96
C GLY A 202 -5.74 4.91 -10.99
N ILE A 203 -5.44 4.70 -12.28
CA ILE A 203 -5.72 5.70 -13.29
C ILE A 203 -7.18 5.58 -13.75
N LYS A 204 -7.89 6.71 -13.75
CA LYS A 204 -9.30 6.67 -14.19
C LYS A 204 -9.43 6.14 -15.60
N ASP A 205 -10.33 5.18 -15.79
CA ASP A 205 -10.60 4.55 -17.08
C ASP A 205 -9.43 3.82 -17.71
N PHE A 206 -8.54 3.21 -16.89
CA PHE A 206 -7.44 2.43 -17.47
C PHE A 206 -7.93 1.31 -18.36
N ARG A 207 -9.07 0.69 -17.99
CA ARG A 207 -9.66 -0.39 -18.76
C ARG A 207 -9.85 -0.02 -20.23
N LYS A 208 -10.29 1.21 -20.48
CA LYS A 208 -10.44 1.74 -21.83
C LYS A 208 -9.13 2.02 -22.54
N MET A 209 -8.11 2.54 -21.85
CA MET A 209 -6.82 2.75 -22.51
C MET A 209 -6.32 1.40 -23.00
N LEU A 210 -6.33 0.36 -22.17
CA LEU A 210 -5.85 -0.97 -22.51
C LEU A 210 -6.54 -1.54 -23.74
N ALA A 211 -7.87 -1.48 -23.77
CA ALA A 211 -8.65 -2.00 -24.92
C ALA A 211 -8.36 -1.26 -26.23
N HIS A 212 -8.26 0.07 -26.18
CA HIS A 212 -7.93 0.89 -27.34
C HIS A 212 -6.55 0.56 -27.90
N CYS A 213 -5.53 0.49 -27.03
CA CYS A 213 -4.18 0.12 -27.51
C CYS A 213 -4.13 -1.25 -28.15
N GLU A 214 -4.86 -2.24 -27.63
CA GLU A 214 -4.91 -3.57 -28.17
C GLU A 214 -5.39 -3.57 -29.61
N ALA A 215 -6.43 -2.80 -29.89
CA ALA A 215 -7.00 -2.70 -31.22
C ALA A 215 -6.14 -1.94 -32.26
N VAL A 216 -5.40 -0.91 -31.86
CA VAL A 216 -4.65 -0.14 -32.84
C VAL A 216 -3.13 -0.31 -32.84
N THR A 217 -2.57 -1.10 -31.95
CA THR A 217 -1.14 -1.38 -31.93
C THR A 217 -0.80 -2.22 -33.16
N PRO A 218 0.31 -1.96 -33.87
CA PRO A 218 0.72 -2.72 -35.03
C PRO A 218 0.76 -4.22 -34.74
N ILE A 219 1.22 -4.70 -33.59
CA ILE A 219 1.27 -6.16 -33.35
C ILE A 219 -0.07 -6.71 -32.90
N ARG A 220 -1.08 -5.88 -32.76
CA ARG A 220 -2.45 -6.24 -32.42
C ARG A 220 -2.61 -7.06 -31.15
N ARG A 221 -1.85 -6.72 -30.10
CA ARG A 221 -1.98 -7.22 -28.75
C ARG A 221 -1.30 -6.20 -27.83
N THR A 222 -1.59 -6.28 -26.54
CA THR A 222 -0.90 -5.37 -25.61
C THR A 222 0.34 -6.14 -25.11
N VAL A 223 1.39 -5.43 -24.70
CA VAL A 223 2.62 -6.13 -24.26
C VAL A 223 2.53 -6.78 -22.88
N THR A 224 3.42 -7.72 -22.58
CA THR A 224 3.43 -8.41 -21.30
C THR A 224 4.65 -8.07 -20.44
N ILE A 225 4.64 -8.50 -19.18
CA ILE A 225 5.79 -8.31 -18.30
C ILE A 225 6.95 -9.18 -18.76
N GLU A 226 6.66 -10.26 -19.51
CA GLU A 226 7.69 -11.13 -20.07
C GLU A 226 8.36 -10.34 -21.24
N ASP A 227 7.57 -9.69 -22.10
CA ASP A 227 8.14 -8.86 -23.18
C ASP A 227 9.06 -7.78 -22.56
N VAL A 228 8.57 -7.07 -21.54
CA VAL A 228 9.34 -6.01 -20.89
C VAL A 228 10.56 -6.59 -20.17
N GLY A 229 10.39 -7.73 -19.52
CA GLY A 229 11.46 -8.39 -18.76
C GLY A 229 12.63 -8.78 -19.66
N ASN A 230 12.34 -9.36 -20.84
CA ASN A 230 13.35 -9.73 -21.83
C ASN A 230 14.14 -8.54 -22.37
N SER A 231 13.46 -7.43 -22.69
CA SER A 231 14.13 -6.22 -23.13
C SER A 231 14.99 -5.59 -22.01
N ALA A 232 14.52 -5.68 -20.78
CA ALA A 232 15.24 -5.13 -19.60
C ALA A 232 16.52 -5.98 -19.38
N ALA A 233 16.40 -7.31 -19.48
CA ALA A 233 17.60 -8.15 -19.33
C ALA A 233 18.66 -7.81 -20.37
N PHE A 234 18.30 -7.68 -21.64
CA PHE A 234 19.24 -7.28 -22.69
C PHE A 234 19.87 -5.93 -22.35
N LEU A 235 19.09 -4.90 -21.96
CA LEU A 235 19.64 -3.56 -21.70
C LEU A 235 20.57 -3.46 -20.48
N CYS A 236 20.52 -4.42 -19.55
CA CYS A 236 21.44 -4.44 -18.42
C CYS A 236 22.60 -5.43 -18.62
N SER A 237 22.71 -6.04 -19.83
CA SER A 237 23.76 -7.01 -20.12
C SER A 237 24.82 -6.39 -21.03
N ASP A 238 25.97 -7.07 -21.20
CA ASP A 238 27.03 -6.58 -22.07
C ASP A 238 26.69 -6.70 -23.56
N LEU A 239 25.60 -7.35 -23.92
CA LEU A 239 25.05 -7.46 -25.27
C LEU A 239 24.64 -6.07 -25.75
N SER A 240 24.23 -5.19 -24.83
CA SER A 240 23.86 -3.82 -25.23
C SER A 240 24.89 -2.75 -24.93
N ALA A 241 26.21 -3.11 -24.97
CA ALA A 241 27.30 -2.21 -24.74
C ALA A 241 27.36 -0.98 -25.62
N GLY A 242 26.75 -0.98 -26.81
CA GLY A 242 26.75 0.19 -27.67
C GLY A 242 25.55 1.09 -27.45
N ILE A 243 24.67 0.85 -26.49
CA ILE A 243 23.50 1.65 -26.22
C ILE A 243 23.52 2.40 -24.87
N SER A 244 23.48 3.72 -24.90
CA SER A 244 23.37 4.51 -23.65
C SER A 244 22.61 5.82 -23.84
N GLY A 245 21.88 6.27 -22.84
CA GLY A 245 21.05 7.45 -22.85
C GLY A 245 19.73 7.27 -23.69
N GLU A 246 19.38 6.04 -24.04
CA GLU A 246 18.24 5.82 -24.93
C GLU A 246 16.91 5.51 -24.24
N VAL A 247 15.80 5.96 -24.82
CA VAL A 247 14.45 5.58 -24.34
C VAL A 247 13.89 4.57 -25.36
N VAL A 248 13.92 3.27 -25.04
CA VAL A 248 13.51 2.22 -25.99
C VAL A 248 12.01 1.96 -25.85
N HIS A 249 11.27 2.15 -26.97
CA HIS A 249 9.81 1.88 -26.86
C HIS A 249 9.50 0.38 -26.96
N VAL A 250 8.87 -0.17 -25.93
CA VAL A 250 8.42 -1.55 -25.83
C VAL A 250 6.91 -1.57 -25.66
N ASP A 251 6.24 -1.05 -26.71
CA ASP A 251 4.80 -0.92 -26.74
C ASP A 251 4.17 -1.54 -28.00
N GLY A 252 4.83 -2.42 -28.74
CA GLY A 252 4.29 -3.08 -29.92
C GLY A 252 4.15 -2.16 -31.14
N GLY A 253 4.80 -0.99 -31.15
CA GLY A 253 4.69 0.02 -32.19
C GLY A 253 3.58 1.07 -32.01
N PHE A 254 2.83 1.09 -30.91
CA PHE A 254 1.70 2.01 -30.72
C PHE A 254 2.04 3.46 -31.02
N SER A 255 3.16 3.99 -30.51
CA SER A 255 3.54 5.37 -30.69
C SER A 255 3.90 5.77 -32.12
N ILE A 256 4.27 4.85 -33.02
CA ILE A 256 4.69 5.24 -34.36
C ILE A 256 3.59 5.18 -35.43
N ALA A 257 2.34 4.98 -35.01
CA ALA A 257 1.20 4.96 -35.93
C ALA A 257 0.13 5.98 -35.56
N ALA A 258 -0.79 6.27 -36.49
CA ALA A 258 -1.87 7.22 -36.24
C ALA A 258 -3.06 6.92 -37.17
N MET A 259 -4.25 6.98 -36.59
CA MET A 259 -5.50 6.80 -37.30
C MET A 259 -5.74 5.38 -37.79
N ASN A 260 -5.20 4.37 -37.10
CA ASN A 260 -5.42 2.99 -37.52
C ASN A 260 -6.89 2.64 -37.27
N GLU A 261 -7.47 1.67 -37.94
CA GLU A 261 -8.86 1.31 -37.69
C GLU A 261 -9.78 2.53 -37.68
N LEU A 262 -9.73 3.38 -38.70
CA LEU A 262 -10.55 4.58 -38.71
C LEU A 262 -11.54 4.59 -39.87
N GLY B 5 -1.13 47.42 -35.82
CA GLY B 5 -0.33 46.19 -36.01
C GLY B 5 -1.17 44.94 -35.78
N PHE B 6 -0.52 43.75 -35.91
CA PHE B 6 -1.27 42.49 -35.77
C PHE B 6 -1.68 42.08 -34.37
N LEU B 7 -1.36 42.79 -33.32
CA LEU B 7 -1.78 42.60 -31.95
C LEU B 7 -2.77 43.70 -31.52
N SER B 8 -3.25 44.55 -32.44
CA SER B 8 -4.22 45.58 -32.06
C SER B 8 -5.49 44.97 -31.49
N GLY B 9 -5.95 45.44 -30.34
CA GLY B 9 -7.17 44.91 -29.73
C GLY B 9 -6.87 43.81 -28.69
N LYS B 10 -5.59 43.48 -28.48
CA LYS B 10 -5.27 42.44 -27.49
C LYS B 10 -4.65 43.06 -26.25
N ARG B 11 -4.90 42.49 -25.07
CA ARG B 11 -4.34 42.84 -23.78
C ARG B 11 -3.49 41.67 -23.26
N ILE B 12 -2.18 41.85 -23.16
CA ILE B 12 -1.27 40.76 -22.77
C ILE B 12 -0.46 41.12 -21.51
N LEU B 13 -0.32 40.24 -20.53
CA LEU B 13 0.50 40.39 -19.35
C LEU B 13 1.90 39.81 -19.56
N VAL B 14 2.96 40.55 -19.23
CA VAL B 14 4.33 40.11 -19.42
C VAL B 14 5.05 39.98 -18.08
N THR B 15 5.54 38.79 -17.74
CA THR B 15 6.34 38.60 -16.56
C THR B 15 7.81 38.61 -16.93
N GLY B 16 8.70 38.60 -15.96
CA GLY B 16 10.13 38.48 -16.14
C GLY B 16 11.01 39.60 -16.67
N VAL B 17 10.58 40.86 -16.66
CA VAL B 17 11.51 41.91 -17.14
C VAL B 17 12.46 42.23 -15.98
N ALA B 18 13.75 41.97 -16.17
CA ALA B 18 14.74 42.30 -15.12
C ALA B 18 15.58 43.51 -15.53
N SER B 19 15.94 43.56 -16.81
CA SER B 19 16.78 44.65 -17.33
C SER B 19 16.53 44.83 -18.81
N LYS B 20 17.26 45.73 -19.48
CA LYS B 20 17.12 45.88 -20.93
C LYS B 20 17.64 44.70 -21.76
N LEU B 21 18.38 43.75 -21.19
CA LEU B 21 18.89 42.59 -21.92
C LEU B 21 17.92 41.41 -21.82
N SER B 22 16.97 41.46 -20.91
CA SER B 22 16.02 40.38 -20.67
C SER B 22 15.32 39.97 -21.99
N ILE B 23 15.06 38.67 -22.13
CA ILE B 23 14.21 38.20 -23.25
C ILE B 23 12.84 38.82 -23.15
N ALA B 24 12.29 38.98 -21.94
CA ALA B 24 10.94 39.54 -21.80
C ALA B 24 10.86 41.00 -22.25
N TYR B 25 11.96 41.73 -22.15
CA TYR B 25 12.00 43.13 -22.62
C TYR B 25 11.90 43.21 -24.14
N GLY B 26 12.60 42.33 -24.84
CA GLY B 26 12.53 42.21 -26.31
C GLY B 26 11.11 41.78 -26.73
N ILE B 27 10.49 40.86 -25.95
CA ILE B 27 9.11 40.49 -26.23
C ILE B 27 8.17 41.68 -26.03
N ALA B 28 8.27 42.40 -24.92
CA ALA B 28 7.39 43.56 -24.70
C ALA B 28 7.51 44.62 -25.79
N GLN B 29 8.74 44.94 -26.20
CA GLN B 29 8.98 45.91 -27.26
C GLN B 29 8.32 45.50 -28.56
N ALA B 30 8.46 44.21 -28.93
CA ALA B 30 7.84 43.74 -30.18
C ALA B 30 6.32 43.78 -30.12
N MET B 31 5.73 43.43 -28.96
CA MET B 31 4.26 43.48 -28.86
C MET B 31 3.75 44.93 -28.84
N HIS B 32 4.51 45.84 -28.22
CA HIS B 32 4.09 47.26 -28.23
C HIS B 32 4.09 47.77 -29.66
N ARG B 33 5.12 47.47 -30.45
CA ARG B 33 5.20 47.87 -31.83
C ARG B 33 4.04 47.32 -32.65
N GLU B 34 3.52 46.12 -32.30
CA GLU B 34 2.38 45.59 -33.04
C GLU B 34 1.03 45.93 -32.45
N GLY B 35 0.90 46.92 -31.58
CA GLY B 35 -0.40 47.41 -31.14
C GLY B 35 -1.02 46.85 -29.89
N ALA B 36 -0.36 45.93 -29.18
CA ALA B 36 -0.93 45.39 -27.96
C ALA B 36 -0.97 46.43 -26.84
N GLU B 37 -1.92 46.27 -25.93
CA GLU B 37 -1.92 46.99 -24.64
C GLU B 37 -1.17 46.05 -23.66
N LEU B 38 -0.23 46.54 -22.87
CA LEU B 38 0.57 45.66 -22.01
C LEU B 38 0.39 45.91 -20.53
N ALA B 39 0.68 44.91 -19.69
CA ALA B 39 0.70 45.00 -18.24
C ALA B 39 1.92 44.18 -17.78
N PHE B 40 2.54 44.55 -16.67
CA PHE B 40 3.79 43.95 -16.21
C PHE B 40 3.81 43.48 -14.75
N THR B 41 4.61 42.46 -14.44
CA THR B 41 4.82 42.02 -13.08
C THR B 41 6.30 42.18 -12.71
N TYR B 42 6.65 42.24 -11.43
CA TYR B 42 8.02 42.31 -10.96
C TYR B 42 8.17 41.41 -9.73
N GLN B 43 9.30 40.70 -9.65
CA GLN B 43 9.54 39.75 -8.58
C GLN B 43 9.72 40.38 -7.21
N ASN B 44 10.60 41.38 -7.11
CA ASN B 44 10.78 42.03 -5.80
C ASN B 44 10.99 43.53 -5.93
N ASP B 45 10.93 44.24 -4.79
CA ASP B 45 11.09 45.69 -4.75
C ASP B 45 12.39 46.25 -5.29
N LYS B 46 13.45 45.47 -5.40
CA LYS B 46 14.71 45.90 -5.98
C LYS B 46 14.60 46.09 -7.48
N LEU B 47 13.56 45.54 -8.10
CA LEU B 47 13.29 45.68 -9.53
C LEU B 47 12.14 46.64 -9.79
N LYS B 48 11.34 46.97 -8.78
CA LYS B 48 10.19 47.85 -8.90
C LYS B 48 10.40 49.11 -9.73
N GLY B 49 11.42 49.90 -9.37
CA GLY B 49 11.69 51.17 -10.03
C GLY B 49 11.94 51.03 -11.52
N ARG B 50 12.85 50.14 -11.90
CA ARG B 50 13.20 49.88 -13.28
C ARG B 50 11.98 49.48 -14.10
N VAL B 51 11.22 48.50 -13.62
CA VAL B 51 10.05 48.00 -14.34
C VAL B 51 9.00 49.08 -14.51
N GLU B 52 8.78 49.93 -13.50
CA GLU B 52 7.83 51.02 -13.66
C GLU B 52 8.27 51.94 -14.79
N GLU B 53 9.56 52.20 -14.87
CA GLU B 53 10.14 53.06 -15.90
C GLU B 53 10.10 52.39 -17.27
N PHE B 54 10.32 51.06 -17.31
CA PHE B 54 10.23 50.37 -18.59
C PHE B 54 8.79 50.38 -19.10
N ALA B 55 7.81 50.13 -18.23
CA ALA B 55 6.40 50.13 -18.63
C ALA B 55 5.92 51.48 -19.16
N ALA B 56 6.31 52.55 -18.44
CA ALA B 56 5.97 53.92 -18.85
C ALA B 56 6.42 54.26 -20.26
N GLN B 57 7.61 53.81 -20.66
CA GLN B 57 8.11 54.05 -22.01
C GLN B 57 7.22 53.36 -23.04
N LEU B 58 6.65 52.20 -22.72
CA LEU B 58 5.79 51.47 -23.62
C LEU B 58 4.32 51.79 -23.45
N GLY B 59 3.95 52.87 -22.79
CA GLY B 59 2.58 53.31 -22.62
C GLY B 59 1.78 52.67 -21.52
N SER B 60 2.38 51.92 -20.59
CA SER B 60 1.59 51.27 -19.55
C SER B 60 1.72 51.77 -18.13
N ASP B 61 0.61 51.73 -17.36
CA ASP B 61 0.72 52.05 -15.93
C ASP B 61 0.23 50.88 -15.07
N ILE B 62 0.25 49.67 -15.63
CA ILE B 62 -0.16 48.48 -14.90
C ILE B 62 1.07 47.67 -14.51
N VAL B 63 1.61 47.87 -13.32
CA VAL B 63 2.85 47.30 -12.82
C VAL B 63 2.60 46.69 -11.44
N LEU B 64 2.60 45.37 -11.33
CA LEU B 64 2.18 44.61 -10.15
C LEU B 64 3.19 43.60 -9.61
N GLN B 65 3.35 43.50 -8.29
CA GLN B 65 4.36 42.59 -7.72
C GLN B 65 3.85 41.15 -7.71
N CYS B 66 4.74 40.16 -8.00
CA CYS B 66 4.30 38.76 -7.97
C CYS B 66 5.48 37.81 -7.84
N ASP B 67 5.40 36.94 -6.85
CA ASP B 67 6.42 35.92 -6.60
C ASP B 67 5.77 34.55 -6.83
N VAL B 68 6.14 33.89 -7.95
CA VAL B 68 5.47 32.63 -8.29
C VAL B 68 5.82 31.43 -7.44
N ALA B 69 6.60 31.55 -6.39
CA ALA B 69 6.77 30.47 -5.41
C ALA B 69 5.56 30.37 -4.49
N GLU B 70 4.73 31.43 -4.42
CA GLU B 70 3.56 31.43 -3.54
C GLU B 70 2.21 31.51 -4.22
N ASP B 71 1.32 30.56 -3.90
CA ASP B 71 -0.03 30.60 -4.45
C ASP B 71 -0.78 31.90 -4.14
N ALA B 72 -0.63 32.42 -2.93
CA ALA B 72 -1.30 33.65 -2.51
C ALA B 72 -0.87 34.88 -3.27
N SER B 73 0.40 35.00 -3.60
CA SER B 73 0.94 36.13 -4.35
C SER B 73 0.38 36.14 -5.77
N ILE B 74 0.21 34.98 -6.41
CA ILE B 74 -0.39 34.89 -7.74
C ILE B 74 -1.85 35.32 -7.69
N ASP B 75 -2.59 34.79 -6.72
CA ASP B 75 -4.00 35.14 -6.58
C ASP B 75 -4.19 36.64 -6.33
N THR B 76 -3.40 37.22 -5.42
CA THR B 76 -3.52 38.66 -5.18
C THR B 76 -3.20 39.51 -6.38
N MET B 77 -2.21 39.16 -7.18
CA MET B 77 -1.81 39.90 -8.37
C MET B 77 -2.94 39.85 -9.40
N PHE B 78 -3.59 38.69 -9.57
CA PHE B 78 -4.66 38.63 -10.60
C PHE B 78 -5.91 39.36 -10.13
N ALA B 79 -6.19 39.39 -8.82
CA ALA B 79 -7.32 40.16 -8.28
C ALA B 79 -7.08 41.66 -8.50
N GLU B 80 -5.82 42.14 -8.35
CA GLU B 80 -5.52 43.54 -8.66
C GLU B 80 -5.61 43.85 -10.14
N LEU B 81 -5.15 42.93 -11.01
CA LEU B 81 -5.24 43.10 -12.45
C LEU B 81 -6.70 43.14 -12.88
N GLY B 82 -7.57 42.41 -12.19
CA GLY B 82 -8.99 42.40 -12.46
C GLY B 82 -9.73 43.74 -12.34
N LYS B 83 -9.22 44.71 -11.59
CA LYS B 83 -9.81 46.03 -11.49
C LYS B 83 -9.77 46.80 -12.80
N VAL B 84 -8.74 46.60 -13.65
CA VAL B 84 -8.64 47.30 -14.92
C VAL B 84 -8.83 46.34 -16.09
N TRP B 85 -8.47 45.05 -15.96
CA TRP B 85 -8.61 44.02 -16.97
C TRP B 85 -9.36 42.80 -16.42
N PRO B 86 -10.68 42.87 -16.27
CA PRO B 86 -11.51 41.78 -15.77
C PRO B 86 -11.49 40.63 -16.78
N LYS B 87 -11.27 40.94 -18.04
CA LYS B 87 -11.07 40.03 -19.14
C LYS B 87 -9.77 40.42 -19.87
N PHE B 88 -8.93 39.48 -20.28
CA PHE B 88 -7.73 39.78 -21.05
C PHE B 88 -7.41 38.58 -21.98
N ASP B 89 -6.33 38.70 -22.76
CA ASP B 89 -6.07 37.77 -23.84
C ASP B 89 -4.83 36.86 -23.69
N GLY B 90 -4.30 36.77 -22.48
CA GLY B 90 -3.15 35.80 -22.32
C GLY B 90 -1.94 36.39 -21.67
N PHE B 91 -0.86 35.60 -21.46
CA PHE B 91 0.31 36.13 -20.72
C PHE B 91 1.59 35.51 -21.25
N VAL B 92 2.73 36.10 -20.98
CA VAL B 92 4.05 35.61 -21.34
C VAL B 92 4.78 35.21 -20.06
N HIS B 93 5.20 33.96 -19.96
CA HIS B 93 5.88 33.42 -18.76
C HIS B 93 7.38 33.36 -19.09
N SER B 94 8.19 34.23 -18.53
CA SER B 94 9.62 34.29 -18.83
C SER B 94 10.43 34.25 -17.54
N ILE B 95 10.30 33.15 -16.81
CA ILE B 95 10.82 32.92 -15.46
C ILE B 95 11.49 31.56 -15.34
N GLY B 96 12.66 31.52 -14.70
CA GLY B 96 13.43 30.34 -14.44
C GLY B 96 14.38 30.53 -13.25
N PHE B 97 14.63 29.48 -12.49
CA PHE B 97 15.57 29.54 -11.38
C PHE B 97 16.03 28.14 -10.95
N ALA B 98 17.27 28.06 -10.48
CA ALA B 98 17.78 26.88 -9.76
C ALA B 98 18.86 27.42 -8.80
N PRO B 99 18.98 26.91 -7.60
CA PRO B 99 20.03 27.39 -6.67
C PRO B 99 21.40 27.31 -7.33
N GLY B 100 22.29 28.29 -7.07
CA GLY B 100 23.60 28.35 -7.69
C GLY B 100 24.47 27.11 -7.67
N ASP B 101 24.48 26.37 -6.56
CA ASP B 101 25.25 25.14 -6.46
C ASP B 101 24.85 24.06 -7.48
N GLN B 102 23.65 24.13 -8.05
CA GLN B 102 23.23 23.09 -9.01
C GLN B 102 23.90 23.15 -10.37
N LEU B 103 24.34 24.33 -10.82
CA LEU B 103 24.83 24.53 -12.18
C LEU B 103 26.32 24.54 -12.46
N ASP B 104 27.07 23.77 -11.67
CA ASP B 104 28.51 23.71 -11.95
C ASP B 104 29.08 22.34 -11.63
N GLY B 105 29.72 21.75 -12.63
CA GLY B 105 30.39 20.47 -12.54
C GLY B 105 29.48 19.29 -12.86
N ASP B 106 30.00 18.11 -12.61
CA ASP B 106 29.31 16.84 -12.82
C ASP B 106 27.89 16.87 -12.26
N TYR B 107 26.90 16.53 -13.13
CA TYR B 107 25.49 16.56 -12.74
C TYR B 107 25.14 15.68 -11.56
N VAL B 108 25.55 14.41 -11.56
CA VAL B 108 25.21 13.51 -10.45
C VAL B 108 25.81 13.97 -9.13
N ASN B 109 27.01 14.53 -9.11
CA ASN B 109 27.52 15.05 -7.84
C ASN B 109 26.83 16.34 -7.39
N ALA B 110 26.43 17.23 -8.33
CA ALA B 110 25.83 18.49 -7.95
C ALA B 110 24.35 18.48 -7.57
N VAL B 111 23.55 17.59 -8.16
CA VAL B 111 22.09 17.63 -7.89
C VAL B 111 21.78 17.19 -6.46
N THR B 112 20.77 17.82 -5.84
CA THR B 112 20.25 17.49 -4.53
C THR B 112 18.71 17.40 -4.55
N ARG B 113 18.10 16.78 -3.54
CA ARG B 113 16.64 16.72 -3.51
C ARG B 113 15.99 18.08 -3.44
N GLU B 114 16.51 18.98 -2.58
CA GLU B 114 15.94 20.33 -2.50
C GLU B 114 16.24 21.16 -3.77
N GLY B 115 17.41 21.05 -4.32
CA GLY B 115 17.86 21.71 -5.52
C GLY B 115 16.91 21.37 -6.71
N PHE B 116 16.65 20.07 -6.83
CA PHE B 116 15.69 19.53 -7.82
C PHE B 116 14.30 20.08 -7.57
N LYS B 117 13.80 20.03 -6.33
CA LYS B 117 12.46 20.51 -6.00
C LYS B 117 12.25 21.96 -6.42
N ILE B 118 13.20 22.83 -6.05
CA ILE B 118 13.06 24.27 -6.32
C ILE B 118 13.11 24.55 -7.81
N ALA B 119 14.06 23.95 -8.51
CA ALA B 119 14.18 24.15 -9.97
C ALA B 119 12.89 23.79 -10.70
N HIS B 120 12.30 22.64 -10.38
CA HIS B 120 11.02 22.27 -11.04
C HIS B 120 9.84 23.10 -10.57
N ASP B 121 9.78 23.54 -9.32
CA ASP B 121 8.67 24.35 -8.82
C ASP B 121 8.63 25.72 -9.50
N ILE B 122 9.75 26.44 -9.53
CA ILE B 122 9.81 27.78 -10.12
C ILE B 122 9.87 27.76 -11.65
N SER B 123 10.63 26.84 -12.27
CA SER B 123 10.73 26.88 -13.74
C SER B 123 9.61 26.14 -14.47
N SER B 124 8.87 25.23 -13.83
CA SER B 124 7.81 24.46 -14.52
C SER B 124 6.45 24.60 -13.88
N TYR B 125 6.26 24.25 -12.60
CA TYR B 125 4.95 24.37 -11.97
C TYR B 125 4.38 25.79 -12.02
N SER B 126 5.19 26.84 -11.88
CA SER B 126 4.64 28.20 -11.93
C SER B 126 3.88 28.52 -13.21
N PHE B 127 4.25 27.92 -14.36
CA PHE B 127 3.44 28.22 -15.57
C PHE B 127 1.99 27.81 -15.43
N VAL B 128 1.73 26.57 -14.97
CA VAL B 128 0.35 26.12 -14.83
C VAL B 128 -0.29 26.76 -13.59
N ALA B 129 0.49 27.13 -12.55
CA ALA B 129 -0.10 27.81 -11.40
C ALA B 129 -0.72 29.15 -11.85
N MET B 130 -0.07 29.85 -12.77
CA MET B 130 -0.63 31.14 -13.26
C MET B 130 -1.86 30.89 -14.11
N ALA B 131 -1.86 29.81 -14.93
CA ALA B 131 -3.04 29.46 -15.71
C ALA B 131 -4.24 29.16 -14.83
N LYS B 132 -4.09 28.37 -13.75
CA LYS B 132 -5.22 28.08 -12.84
C LYS B 132 -5.84 29.35 -12.27
N ALA B 133 -5.00 30.32 -11.92
CA ALA B 133 -5.43 31.57 -11.29
C ALA B 133 -6.12 32.59 -12.20
N CYS B 134 -5.98 32.47 -13.53
CA CYS B 134 -6.63 33.44 -14.42
C CYS B 134 -7.51 32.75 -15.46
N ARG B 135 -7.73 31.44 -15.36
CA ARG B 135 -8.48 30.72 -16.37
C ARG B 135 -9.83 31.34 -16.71
N SER B 136 -10.61 31.82 -15.72
CA SER B 136 -11.92 32.39 -16.03
C SER B 136 -11.86 33.87 -16.40
N MET B 137 -10.70 34.52 -16.44
CA MET B 137 -10.53 35.87 -16.95
C MET B 137 -10.08 35.87 -18.43
N LEU B 138 -9.76 34.72 -19.03
CA LEU B 138 -9.31 34.69 -20.43
C LEU B 138 -10.43 34.73 -21.46
N ASN B 139 -10.29 35.61 -22.48
CA ASN B 139 -11.27 35.67 -23.57
C ASN B 139 -11.02 34.52 -24.55
N PRO B 140 -12.04 34.17 -25.34
CA PRO B 140 -11.90 33.24 -26.44
C PRO B 140 -10.80 33.80 -27.36
N GLY B 141 -9.90 32.99 -27.92
CA GLY B 141 -8.83 33.48 -28.77
C GLY B 141 -7.52 33.81 -28.01
N SER B 142 -7.48 33.53 -26.70
CA SER B 142 -6.30 33.83 -25.90
C SER B 142 -5.13 32.89 -26.18
N ALA B 143 -3.93 33.31 -25.83
CA ALA B 143 -2.72 32.50 -26.05
C ALA B 143 -1.75 32.64 -24.87
N LEU B 144 -1.23 31.52 -24.35
CA LEU B 144 -0.17 31.55 -23.34
C LEU B 144 1.18 31.19 -23.95
N LEU B 145 2.30 31.77 -23.47
CA LEU B 145 3.62 31.42 -23.99
C LEU B 145 4.68 31.28 -22.90
N THR B 146 5.61 30.32 -23.01
CA THR B 146 6.72 30.17 -22.06
C THR B 146 8.01 30.02 -22.87
N LEU B 147 9.17 30.11 -22.24
CA LEU B 147 10.49 30.00 -22.81
C LEU B 147 11.27 28.76 -22.33
N SER B 148 11.83 27.96 -23.23
CA SER B 148 12.59 26.75 -22.95
C SER B 148 13.97 26.79 -23.60
N TYR B 149 14.73 25.72 -23.51
CA TYR B 149 16.10 25.65 -24.02
C TYR B 149 16.41 24.23 -24.43
N LEU B 150 17.36 24.04 -25.36
CA LEU B 150 17.77 22.75 -25.92
C LEU B 150 18.19 21.75 -24.86
N GLY B 151 18.63 22.27 -23.69
CA GLY B 151 18.95 21.42 -22.55
C GLY B 151 17.79 20.51 -22.12
N ALA B 152 16.54 20.79 -22.44
CA ALA B 152 15.43 19.87 -22.21
C ALA B 152 15.53 18.58 -23.05
N GLU B 153 16.04 18.67 -24.26
CA GLU B 153 16.13 17.60 -25.24
C GLU B 153 17.46 16.84 -25.30
N ARG B 154 18.57 17.45 -24.93
CA ARG B 154 19.91 16.91 -24.97
C ARG B 154 20.65 17.17 -23.64
N ALA B 155 21.56 16.29 -23.26
CA ALA B 155 22.40 16.52 -22.08
C ALA B 155 23.50 17.54 -22.45
N ILE B 156 23.53 18.68 -21.78
CA ILE B 156 24.49 19.77 -21.97
C ILE B 156 25.25 19.97 -20.65
N PRO B 157 26.58 20.00 -20.74
CA PRO B 157 27.44 20.25 -19.59
C PRO B 157 27.01 21.48 -18.79
N ASN B 158 26.97 21.38 -17.47
CA ASN B 158 26.67 22.40 -16.49
C ASN B 158 25.22 22.88 -16.40
N TYR B 159 24.42 22.68 -17.45
CA TYR B 159 22.99 23.02 -17.40
C TYR B 159 22.30 22.15 -16.35
N ASN B 160 22.74 20.90 -16.19
CA ASN B 160 22.33 19.97 -15.15
C ASN B 160 20.85 19.89 -14.83
N VAL B 161 20.41 20.10 -13.57
CA VAL B 161 19.00 19.96 -13.21
C VAL B 161 18.06 20.93 -13.93
N MET B 162 18.51 22.09 -14.44
CA MET B 162 17.65 22.96 -15.23
C MET B 162 17.17 22.20 -16.49
N GLY B 163 17.94 21.28 -17.06
CA GLY B 163 17.51 20.53 -18.25
C GLY B 163 16.28 19.68 -17.91
N LEU B 164 16.32 18.98 -16.77
CA LEU B 164 15.17 18.19 -16.33
C LEU B 164 13.95 19.10 -16.13
N ALA B 165 14.14 20.29 -15.53
CA ALA B 165 13.01 21.18 -15.29
C ALA B 165 12.41 21.73 -16.60
N LYS B 166 13.26 21.99 -17.61
CA LYS B 166 12.73 22.46 -18.90
C LYS B 166 11.98 21.32 -19.60
N ALA B 167 12.43 20.07 -19.45
CA ALA B 167 11.74 18.92 -20.03
C ALA B 167 10.33 18.83 -19.47
N SER B 168 10.18 19.06 -18.16
CA SER B 168 8.95 19.11 -17.44
C SER B 168 8.08 20.28 -17.93
N LEU B 169 8.69 21.43 -18.18
CA LEU B 169 7.96 22.59 -18.73
C LEU B 169 7.40 22.29 -20.12
N GLU B 170 8.15 21.67 -21.02
CA GLU B 170 7.70 21.37 -22.39
C GLU B 170 6.55 20.36 -22.34
N ALA B 171 6.57 19.42 -21.39
CA ALA B 171 5.41 18.50 -21.26
C ALA B 171 4.21 19.32 -20.75
N ASN B 172 4.46 20.25 -19.84
CA ASN B 172 3.44 21.12 -19.28
C ASN B 172 2.71 21.87 -20.39
N VAL B 173 3.46 22.34 -21.39
CA VAL B 173 2.88 23.04 -22.55
C VAL B 173 1.88 22.14 -23.28
N ARG B 174 2.24 20.85 -23.45
CA ARG B 174 1.32 19.92 -24.16
C ARG B 174 0.05 19.66 -23.35
N TYR B 175 0.18 19.34 -22.05
CA TYR B 175 -0.95 19.01 -21.19
C TYR B 175 -1.88 20.22 -21.03
N MET B 176 -1.33 21.43 -20.94
CA MET B 176 -2.14 22.65 -20.84
C MET B 176 -2.86 22.93 -22.17
N ALA B 177 -2.19 22.78 -23.33
CA ALA B 177 -2.88 22.99 -24.62
C ALA B 177 -4.03 22.01 -24.81
N ASN B 178 -3.86 20.74 -24.38
CA ASN B 178 -4.89 19.72 -24.51
C ASN B 178 -6.06 20.05 -23.57
N ALA B 179 -5.79 20.48 -22.34
CA ALA B 179 -6.90 20.78 -21.40
C ALA B 179 -7.64 22.09 -21.74
N MET B 180 -6.95 23.12 -22.16
CA MET B 180 -7.55 24.45 -22.35
C MET B 180 -8.01 24.79 -23.76
N GLY B 181 -7.66 23.98 -24.74
CA GLY B 181 -8.07 24.16 -26.14
C GLY B 181 -9.56 24.26 -26.38
N PRO B 182 -10.33 23.29 -25.94
CA PRO B 182 -11.78 23.24 -26.07
C PRO B 182 -12.47 24.53 -25.61
N GLU B 183 -12.00 25.29 -24.61
CA GLU B 183 -12.62 26.58 -24.25
C GLU B 183 -12.03 27.74 -25.00
N GLY B 184 -11.17 27.56 -26.00
CA GLY B 184 -10.60 28.67 -26.77
C GLY B 184 -9.22 29.20 -26.39
N VAL B 185 -8.37 28.43 -25.74
CA VAL B 185 -7.03 28.94 -25.38
C VAL B 185 -5.94 28.16 -26.08
N ARG B 186 -4.90 28.79 -26.62
CA ARG B 186 -3.75 28.07 -27.19
C ARG B 186 -2.58 28.18 -26.24
N VAL B 187 -1.67 27.18 -26.15
CA VAL B 187 -0.49 27.26 -25.26
C VAL B 187 0.75 26.76 -25.99
N ASN B 188 1.86 27.54 -26.06
CA ASN B 188 3.05 27.16 -26.80
C ASN B 188 4.34 27.59 -26.09
N ALA B 189 5.48 27.15 -26.62
CA ALA B 189 6.78 27.61 -26.10
C ALA B 189 7.71 28.04 -27.25
N ILE B 190 8.75 28.81 -26.90
CA ILE B 190 9.85 29.09 -27.80
C ILE B 190 11.12 28.48 -27.16
N SER B 191 11.89 27.68 -27.85
CA SER B 191 13.19 27.13 -27.40
C SER B 191 14.26 28.06 -28.00
N ALA B 192 14.72 29.02 -27.19
CA ALA B 192 15.63 30.05 -27.74
C ALA B 192 17.09 29.59 -27.72
N GLY B 193 17.88 30.12 -28.67
CA GLY B 193 19.32 29.82 -28.63
C GLY B 193 19.88 30.70 -27.49
N PRO B 194 21.15 30.53 -27.16
CA PRO B 194 21.84 31.26 -26.10
C PRO B 194 21.94 32.75 -26.38
N ILE B 195 21.61 33.56 -25.37
CA ILE B 195 21.58 35.03 -25.44
C ILE B 195 22.17 35.56 -24.13
N ARG B 196 23.02 36.57 -24.18
CA ARG B 196 23.62 37.13 -22.95
C ARG B 196 22.67 37.95 -22.10
N THR B 197 22.17 37.41 -20.99
CA THR B 197 21.26 38.02 -20.06
C THR B 197 21.81 37.95 -18.63
N LEU B 198 21.13 38.55 -17.65
CA LEU B 198 21.56 38.49 -16.25
C LEU B 198 21.64 37.06 -15.73
N ALA B 199 20.55 36.30 -15.98
CA ALA B 199 20.51 34.90 -15.54
C ALA B 199 21.57 34.03 -16.19
N ALA B 200 21.93 34.30 -17.44
CA ALA B 200 22.90 33.57 -18.23
C ALA B 200 24.28 33.51 -17.58
N SER B 201 24.63 34.57 -16.85
CA SER B 201 25.89 34.67 -16.13
C SER B 201 26.03 33.62 -15.05
N GLY B 202 24.95 32.99 -14.61
CA GLY B 202 24.96 31.91 -13.65
C GLY B 202 25.34 30.55 -14.23
N ILE B 203 25.45 30.40 -15.56
CA ILE B 203 25.84 29.11 -16.12
C ILE B 203 27.38 29.11 -16.34
N LYS B 204 27.97 28.09 -15.72
CA LYS B 204 29.41 27.88 -15.80
C LYS B 204 29.85 27.83 -17.25
N ASP B 205 30.71 28.76 -17.65
CA ASP B 205 31.26 28.79 -19.00
C ASP B 205 30.24 29.10 -20.08
N PHE B 206 29.28 29.97 -19.75
CA PHE B 206 28.27 30.41 -20.70
C PHE B 206 28.89 31.10 -21.91
N ARG B 207 29.97 31.84 -21.74
CA ARG B 207 30.65 32.52 -22.83
C ARG B 207 31.20 31.58 -23.90
N LYS B 208 31.52 30.34 -23.54
CA LYS B 208 31.99 29.33 -24.47
C LYS B 208 30.83 28.76 -25.29
N MET B 209 29.66 28.62 -24.65
CA MET B 209 28.48 28.14 -25.35
C MET B 209 28.14 29.15 -26.46
N LEU B 210 28.12 30.42 -26.08
CA LEU B 210 27.83 31.51 -26.98
C LEU B 210 28.72 31.49 -28.21
N ALA B 211 30.03 31.50 -28.01
CA ALA B 211 30.96 31.51 -29.16
C ALA B 211 30.88 30.24 -30.01
N HIS B 212 30.63 29.10 -29.41
CA HIS B 212 30.55 27.84 -30.17
C HIS B 212 29.33 27.87 -31.08
N CYS B 213 28.18 28.24 -30.51
CA CYS B 213 26.93 28.30 -31.27
C CYS B 213 27.04 29.26 -32.45
N GLU B 214 27.65 30.41 -32.24
CA GLU B 214 27.87 31.42 -33.28
C GLU B 214 28.60 30.87 -34.50
N ALA B 215 29.59 30.00 -34.31
CA ALA B 215 30.34 29.42 -35.41
C ALA B 215 29.67 28.27 -36.15
N VAL B 216 28.89 27.42 -35.48
CA VAL B 216 28.29 26.27 -36.16
C VAL B 216 26.80 26.37 -36.48
N THR B 217 26.11 27.40 -36.01
CA THR B 217 24.68 27.60 -36.37
C THR B 217 24.51 27.90 -37.83
N PRO B 218 23.55 27.30 -38.53
CA PRO B 218 23.29 27.54 -39.93
C PRO B 218 23.26 29.00 -40.33
N ILE B 219 22.60 29.90 -39.60
CA ILE B 219 22.62 31.31 -39.99
C ILE B 219 23.89 32.08 -39.64
N ARG B 220 24.86 31.45 -38.99
CA ARG B 220 26.15 32.00 -38.63
C ARG B 220 26.17 33.23 -37.73
N ARG B 221 25.25 33.34 -36.79
CA ARG B 221 25.21 34.41 -35.81
C ARG B 221 24.35 33.89 -34.64
N THR B 222 24.46 34.51 -33.46
CA THR B 222 23.57 34.01 -32.40
C THR B 222 22.26 34.80 -32.51
N VAL B 223 21.18 34.31 -31.96
CA VAL B 223 19.90 35.05 -32.06
C VAL B 223 19.85 36.21 -31.08
N THR B 224 18.96 37.15 -31.32
CA THR B 224 18.80 38.33 -30.47
C THR B 224 17.44 38.32 -29.78
N ILE B 225 17.27 39.21 -28.77
CA ILE B 225 16.00 39.41 -28.12
C ILE B 225 14.98 39.95 -29.10
N GLU B 226 15.33 40.62 -30.19
CA GLU B 226 14.43 41.12 -31.24
C GLU B 226 13.92 39.93 -32.08
N ASP B 227 14.77 38.95 -32.37
CA ASP B 227 14.38 37.74 -33.10
C ASP B 227 13.35 36.96 -32.25
N VAL B 228 13.65 36.78 -30.97
CA VAL B 228 12.79 36.05 -30.05
C VAL B 228 11.52 36.85 -29.84
N GLY B 229 11.65 38.18 -29.68
CA GLY B 229 10.48 39.03 -29.47
C GLY B 229 9.48 38.96 -30.62
N ASN B 230 9.98 39.04 -31.86
CA ASN B 230 9.09 38.93 -33.04
C ASN B 230 8.39 37.59 -33.10
N SER B 231 9.08 36.47 -32.86
CA SER B 231 8.40 35.15 -32.86
C SER B 231 7.34 35.05 -31.74
N ALA B 232 7.59 35.66 -30.59
CA ALA B 232 6.69 35.64 -29.45
C ALA B 232 5.43 36.43 -29.77
N ALA B 233 5.57 37.61 -30.39
CA ALA B 233 4.45 38.41 -30.81
C ALA B 233 3.57 37.62 -31.79
N PHE B 234 4.19 36.96 -32.77
CA PHE B 234 3.41 36.10 -33.68
C PHE B 234 2.65 35.03 -32.88
N LEU B 235 3.31 34.30 -31.98
CA LEU B 235 2.65 33.20 -31.26
C LEU B 235 1.54 33.56 -30.31
N CYS B 236 1.45 34.82 -29.89
CA CYS B 236 0.37 35.29 -29.04
C CYS B 236 -0.69 36.07 -29.83
N SER B 237 -0.55 36.15 -31.17
CA SER B 237 -1.49 36.84 -32.04
C SER B 237 -2.47 35.87 -32.72
N ASP B 238 -3.55 36.40 -33.32
CA ASP B 238 -4.46 35.58 -34.12
C ASP B 238 -3.84 35.02 -35.41
N LEU B 239 -2.69 35.46 -35.87
CA LEU B 239 -1.98 34.93 -37.03
C LEU B 239 -1.57 33.47 -36.77
N SER B 240 -1.35 33.08 -35.52
CA SER B 240 -0.93 31.70 -35.23
C SER B 240 -2.10 30.86 -34.71
N ALA B 241 -3.35 31.15 -35.07
CA ALA B 241 -4.53 30.42 -34.65
C ALA B 241 -4.47 28.91 -34.95
N GLY B 242 -3.71 28.47 -35.95
CA GLY B 242 -3.57 27.05 -36.24
C GLY B 242 -2.46 26.36 -35.43
N ILE B 243 -1.81 27.00 -34.47
CA ILE B 243 -0.67 26.40 -33.76
C ILE B 243 -0.91 26.32 -32.24
N SER B 244 -0.84 25.11 -31.67
CA SER B 244 -1.01 24.93 -30.25
C SER B 244 -0.27 23.66 -29.74
N GLY B 245 0.26 23.75 -28.55
CA GLY B 245 1.02 22.63 -27.95
C GLY B 245 2.42 22.47 -28.57
N GLU B 246 2.92 23.47 -29.30
CA GLU B 246 4.18 23.37 -30.03
C GLU B 246 5.40 23.97 -29.31
N VAL B 247 6.59 23.43 -29.55
CA VAL B 247 7.83 24.02 -29.02
C VAL B 247 8.57 24.49 -30.28
N VAL B 248 8.58 25.81 -30.49
CA VAL B 248 9.25 26.32 -31.72
C VAL B 248 10.71 26.69 -31.49
N HIS B 249 11.63 26.11 -32.27
CA HIS B 249 13.05 26.44 -32.07
C HIS B 249 13.43 27.78 -32.74
N VAL B 250 13.90 28.74 -31.92
CA VAL B 250 14.34 30.07 -32.42
C VAL B 250 15.83 30.19 -32.05
N ASP B 251 16.64 29.31 -32.66
CA ASP B 251 18.08 29.19 -32.34
C ASP B 251 18.94 29.23 -33.60
N GLY B 252 18.39 29.73 -34.71
CA GLY B 252 19.06 29.81 -36.00
C GLY B 252 19.34 28.48 -36.68
N GLY B 253 18.72 27.39 -36.28
CA GLY B 253 18.92 26.06 -36.80
C GLY B 253 19.97 25.22 -36.09
N PHE B 254 20.51 25.67 -34.94
CA PHE B 254 21.62 24.97 -34.30
C PHE B 254 21.27 23.53 -33.98
N SER B 255 20.05 23.27 -33.48
CA SER B 255 19.66 21.92 -33.09
C SER B 255 19.52 20.93 -34.23
N ILE B 256 19.33 21.39 -35.47
CA ILE B 256 19.16 20.37 -36.54
C ILE B 256 20.41 20.00 -37.31
N ALA B 257 21.57 20.49 -36.86
CA ALA B 257 22.80 20.11 -37.57
C ALA B 257 23.74 19.31 -36.66
N ALA B 258 24.74 18.68 -37.27
CA ALA B 258 25.72 17.91 -36.49
C ALA B 258 27.05 17.90 -37.24
N MET B 259 28.11 17.96 -36.46
CA MET B 259 29.49 17.94 -36.95
C MET B 259 29.88 19.02 -37.91
N ASN B 260 29.24 20.20 -37.87
CA ASN B 260 29.57 21.32 -38.72
C ASN B 260 31.01 21.78 -38.53
N GLU B 261 31.55 21.68 -37.32
CA GLU B 261 32.96 22.06 -37.14
C GLU B 261 33.79 20.98 -37.83
N LEU B 262 34.20 21.32 -39.03
CA LEU B 262 34.92 20.64 -40.06
C LEU B 262 35.98 19.61 -39.69
N GLY C 5 21.48 -21.16 -27.78
CA GLY C 5 21.33 -19.68 -27.85
C GLY C 5 19.92 -19.16 -28.04
N PHE C 6 19.76 -17.83 -28.00
CA PHE C 6 18.40 -17.23 -28.08
C PHE C 6 17.85 -17.16 -29.49
N LEU C 7 18.62 -17.56 -30.51
CA LEU C 7 18.10 -17.65 -31.88
C LEU C 7 18.01 -19.11 -32.33
N SER C 8 18.08 -20.09 -31.39
CA SER C 8 17.94 -21.49 -31.83
C SER C 8 16.55 -21.71 -32.42
N GLY C 9 16.49 -22.40 -33.55
CA GLY C 9 15.19 -22.67 -34.18
C GLY C 9 14.82 -21.63 -35.24
N LYS C 10 15.61 -20.57 -35.38
CA LYS C 10 15.27 -19.55 -36.39
C LYS C 10 16.11 -19.70 -37.67
N ARG C 11 15.55 -19.35 -38.82
CA ARG C 11 16.23 -19.33 -40.13
C ARG C 11 16.27 -17.87 -40.62
N ILE C 12 17.42 -17.23 -40.70
CA ILE C 12 17.50 -15.82 -41.11
C ILE C 12 18.40 -15.65 -42.33
N LEU C 13 17.97 -14.91 -43.35
CA LEU C 13 18.69 -14.51 -44.56
C LEU C 13 19.47 -13.22 -44.32
N VAL C 14 20.77 -13.21 -44.64
CA VAL C 14 21.64 -12.05 -44.46
C VAL C 14 22.19 -11.50 -45.77
N THR C 15 21.96 -10.23 -46.08
CA THR C 15 22.45 -9.52 -47.24
C THR C 15 23.69 -8.69 -46.84
N GLY C 16 24.41 -8.16 -47.81
CA GLY C 16 25.50 -7.23 -47.66
C GLY C 16 26.82 -7.64 -47.09
N VAL C 17 27.20 -8.90 -47.06
CA VAL C 17 28.54 -9.27 -46.57
C VAL C 17 29.53 -9.04 -47.72
N ALA C 18 30.43 -8.08 -47.63
CA ALA C 18 31.39 -7.81 -48.69
C ALA C 18 32.81 -8.18 -48.25
N SER C 19 33.06 -8.10 -46.94
CA SER C 19 34.39 -8.45 -46.40
C SER C 19 34.22 -8.69 -44.90
N LYS C 20 35.33 -8.97 -44.23
CA LYS C 20 35.29 -9.18 -42.79
C LYS C 20 35.08 -7.92 -41.99
N LEU C 21 35.11 -6.72 -42.57
CA LEU C 21 34.85 -5.46 -41.90
C LEU C 21 33.36 -5.07 -41.95
N SER C 22 32.63 -5.69 -42.88
CA SER C 22 31.21 -5.35 -43.07
C SER C 22 30.41 -5.43 -41.79
N ILE C 23 29.40 -4.57 -41.63
CA ILE C 23 28.50 -4.67 -40.47
C ILE C 23 27.79 -6.02 -40.54
N ALA C 24 27.37 -6.41 -41.76
CA ALA C 24 26.67 -7.67 -41.99
C ALA C 24 27.45 -8.89 -41.54
N TYR C 25 28.79 -8.90 -41.71
CA TYR C 25 29.63 -9.98 -41.23
C TYR C 25 29.56 -10.10 -39.71
N GLY C 26 29.61 -8.96 -39.02
CA GLY C 26 29.44 -8.90 -37.57
C GLY C 26 28.09 -9.41 -37.11
N ILE C 27 27.04 -8.99 -37.86
CA ILE C 27 25.71 -9.49 -37.54
C ILE C 27 25.65 -11.00 -37.73
N ALA C 28 26.18 -11.53 -38.83
CA ALA C 28 26.16 -12.96 -39.09
C ALA C 28 26.93 -13.77 -38.03
N GLN C 29 28.10 -13.30 -37.58
CA GLN C 29 28.83 -14.00 -36.51
C GLN C 29 28.04 -14.06 -35.21
N ALA C 30 27.41 -12.93 -34.83
CA ALA C 30 26.60 -12.93 -33.62
C ALA C 30 25.39 -13.85 -33.71
N MET C 31 24.69 -13.80 -34.86
CA MET C 31 23.54 -14.72 -35.01
C MET C 31 23.96 -16.18 -34.98
N HIS C 32 25.09 -16.56 -35.59
CA HIS C 32 25.59 -17.93 -35.55
C HIS C 32 25.97 -18.38 -34.13
N ARG C 33 26.57 -17.49 -33.36
CA ARG C 33 26.89 -17.76 -31.95
C ARG C 33 25.64 -18.09 -31.17
N GLU C 34 24.51 -17.40 -31.45
CA GLU C 34 23.27 -17.63 -30.75
C GLU C 34 22.38 -18.70 -31.37
N GLY C 35 22.88 -19.56 -32.27
CA GLY C 35 22.14 -20.68 -32.77
C GLY C 35 21.26 -20.59 -34.00
N ALA C 36 21.27 -19.45 -34.69
CA ALA C 36 20.46 -19.36 -35.91
C ALA C 36 21.01 -20.24 -37.03
N GLU C 37 20.17 -20.63 -37.97
CA GLU C 37 20.58 -21.24 -39.23
C GLU C 37 20.55 -20.06 -40.25
N LEU C 38 21.61 -19.87 -41.03
CA LEU C 38 21.73 -18.75 -41.94
C LEU C 38 21.81 -19.09 -43.43
N ALA C 39 21.43 -18.12 -44.27
CA ALA C 39 21.51 -18.15 -45.73
C ALA C 39 22.07 -16.77 -46.12
N PHE C 40 22.82 -16.67 -47.21
CA PHE C 40 23.44 -15.44 -47.63
C PHE C 40 23.18 -15.01 -49.07
N THR C 41 23.15 -13.70 -49.36
CA THR C 41 23.12 -13.22 -50.75
C THR C 41 24.43 -12.51 -51.12
N TYR C 42 24.66 -12.32 -52.43
CA TYR C 42 25.83 -11.56 -52.88
C TYR C 42 25.45 -10.73 -54.11
N GLN C 43 25.94 -9.51 -54.19
CA GLN C 43 25.57 -8.56 -55.23
C GLN C 43 25.97 -8.94 -56.64
N ASN C 44 27.24 -9.29 -56.85
CA ASN C 44 27.72 -9.63 -58.19
C ASN C 44 28.73 -10.76 -58.16
N ASP C 45 29.08 -11.30 -59.33
CA ASP C 45 29.98 -12.45 -59.40
C ASP C 45 31.37 -12.24 -58.84
N LYS C 46 31.88 -11.02 -58.79
CA LYS C 46 33.16 -10.78 -58.11
C LYS C 46 33.09 -11.14 -56.64
N LEU C 47 31.94 -11.11 -55.96
CA LEU C 47 31.85 -11.50 -54.56
C LEU C 47 31.52 -12.95 -54.28
N LYS C 48 31.17 -13.76 -55.28
CA LYS C 48 30.71 -15.13 -55.06
C LYS C 48 31.56 -16.05 -54.20
N GLY C 49 32.86 -16.18 -54.54
CA GLY C 49 33.75 -17.05 -53.80
C GLY C 49 34.02 -16.62 -52.36
N ARG C 50 34.23 -15.33 -52.12
CA ARG C 50 34.46 -14.82 -50.77
C ARG C 50 33.26 -15.14 -49.87
N VAL C 51 32.04 -14.88 -50.33
CA VAL C 51 30.83 -15.12 -49.56
C VAL C 51 30.58 -16.61 -49.36
N GLU C 52 30.81 -17.47 -50.35
CA GLU C 52 30.68 -18.92 -50.15
C GLU C 52 31.61 -19.42 -49.04
N GLU C 53 32.84 -18.88 -48.98
CA GLU C 53 33.76 -19.30 -47.92
C GLU C 53 33.33 -18.80 -46.54
N PHE C 54 32.84 -17.55 -46.48
CA PHE C 54 32.36 -17.01 -45.20
C PHE C 54 31.21 -17.87 -44.68
N ALA C 55 30.26 -18.18 -45.60
CA ALA C 55 29.10 -18.98 -45.24
C ALA C 55 29.52 -20.36 -44.73
N ALA C 56 30.45 -21.06 -45.36
CA ALA C 56 30.91 -22.38 -44.89
C ALA C 56 31.55 -22.37 -43.50
N GLN C 57 32.24 -21.31 -43.11
CA GLN C 57 32.79 -21.16 -41.78
C GLN C 57 31.67 -21.06 -40.74
N LEU C 58 30.49 -20.58 -41.14
CA LEU C 58 29.35 -20.48 -40.24
C LEU C 58 28.34 -21.58 -40.40
N GLY C 59 28.68 -22.69 -41.03
CA GLY C 59 27.85 -23.87 -41.17
C GLY C 59 26.76 -23.80 -42.22
N SER C 60 26.86 -22.87 -43.16
CA SER C 60 25.83 -22.75 -44.21
C SER C 60 26.34 -23.02 -45.62
N ASP C 61 25.46 -23.56 -46.47
CA ASP C 61 25.75 -23.78 -47.89
C ASP C 61 24.72 -23.11 -48.79
N ILE C 62 23.97 -22.15 -48.25
CA ILE C 62 22.93 -21.44 -48.98
C ILE C 62 23.41 -20.03 -49.32
N VAL C 63 23.89 -19.86 -50.55
CA VAL C 63 24.53 -18.65 -51.03
C VAL C 63 23.98 -18.33 -52.42
N LEU C 64 23.22 -17.25 -52.59
CA LEU C 64 22.52 -16.89 -53.81
C LEU C 64 22.73 -15.46 -54.30
N GLN C 65 22.82 -15.29 -55.64
CA GLN C 65 23.09 -13.96 -56.19
C GLN C 65 21.84 -13.10 -56.10
N CYS C 66 21.99 -11.80 -55.80
CA CYS C 66 20.85 -10.89 -55.78
C CYS C 66 21.27 -9.42 -55.96
N ASP C 67 20.77 -8.81 -57.02
CA ASP C 67 21.00 -7.39 -57.25
C ASP C 67 19.67 -6.68 -56.98
N VAL C 68 19.61 -5.88 -55.90
CA VAL C 68 18.35 -5.26 -55.52
C VAL C 68 17.91 -4.12 -56.43
N ALA C 69 18.70 -3.71 -57.43
CA ALA C 69 18.19 -2.74 -58.41
C ALA C 69 17.13 -3.40 -59.33
N GLU C 70 17.11 -4.72 -59.49
CA GLU C 70 16.27 -5.45 -60.44
C GLU C 70 15.20 -6.33 -59.79
N ASP C 71 13.92 -6.04 -60.04
CA ASP C 71 12.83 -6.87 -59.53
C ASP C 71 13.00 -8.35 -59.90
N ALA C 72 13.42 -8.64 -61.14
CA ALA C 72 13.58 -10.03 -61.57
C ALA C 72 14.67 -10.72 -60.76
N SER C 73 15.79 -10.06 -60.46
CA SER C 73 16.83 -10.71 -59.62
C SER C 73 16.27 -11.08 -58.24
N ILE C 74 15.54 -10.15 -57.61
CA ILE C 74 14.93 -10.44 -56.27
C ILE C 74 13.99 -11.64 -56.34
N ASP C 75 13.12 -11.65 -57.36
CA ASP C 75 12.13 -12.75 -57.46
C ASP C 75 12.84 -14.09 -57.69
N THR C 76 13.82 -14.10 -58.59
CA THR C 76 14.57 -15.35 -58.90
C THR C 76 15.27 -15.89 -57.66
N MET C 77 15.92 -15.02 -56.88
CA MET C 77 16.55 -15.41 -55.64
C MET C 77 15.58 -16.07 -54.65
N PHE C 78 14.44 -15.43 -54.34
CA PHE C 78 13.48 -16.05 -53.41
C PHE C 78 12.88 -17.36 -53.91
N ALA C 79 12.75 -17.54 -55.25
CA ALA C 79 12.24 -18.82 -55.79
C ALA C 79 13.29 -19.93 -55.57
N GLU C 80 14.55 -19.61 -55.73
CA GLU C 80 15.63 -20.59 -55.45
C GLU C 80 15.75 -20.83 -53.94
N LEU C 81 15.59 -19.80 -53.11
CA LEU C 81 15.64 -20.00 -51.65
C LEU C 81 14.55 -20.95 -51.20
N GLY C 82 13.35 -20.86 -51.76
CA GLY C 82 12.15 -21.63 -51.52
C GLY C 82 12.31 -23.14 -51.67
N LYS C 83 13.27 -23.59 -52.47
CA LYS C 83 13.61 -24.99 -52.67
C LYS C 83 14.19 -25.58 -51.40
N VAL C 84 14.87 -24.80 -50.56
CA VAL C 84 15.46 -25.32 -49.32
C VAL C 84 14.79 -24.78 -48.06
N TRP C 85 14.28 -23.56 -48.08
CA TRP C 85 13.56 -22.89 -46.99
C TRP C 85 12.23 -22.39 -47.56
N PRO C 86 11.22 -23.24 -47.70
CA PRO C 86 9.91 -22.86 -48.18
C PRO C 86 9.29 -21.84 -47.20
N LYS C 87 9.67 -21.91 -45.92
CA LYS C 87 9.27 -20.90 -44.95
C LYS C 87 10.55 -20.47 -44.19
N PHE C 88 10.61 -19.24 -43.67
CA PHE C 88 11.77 -18.81 -42.90
C PHE C 88 11.34 -17.64 -42.00
N ASP C 89 12.27 -17.13 -41.18
CA ASP C 89 11.89 -16.23 -40.09
C ASP C 89 12.36 -14.77 -40.23
N GLY C 90 12.77 -14.34 -41.39
CA GLY C 90 13.16 -12.93 -41.54
C GLY C 90 14.48 -12.71 -42.25
N PHE C 91 14.82 -11.43 -42.39
CA PHE C 91 16.07 -11.09 -43.11
C PHE C 91 16.70 -9.82 -42.61
N VAL C 92 18.03 -9.67 -42.80
CA VAL C 92 18.79 -8.48 -42.46
C VAL C 92 19.17 -7.74 -43.74
N HIS C 93 18.72 -6.50 -43.88
CA HIS C 93 18.96 -5.61 -45.00
C HIS C 93 20.12 -4.66 -44.66
N SER C 94 21.29 -4.94 -45.27
CA SER C 94 22.51 -4.19 -44.95
C SER C 94 23.11 -3.71 -46.24
N ILE C 95 22.37 -2.85 -46.93
CA ILE C 95 22.63 -2.36 -48.27
C ILE C 95 22.42 -0.85 -48.38
N GLY C 96 23.38 -0.13 -48.95
CA GLY C 96 23.21 1.31 -49.17
C GLY C 96 24.12 1.72 -50.35
N PHE C 97 23.74 2.79 -51.08
CA PHE C 97 24.52 3.30 -52.18
C PHE C 97 24.05 4.66 -52.67
N ALA C 98 24.98 5.49 -53.13
CA ALA C 98 24.76 6.73 -53.87
C ALA C 98 26.01 6.97 -54.75
N PRO C 99 25.83 7.51 -55.93
CA PRO C 99 26.96 7.78 -56.81
C PRO C 99 27.98 8.59 -56.06
N GLY C 100 29.29 8.30 -56.21
CA GLY C 100 30.33 9.00 -55.46
C GLY C 100 30.35 10.51 -55.54
N ASP C 101 29.97 11.12 -56.66
CA ASP C 101 29.93 12.58 -56.79
C ASP C 101 28.91 13.26 -55.87
N GLN C 102 27.93 12.52 -55.35
CA GLN C 102 26.93 13.10 -54.48
C GLN C 102 27.46 13.45 -53.10
N LEU C 103 28.49 12.76 -52.62
CA LEU C 103 28.98 12.79 -51.27
C LEU C 103 30.21 13.63 -50.96
N ASP C 104 30.38 14.72 -51.66
CA ASP C 104 31.51 15.60 -51.42
C ASP C 104 31.14 17.06 -51.65
N GLY C 105 31.36 17.89 -50.63
CA GLY C 105 31.11 19.33 -50.82
C GLY C 105 29.70 19.78 -50.50
N ASP C 106 29.46 21.07 -50.82
CA ASP C 106 28.13 21.65 -50.55
C ASP C 106 27.01 20.78 -51.10
N TYR C 107 25.97 20.54 -50.28
CA TYR C 107 24.83 19.70 -50.67
C TYR C 107 24.04 20.21 -51.86
N VAL C 108 23.64 21.49 -51.86
CA VAL C 108 22.84 22.01 -52.96
C VAL C 108 23.54 21.99 -54.31
N ASN C 109 24.85 22.21 -54.36
CA ASN C 109 25.63 22.10 -55.57
C ASN C 109 25.92 20.66 -56.02
N ALA C 110 26.05 19.69 -55.11
CA ALA C 110 26.31 18.30 -55.48
C ALA C 110 25.11 17.46 -55.90
N VAL C 111 23.94 17.67 -55.32
CA VAL C 111 22.77 16.82 -55.61
C VAL C 111 22.25 17.01 -57.03
N THR C 112 21.82 15.93 -57.68
CA THR C 112 21.25 15.91 -59.02
C THR C 112 20.00 15.01 -59.05
N ARG C 113 19.15 15.17 -60.05
CA ARG C 113 17.94 14.34 -60.12
C ARG C 113 18.31 12.87 -60.18
N GLU C 114 19.25 12.46 -61.03
CA GLU C 114 19.65 11.07 -61.14
C GLU C 114 20.31 10.52 -59.89
N GLY C 115 21.18 11.27 -59.21
CA GLY C 115 21.84 10.87 -57.97
C GLY C 115 20.84 10.66 -56.82
N PHE C 116 19.90 11.56 -56.68
CA PHE C 116 18.79 11.47 -55.71
C PHE C 116 17.99 10.19 -56.04
N LYS C 117 17.65 9.94 -57.31
CA LYS C 117 16.86 8.75 -57.68
C LYS C 117 17.57 7.46 -57.28
N ILE C 118 18.84 7.31 -57.65
CA ILE C 118 19.60 6.08 -57.31
C ILE C 118 19.75 5.86 -55.81
N ALA C 119 20.12 6.91 -55.06
CA ALA C 119 20.28 6.82 -53.62
C ALA C 119 18.98 6.33 -52.94
N HIS C 120 17.84 6.89 -53.32
CA HIS C 120 16.57 6.48 -52.68
C HIS C 120 16.18 5.07 -53.13
N ASP C 121 16.44 4.72 -54.39
CA ASP C 121 16.04 3.39 -54.90
C ASP C 121 16.81 2.27 -54.21
N ILE C 122 18.15 2.33 -54.17
CA ILE C 122 18.95 1.27 -53.57
C ILE C 122 18.93 1.28 -52.05
N SER C 123 18.96 2.46 -51.39
CA SER C 123 19.04 2.54 -49.95
C SER C 123 17.71 2.46 -49.22
N SER C 124 16.58 2.82 -49.84
CA SER C 124 15.27 2.76 -49.19
C SER C 124 14.25 1.83 -49.86
N TYR C 125 13.94 2.02 -51.14
CA TYR C 125 12.95 1.16 -51.83
C TYR C 125 13.29 -0.33 -51.74
N SER C 126 14.58 -0.69 -51.98
CA SER C 126 14.98 -2.09 -51.91
C SER C 126 14.56 -2.83 -50.64
N PHE C 127 14.45 -2.18 -49.48
CA PHE C 127 14.03 -2.88 -48.25
C PHE C 127 12.61 -3.40 -48.41
N VAL C 128 11.69 -2.55 -48.90
CA VAL C 128 10.29 -3.02 -49.10
C VAL C 128 10.16 -3.94 -50.31
N ALA C 129 11.00 -3.79 -51.34
CA ALA C 129 10.98 -4.69 -52.52
C ALA C 129 11.23 -6.13 -52.07
N MET C 130 12.20 -6.33 -51.16
CA MET C 130 12.44 -7.67 -50.63
C MET C 130 11.24 -8.20 -49.84
N ALA C 131 10.60 -7.38 -49.01
CA ALA C 131 9.45 -7.85 -48.21
C ALA C 131 8.27 -8.25 -49.10
N LYS C 132 8.01 -7.46 -50.13
CA LYS C 132 6.97 -7.80 -51.12
C LYS C 132 7.24 -9.18 -51.74
N ALA C 133 8.48 -9.45 -52.11
CA ALA C 133 8.82 -10.70 -52.80
C ALA C 133 8.83 -11.94 -51.92
N CYS C 134 8.95 -11.81 -50.60
CA CYS C 134 8.98 -13.01 -49.73
C CYS C 134 7.83 -13.01 -48.74
N ARG C 135 6.88 -12.08 -48.87
CA ARG C 135 5.82 -11.95 -47.85
C ARG C 135 5.17 -13.28 -47.46
N SER C 136 4.71 -14.07 -48.42
CA SER C 136 4.06 -15.35 -48.09
C SER C 136 5.00 -16.46 -47.61
N MET C 137 6.31 -16.28 -47.57
CA MET C 137 7.26 -17.23 -47.03
C MET C 137 7.59 -16.99 -45.54
N LEU C 138 7.17 -15.86 -44.95
CA LEU C 138 7.50 -15.54 -43.56
C LEU C 138 6.59 -16.20 -42.53
N ASN C 139 7.17 -16.89 -41.58
CA ASN C 139 6.41 -17.47 -40.46
C ASN C 139 5.91 -16.35 -39.54
N PRO C 140 4.87 -16.58 -38.77
CA PRO C 140 4.46 -15.70 -37.68
C PRO C 140 5.62 -15.65 -36.70
N GLY C 141 5.90 -14.49 -36.10
CA GLY C 141 7.05 -14.34 -35.22
C GLY C 141 8.32 -13.91 -35.95
N SER C 142 8.26 -13.70 -37.26
CA SER C 142 9.39 -13.25 -38.06
C SER C 142 9.75 -11.78 -37.73
N ALA C 143 10.97 -11.40 -38.06
CA ALA C 143 11.48 -10.05 -37.86
C ALA C 143 12.37 -9.61 -39.01
N LEU C 144 12.24 -8.37 -39.48
CA LEU C 144 13.03 -7.76 -40.54
C LEU C 144 13.88 -6.61 -39.92
N LEU C 145 15.09 -6.45 -40.39
CA LEU C 145 15.95 -5.38 -39.82
C LEU C 145 16.72 -4.65 -40.91
N THR C 146 16.86 -3.33 -40.77
CA THR C 146 17.69 -2.55 -41.69
C THR C 146 18.66 -1.68 -40.88
N LEU C 147 19.63 -1.05 -41.55
CA LEU C 147 20.65 -0.20 -40.91
C LEU C 147 20.58 1.26 -41.37
N SER C 148 20.45 2.21 -40.44
CA SER C 148 20.39 3.63 -40.74
C SER C 148 21.53 4.40 -40.06
N TYR C 149 21.52 5.73 -40.12
CA TYR C 149 22.55 6.61 -39.58
C TYR C 149 21.94 7.95 -39.18
N LEU C 150 22.56 8.68 -38.26
CA LEU C 150 22.13 9.96 -37.71
C LEU C 150 21.89 11.03 -38.76
N GLY C 151 22.54 10.96 -39.92
CA GLY C 151 22.30 11.84 -41.06
C GLY C 151 20.85 11.81 -41.56
N ALA C 152 20.03 10.80 -41.20
CA ALA C 152 18.59 10.87 -41.47
C ALA C 152 17.89 11.95 -40.63
N GLU C 153 18.35 12.19 -39.38
CA GLU C 153 17.68 13.11 -38.46
C GLU C 153 18.34 14.50 -38.35
N ARG C 154 19.61 14.64 -38.69
CA ARG C 154 20.32 15.91 -38.63
C ARG C 154 21.06 16.22 -39.94
N ALA C 155 21.35 17.49 -40.22
CA ALA C 155 22.16 17.77 -41.42
C ALA C 155 23.65 17.56 -41.07
N ILE C 156 24.33 16.67 -41.76
CA ILE C 156 25.77 16.39 -41.55
C ILE C 156 26.51 16.72 -42.83
N PRO C 157 27.60 17.48 -42.76
CA PRO C 157 28.41 17.84 -43.93
C PRO C 157 28.82 16.61 -44.72
N ASN C 158 28.86 16.69 -46.06
CA ASN C 158 29.20 15.65 -47.00
C ASN C 158 28.27 14.43 -47.08
N TYR C 159 27.49 14.09 -46.06
CA TYR C 159 26.56 12.95 -46.15
C TYR C 159 25.49 13.22 -47.20
N ASN C 160 25.08 14.48 -47.33
CA ASN C 160 24.31 15.00 -48.45
C ASN C 160 23.08 14.15 -48.78
N VAL C 161 22.83 13.75 -50.02
CA VAL C 161 21.57 13.05 -50.36
C VAL C 161 21.38 11.68 -49.70
N MET C 162 22.40 11.05 -49.14
CA MET C 162 22.25 9.81 -48.38
C MET C 162 21.43 10.11 -47.10
N GLY C 163 21.51 11.31 -46.51
CA GLY C 163 20.68 11.63 -45.35
C GLY C 163 19.17 11.63 -45.74
N LEU C 164 18.84 12.17 -46.91
CA LEU C 164 17.43 12.13 -47.38
C LEU C 164 17.00 10.68 -47.61
N ALA C 165 17.86 9.84 -48.21
CA ALA C 165 17.51 8.43 -48.47
C ALA C 165 17.34 7.66 -47.18
N LYS C 166 18.14 7.92 -46.13
CA LYS C 166 17.96 7.27 -44.82
C LYS C 166 16.70 7.74 -44.10
N ALA C 167 16.31 9.02 -44.26
CA ALA C 167 15.05 9.50 -43.68
C ALA C 167 13.86 8.75 -44.34
N SER C 168 13.92 8.53 -45.68
CA SER C 168 12.88 7.71 -46.34
C SER C 168 12.90 6.29 -45.81
N LEU C 169 14.09 5.69 -45.61
CA LEU C 169 14.22 4.34 -45.06
C LEU C 169 13.57 4.22 -43.67
N GLU C 170 13.80 5.15 -42.75
CA GLU C 170 13.22 5.12 -41.39
C GLU C 170 11.69 5.22 -41.45
N ALA C 171 11.15 6.06 -42.35
CA ALA C 171 9.70 6.08 -42.58
C ALA C 171 9.26 4.72 -43.14
N ASN C 172 10.06 4.08 -44.01
CA ASN C 172 9.76 2.77 -44.57
C ASN C 172 9.58 1.74 -43.45
N VAL C 173 10.44 1.77 -42.43
CA VAL C 173 10.35 0.92 -41.24
C VAL C 173 9.00 1.09 -40.53
N ARG C 174 8.53 2.32 -40.36
CA ARG C 174 7.22 2.53 -39.71
C ARG C 174 6.04 2.05 -40.57
N TYR C 175 5.98 2.35 -41.86
CA TYR C 175 4.86 1.90 -42.72
C TYR C 175 4.86 0.39 -42.87
N MET C 176 6.01 -0.28 -42.96
CA MET C 176 6.17 -1.71 -43.05
C MET C 176 5.75 -2.39 -41.73
N ALA C 177 6.11 -1.89 -40.56
CA ALA C 177 5.71 -2.41 -39.28
C ALA C 177 4.18 -2.29 -39.11
N ASN C 178 3.61 -1.18 -39.59
CA ASN C 178 2.17 -1.01 -39.43
C ASN C 178 1.41 -1.98 -40.38
N ALA C 179 1.88 -2.16 -41.60
CA ALA C 179 1.20 -3.05 -42.54
C ALA C 179 1.33 -4.55 -42.23
N MET C 180 2.48 -5.02 -41.78
CA MET C 180 2.75 -6.44 -41.55
C MET C 180 2.55 -6.93 -40.14
N GLY C 181 2.33 -6.03 -39.18
CA GLY C 181 2.15 -6.44 -37.76
C GLY C 181 0.99 -7.40 -37.57
N PRO C 182 -0.15 -7.15 -38.19
CA PRO C 182 -1.33 -7.99 -37.98
C PRO C 182 -1.10 -9.43 -38.39
N GLU C 183 -0.23 -9.74 -39.33
CA GLU C 183 0.08 -11.14 -39.69
C GLU C 183 1.20 -11.75 -38.88
N GLY C 184 1.76 -11.06 -37.87
CA GLY C 184 2.77 -11.54 -36.97
C GLY C 184 4.21 -11.22 -37.34
N VAL C 185 4.44 -10.15 -38.10
CA VAL C 185 5.81 -9.78 -38.49
C VAL C 185 6.22 -8.43 -37.88
N ARG C 186 7.43 -8.32 -37.30
CA ARG C 186 7.92 -7.05 -36.78
C ARG C 186 9.00 -6.48 -37.71
N VAL C 187 9.22 -5.17 -37.70
CA VAL C 187 10.18 -4.49 -38.58
C VAL C 187 10.84 -3.33 -37.81
N ASN C 188 12.18 -3.27 -37.73
CA ASN C 188 12.91 -2.27 -36.97
C ASN C 188 14.22 -1.87 -37.66
N ALA C 189 14.92 -0.85 -37.14
CA ALA C 189 16.21 -0.47 -37.68
C ALA C 189 17.20 -0.24 -36.51
N ILE C 190 18.50 -0.32 -36.82
CA ILE C 190 19.54 0.14 -35.94
C ILE C 190 20.21 1.38 -36.56
N SER C 191 20.25 2.51 -35.85
CA SER C 191 20.95 3.71 -36.28
C SER C 191 22.39 3.55 -35.68
N ALA C 192 23.32 3.10 -36.50
CA ALA C 192 24.70 2.83 -35.93
C ALA C 192 25.57 4.08 -35.92
N GLY C 193 26.51 4.09 -34.96
CA GLY C 193 27.57 5.16 -34.97
C GLY C 193 28.58 4.79 -36.05
N PRO C 194 29.51 5.67 -36.36
CA PRO C 194 30.47 5.48 -37.44
C PRO C 194 31.43 4.32 -37.17
N ILE C 195 31.67 3.50 -38.18
CA ILE C 195 32.50 2.28 -38.12
C ILE C 195 33.29 2.17 -39.42
N ARG C 196 34.61 1.89 -39.36
CA ARG C 196 35.42 1.79 -40.58
C ARG C 196 35.11 0.58 -41.46
N THR C 197 34.32 0.76 -42.52
CA THR C 197 34.01 -0.32 -43.45
C THR C 197 34.47 0.04 -44.86
N LEU C 198 34.25 -0.85 -45.82
CA LEU C 198 34.59 -0.54 -47.21
C LEU C 198 33.85 0.68 -47.72
N ALA C 199 32.54 0.73 -47.50
CA ALA C 199 31.74 1.88 -47.96
C ALA C 199 32.08 3.18 -47.22
N ALA C 200 32.57 3.08 -45.99
CA ALA C 200 32.95 4.21 -45.16
C ALA C 200 34.01 5.09 -45.80
N SER C 201 34.92 4.47 -46.54
CA SER C 201 35.99 5.16 -47.26
C SER C 201 35.50 6.07 -48.37
N GLY C 202 34.21 6.04 -48.74
CA GLY C 202 33.59 6.87 -49.72
C GLY C 202 32.95 8.14 -49.14
N ILE C 203 32.99 8.31 -47.83
CA ILE C 203 32.45 9.52 -47.19
C ILE C 203 33.58 10.54 -47.02
N LYS C 204 33.43 11.73 -47.60
CA LYS C 204 34.49 12.73 -47.43
C LYS C 204 34.80 12.99 -45.96
N ASP C 205 36.07 12.92 -45.63
CA ASP C 205 36.61 13.14 -44.29
C ASP C 205 35.92 12.32 -43.21
N PHE C 206 35.88 11.01 -43.45
CA PHE C 206 35.30 10.04 -42.53
C PHE C 206 36.23 9.84 -41.33
N ARG C 207 37.52 10.04 -41.52
CA ARG C 207 38.50 9.90 -40.46
C ARG C 207 38.36 10.93 -39.34
N LYS C 208 37.88 12.14 -39.64
CA LYS C 208 37.68 13.17 -38.63
C LYS C 208 36.38 12.89 -37.86
N MET C 209 35.38 12.38 -38.57
CA MET C 209 34.13 11.97 -37.91
C MET C 209 34.49 11.02 -36.75
N LEU C 210 35.13 9.91 -37.10
CA LEU C 210 35.54 8.91 -36.13
C LEU C 210 36.26 9.49 -34.92
N ALA C 211 37.32 10.26 -35.12
CA ALA C 211 38.05 10.86 -34.01
C ALA C 211 37.18 11.73 -33.11
N HIS C 212 36.37 12.60 -33.69
CA HIS C 212 35.45 13.49 -32.99
C HIS C 212 34.43 12.71 -32.16
N CYS C 213 33.75 11.77 -32.83
CA CYS C 213 32.76 10.93 -32.14
C CYS C 213 33.37 10.26 -30.92
N GLU C 214 34.58 9.69 -31.04
CA GLU C 214 35.20 9.04 -29.89
C GLU C 214 35.36 9.98 -28.72
N ALA C 215 35.71 11.24 -28.91
CA ALA C 215 35.92 12.23 -27.87
C ALA C 215 34.70 12.74 -27.11
N VAL C 216 33.54 12.88 -27.76
CA VAL C 216 32.36 13.45 -27.12
C VAL C 216 31.22 12.45 -26.87
N THR C 217 31.38 11.20 -27.27
CA THR C 217 30.37 10.18 -26.99
C THR C 217 30.40 9.83 -25.52
N PRO C 218 29.26 9.69 -24.84
CA PRO C 218 29.20 9.36 -23.42
C PRO C 218 30.03 8.18 -23.01
N ILE C 219 30.06 7.06 -23.75
CA ILE C 219 30.87 5.91 -23.41
C ILE C 219 32.35 6.11 -23.81
N ARG C 220 32.67 7.23 -24.44
CA ARG C 220 34.04 7.58 -24.82
C ARG C 220 34.79 6.61 -25.68
N ARG C 221 34.14 5.96 -26.63
CA ARG C 221 34.71 5.08 -27.62
C ARG C 221 33.69 4.99 -28.80
N THR C 222 34.15 4.64 -29.98
CA THR C 222 33.20 4.41 -31.09
C THR C 222 32.73 2.97 -30.97
N VAL C 223 31.56 2.65 -31.52
CA VAL C 223 31.04 1.28 -31.43
C VAL C 223 31.69 0.33 -32.42
N THR C 224 31.56 -0.97 -32.18
CA THR C 224 32.08 -2.03 -33.03
C THR C 224 31.04 -2.83 -33.80
N ILE C 225 31.46 -3.67 -34.77
CA ILE C 225 30.51 -4.56 -35.47
C ILE C 225 30.01 -5.63 -34.50
N GLU C 226 30.77 -5.91 -33.42
CA GLU C 226 30.34 -6.83 -32.38
C GLU C 226 29.21 -6.19 -31.57
N ASP C 227 29.28 -4.90 -31.25
CA ASP C 227 28.20 -4.22 -30.54
C ASP C 227 26.95 -4.19 -31.46
N VAL C 228 27.15 -3.84 -32.73
CA VAL C 228 26.00 -3.78 -33.67
C VAL C 228 25.45 -5.18 -33.90
N GLY C 229 26.33 -6.19 -34.00
CA GLY C 229 25.87 -7.57 -34.20
C GLY C 229 25.02 -8.10 -33.05
N ASN C 230 25.45 -7.83 -31.79
CA ASN C 230 24.68 -8.30 -30.64
C ASN C 230 23.30 -7.64 -30.57
N SER C 231 23.19 -6.36 -30.87
CA SER C 231 21.87 -5.66 -30.89
C SER C 231 21.01 -6.18 -32.03
N ALA C 232 21.58 -6.47 -33.19
CA ALA C 232 20.84 -7.02 -34.36
C ALA C 232 20.29 -8.40 -34.02
N ALA C 233 21.09 -9.25 -33.35
CA ALA C 233 20.68 -10.58 -32.92
C ALA C 233 19.48 -10.52 -31.98
N PHE C 234 19.53 -9.61 -31.00
CA PHE C 234 18.40 -9.35 -30.10
C PHE C 234 17.15 -8.90 -30.90
N LEU C 235 17.26 -7.93 -31.81
CA LEU C 235 16.11 -7.42 -32.56
C LEU C 235 15.50 -8.42 -33.54
N CYS C 236 16.22 -9.46 -33.96
CA CYS C 236 15.57 -10.47 -34.81
C CYS C 236 15.13 -11.71 -34.04
N SER C 237 15.26 -11.71 -32.69
CA SER C 237 14.95 -12.85 -31.84
C SER C 237 13.62 -12.66 -31.12
N ASP C 238 13.02 -13.70 -30.55
CA ASP C 238 11.80 -13.52 -29.76
C ASP C 238 12.00 -12.76 -28.46
N LEU C 239 13.19 -12.43 -28.01
CA LEU C 239 13.44 -11.59 -26.83
C LEU C 239 12.93 -10.15 -27.07
N SER C 240 12.84 -9.74 -28.34
CA SER C 240 12.36 -8.39 -28.65
C SER C 240 10.92 -8.36 -29.17
N ALA C 241 10.08 -9.29 -28.78
CA ALA C 241 8.70 -9.40 -29.21
C ALA C 241 7.84 -8.16 -28.95
N GLY C 242 8.15 -7.36 -27.93
CA GLY C 242 7.42 -6.13 -27.68
C GLY C 242 7.89 -4.92 -28.50
N ILE C 243 8.87 -5.06 -29.41
CA ILE C 243 9.40 -3.92 -30.14
C ILE C 243 9.16 -3.99 -31.64
N SER C 244 8.47 -3.00 -32.21
CA SER C 244 8.23 -2.94 -33.67
C SER C 244 8.11 -1.49 -34.15
N GLY C 245 8.60 -1.20 -35.33
CA GLY C 245 8.58 0.14 -35.94
C GLY C 245 9.61 1.11 -35.29
N GLU C 246 10.60 0.58 -34.58
CA GLU C 246 11.53 1.41 -33.80
C GLU C 246 12.86 1.64 -34.52
N VAL C 247 13.50 2.78 -34.33
CA VAL C 247 14.89 3.04 -34.75
C VAL C 247 15.76 3.08 -33.47
N VAL C 248 16.55 2.04 -33.24
CA VAL C 248 17.38 1.91 -32.03
C VAL C 248 18.77 2.50 -32.22
N HIS C 249 19.12 3.54 -31.41
CA HIS C 249 20.45 4.18 -31.61
C HIS C 249 21.54 3.34 -30.95
N VAL C 250 22.49 2.84 -31.74
CA VAL C 250 23.60 2.03 -31.25
C VAL C 250 24.87 2.84 -31.59
N ASP C 251 24.99 3.99 -30.94
CA ASP C 251 26.07 4.92 -31.18
C ASP C 251 26.78 5.36 -29.90
N GLY C 252 26.63 4.61 -28.81
CA GLY C 252 27.28 5.00 -27.55
C GLY C 252 26.72 6.23 -26.85
N GLY C 253 25.53 6.70 -27.20
CA GLY C 253 24.93 7.92 -26.67
C GLY C 253 25.25 9.20 -27.40
N PHE C 254 25.94 9.16 -28.55
CA PHE C 254 26.33 10.39 -29.23
C PHE C 254 25.21 11.36 -29.53
N SER C 255 24.08 10.86 -30.06
CA SER C 255 23.02 11.77 -30.49
C SER C 255 22.25 12.44 -29.35
N ILE C 256 22.33 12.00 -28.10
CA ILE C 256 21.57 12.60 -27.01
C ILE C 256 22.34 13.65 -26.24
N ALA C 257 23.58 13.95 -26.62
CA ALA C 257 24.36 15.01 -25.98
C ALA C 257 24.64 16.20 -26.91
N ALA C 258 24.98 17.34 -26.33
CA ALA C 258 25.34 18.53 -27.08
C ALA C 258 26.37 19.36 -26.30
N MET C 259 27.38 19.84 -27.04
CA MET C 259 28.43 20.71 -26.53
C MET C 259 29.33 20.06 -25.51
N ASN C 260 29.57 18.75 -25.60
CA ASN C 260 30.49 18.09 -24.65
C ASN C 260 31.91 18.64 -24.82
N GLU C 261 32.21 19.14 -25.99
CA GLU C 261 33.41 19.77 -26.47
C GLU C 261 34.16 20.59 -25.43
N LEU C 262 33.56 21.50 -24.65
CA LEU C 262 34.27 22.17 -23.57
C LEU C 262 33.47 22.02 -22.27
N GLY D 5 2.36 46.41 -44.30
CA GLY D 5 2.41 45.02 -43.81
C GLY D 5 3.85 44.56 -43.55
N PHE D 6 4.01 43.39 -42.93
CA PHE D 6 5.33 42.87 -42.62
C PHE D 6 6.03 42.20 -43.79
N LEU D 7 5.45 42.14 -44.98
CA LEU D 7 6.20 41.67 -46.15
C LEU D 7 6.49 42.81 -47.13
N SER D 8 6.28 44.08 -46.71
CA SER D 8 6.57 45.20 -47.63
C SER D 8 8.03 45.21 -48.07
N GLY D 9 8.30 45.41 -49.36
CA GLY D 9 9.66 45.37 -49.90
C GLY D 9 10.13 43.98 -50.31
N LYS D 10 9.34 42.93 -50.10
CA LYS D 10 9.69 41.57 -50.48
C LYS D 10 9.02 41.11 -51.78
N ARG D 11 9.75 40.33 -52.58
CA ARG D 11 9.24 39.74 -53.82
C ARG D 11 9.30 38.21 -53.67
N ILE D 12 8.15 37.54 -53.69
CA ILE D 12 8.05 36.09 -53.43
C ILE D 12 7.34 35.37 -54.60
N LEU D 13 7.87 34.25 -55.06
CA LEU D 13 7.25 33.41 -56.09
C LEU D 13 6.43 32.29 -55.46
N VAL D 14 5.18 32.11 -55.89
CA VAL D 14 4.30 31.08 -55.34
C VAL D 14 3.94 30.01 -56.38
N THR D 15 4.22 28.74 -56.08
CA THR D 15 3.84 27.63 -56.94
C THR D 15 2.62 26.94 -56.35
N GLY D 16 1.97 26.04 -57.11
CA GLY D 16 0.89 25.24 -56.65
C GLY D 16 -0.52 25.72 -56.57
N VAL D 17 -0.87 26.89 -57.11
CA VAL D 17 -2.27 27.30 -57.08
C VAL D 17 -3.04 26.52 -58.15
N ALA D 18 -4.08 25.79 -57.80
CA ALA D 18 -4.85 25.00 -58.76
C ALA D 18 -6.35 25.33 -58.67
N SER D 19 -6.80 25.87 -57.55
CA SER D 19 -8.17 26.28 -57.33
C SER D 19 -8.23 27.23 -56.14
N LYS D 20 -9.42 27.72 -55.79
CA LYS D 20 -9.53 28.60 -54.62
C LYS D 20 -9.48 27.82 -53.31
N LEU D 21 -9.49 26.50 -53.33
CA LEU D 21 -9.35 25.66 -52.16
C LEU D 21 -7.88 25.39 -51.83
N SER D 22 -7.01 25.62 -52.79
CA SER D 22 -5.58 25.31 -52.67
C SER D 22 -4.92 25.94 -51.47
N ILE D 23 -4.00 25.18 -50.81
CA ILE D 23 -3.20 25.79 -49.73
C ILE D 23 -2.42 27.00 -50.27
N ALA D 24 -1.87 26.92 -51.48
CA ALA D 24 -1.09 28.02 -52.07
C ALA D 24 -1.95 29.26 -52.30
N TYR D 25 -3.24 29.07 -52.55
CA TYR D 25 -4.14 30.22 -52.70
C TYR D 25 -4.28 31.01 -51.41
N GLY D 26 -4.47 30.30 -50.29
CA GLY D 26 -4.50 30.95 -48.97
C GLY D 26 -3.16 31.58 -48.59
N ILE D 27 -2.02 31.01 -48.99
CA ILE D 27 -0.72 31.63 -48.70
C ILE D 27 -0.59 32.90 -49.57
N ALA D 28 -0.88 32.84 -50.86
CA ALA D 28 -0.81 34.08 -51.69
C ALA D 28 -1.66 35.19 -51.13
N GLN D 29 -2.92 34.97 -50.75
CA GLN D 29 -3.76 36.03 -50.24
C GLN D 29 -3.22 36.64 -48.94
N ALA D 30 -2.67 35.82 -48.02
CA ALA D 30 -2.09 36.41 -46.81
C ALA D 30 -0.82 37.24 -47.14
N MET D 31 0.01 36.77 -48.09
CA MET D 31 1.22 37.50 -48.46
C MET D 31 0.86 38.84 -49.15
N HIS D 32 -0.18 38.85 -49.97
CA HIS D 32 -0.66 40.08 -50.62
C HIS D 32 -1.17 41.07 -49.58
N ARG D 33 -1.96 40.62 -48.60
CA ARG D 33 -2.46 41.41 -47.52
C ARG D 33 -1.32 42.08 -46.74
N GLU D 34 -0.19 41.43 -46.53
CA GLU D 34 0.96 41.95 -45.83
C GLU D 34 1.95 42.71 -46.71
N GLY D 35 1.60 43.10 -47.94
CA GLY D 35 2.47 43.99 -48.71
C GLY D 35 3.45 43.40 -49.68
N ALA D 36 3.55 42.06 -49.79
CA ALA D 36 4.48 41.47 -50.75
C ALA D 36 4.11 41.70 -52.23
N GLU D 37 5.12 41.72 -53.11
CA GLU D 37 4.89 41.68 -54.56
C GLU D 37 5.01 40.19 -54.94
N LEU D 38 4.10 39.67 -55.72
CA LEU D 38 4.11 38.23 -56.04
C LEU D 38 4.26 37.88 -57.52
N ALA D 39 4.72 36.68 -57.78
CA ALA D 39 4.87 36.03 -59.07
C ALA D 39 4.31 34.60 -58.91
N PHE D 40 3.69 34.08 -59.97
CA PHE D 40 3.05 32.77 -59.91
C PHE D 40 3.51 31.82 -61.03
N THR D 41 3.47 30.51 -60.80
CA THR D 41 3.74 29.50 -61.80
C THR D 41 2.50 28.61 -61.98
N TYR D 42 2.37 27.91 -63.10
CA TYR D 42 1.30 26.96 -63.38
C TYR D 42 1.90 25.71 -64.04
N GLN D 43 1.38 24.54 -63.64
CA GLN D 43 1.89 23.26 -64.10
C GLN D 43 1.74 23.03 -65.60
N ASN D 44 0.53 23.21 -66.09
CA ASN D 44 0.22 22.99 -67.51
C ASN D 44 -0.86 23.94 -68.00
N ASP D 45 -1.13 23.87 -69.30
CA ASP D 45 -2.07 24.73 -70.02
C ASP D 45 -3.49 24.65 -69.53
N LYS D 46 -3.92 23.53 -68.98
CA LYS D 46 -5.24 23.41 -68.36
C LYS D 46 -5.41 24.37 -67.18
N LEU D 47 -4.35 24.69 -66.43
CA LEU D 47 -4.46 25.61 -65.30
C LEU D 47 -4.11 27.04 -65.60
N LYS D 48 -3.54 27.32 -66.77
CA LYS D 48 -3.11 28.66 -67.15
C LYS D 48 -4.16 29.74 -66.96
N GLY D 49 -5.37 29.54 -67.49
CA GLY D 49 -6.43 30.53 -67.39
C GLY D 49 -6.73 31.01 -65.98
N ARG D 50 -7.05 30.08 -65.10
CA ARG D 50 -7.39 30.30 -63.72
C ARG D 50 -6.27 31.00 -62.94
N VAL D 51 -5.02 30.58 -63.10
CA VAL D 51 -3.91 31.19 -62.40
C VAL D 51 -3.65 32.62 -62.87
N GLU D 52 -3.81 32.91 -64.17
CA GLU D 52 -3.65 34.28 -64.65
C GLU D 52 -4.69 35.22 -64.05
N GLU D 53 -5.92 34.74 -63.95
CA GLU D 53 -6.99 35.51 -63.35
C GLU D 53 -6.79 35.66 -61.83
N PHE D 54 -6.28 34.65 -61.13
CA PHE D 54 -6.09 34.78 -59.67
C PHE D 54 -4.96 35.77 -59.42
N ALA D 55 -3.89 35.70 -60.20
CA ALA D 55 -2.74 36.58 -60.07
C ALA D 55 -3.17 38.05 -60.23
N ALA D 56 -4.01 38.30 -61.21
CA ALA D 56 -4.55 39.63 -61.52
C ALA D 56 -5.38 40.19 -60.38
N GLN D 57 -6.16 39.37 -59.68
CA GLN D 57 -6.92 39.83 -58.51
C GLN D 57 -6.02 40.26 -57.35
N LEU D 58 -4.79 39.79 -57.30
CA LEU D 58 -3.81 40.11 -56.28
C LEU D 58 -2.75 41.06 -56.83
N GLY D 59 -3.12 41.80 -57.86
CA GLY D 59 -2.31 42.78 -58.53
C GLY D 59 -1.01 42.35 -59.16
N SER D 60 -0.90 41.12 -59.67
CA SER D 60 0.34 40.66 -60.30
C SER D 60 0.15 40.29 -61.78
N ASP D 61 1.18 40.50 -62.61
CA ASP D 61 1.09 40.04 -64.00
C ASP D 61 2.29 39.15 -64.36
N ILE D 62 2.93 38.55 -63.35
CA ILE D 62 4.05 37.67 -63.61
C ILE D 62 3.56 36.24 -63.39
N VAL D 63 3.22 35.53 -64.47
CA VAL D 63 2.61 34.20 -64.43
C VAL D 63 3.35 33.33 -65.45
N LEU D 64 4.14 32.34 -65.04
CA LEU D 64 4.97 31.52 -65.88
C LEU D 64 4.75 30.02 -65.74
N GLN D 65 4.84 29.26 -66.84
CA GLN D 65 4.65 27.80 -66.80
C GLN D 65 5.83 27.06 -66.18
N CYS D 66 5.58 25.99 -65.41
CA CYS D 66 6.68 25.22 -64.83
C CYS D 66 6.20 23.84 -64.38
N ASP D 67 6.78 22.81 -64.96
CA ASP D 67 6.51 21.42 -64.56
C ASP D 67 7.79 20.96 -63.87
N VAL D 68 7.78 20.73 -62.55
CA VAL D 68 9.02 20.36 -61.89
C VAL D 68 9.56 18.96 -62.12
N ALA D 69 8.94 18.16 -62.99
CA ALA D 69 9.51 16.88 -63.40
C ALA D 69 10.69 17.10 -64.35
N GLU D 70 10.71 18.28 -64.99
CA GLU D 70 11.76 18.57 -65.97
C GLU D 70 12.76 19.64 -65.60
N ASP D 71 14.04 19.34 -65.66
CA ASP D 71 15.11 20.29 -65.37
C ASP D 71 15.05 21.48 -66.34
N ALA D 72 14.81 21.16 -67.63
CA ALA D 72 14.67 22.23 -68.64
C ALA D 72 13.54 23.21 -68.37
N SER D 73 12.39 22.74 -67.92
CA SER D 73 11.25 23.58 -67.56
C SER D 73 11.59 24.51 -66.39
N ILE D 74 12.23 24.01 -65.33
CA ILE D 74 12.66 24.85 -64.22
C ILE D 74 13.67 25.91 -64.67
N ASP D 75 14.74 25.55 -65.39
CA ASP D 75 15.69 26.55 -65.86
C ASP D 75 15.10 27.65 -66.74
N THR D 76 14.21 27.32 -67.65
CA THR D 76 13.55 28.26 -68.55
C THR D 76 12.67 29.22 -67.78
N MET D 77 11.91 28.68 -66.81
CA MET D 77 11.06 29.51 -65.98
C MET D 77 11.87 30.57 -65.23
N PHE D 78 13.00 30.23 -64.60
CA PHE D 78 13.77 31.22 -63.86
C PHE D 78 14.48 32.22 -64.78
N ALA D 79 14.86 31.85 -65.99
CA ALA D 79 15.47 32.81 -66.92
C ALA D 79 14.43 33.85 -67.34
N GLU D 80 13.19 33.46 -67.56
CA GLU D 80 12.11 34.41 -67.82
C GLU D 80 11.83 35.31 -66.63
N LEU D 81 11.80 34.73 -65.41
CA LEU D 81 11.52 35.49 -64.20
C LEU D 81 12.61 36.54 -64.02
N GLY D 82 13.85 36.20 -64.33
CA GLY D 82 15.02 37.06 -64.23
C GLY D 82 14.94 38.32 -65.10
N LYS D 83 14.07 38.37 -66.12
CA LYS D 83 13.92 39.57 -66.93
C LYS D 83 13.19 40.68 -66.19
N VAL D 84 12.29 40.32 -65.26
CA VAL D 84 11.57 41.33 -64.50
C VAL D 84 12.04 41.38 -63.05
N TRP D 85 12.47 40.26 -62.48
CA TRP D 85 13.02 40.17 -61.13
C TRP D 85 14.42 39.57 -61.17
N PRO D 86 15.44 40.37 -61.48
CA PRO D 86 16.83 39.95 -61.53
C PRO D 86 17.26 39.32 -60.20
N LYS D 87 16.79 39.88 -59.09
CA LYS D 87 17.03 39.36 -57.75
C LYS D 87 15.64 39.32 -57.09
N PHE D 88 15.45 38.37 -56.16
CA PHE D 88 14.15 38.30 -55.46
C PHE D 88 14.40 37.67 -54.06
N ASP D 89 13.32 37.52 -53.25
CA ASP D 89 13.47 37.12 -51.85
C ASP D 89 12.98 35.75 -51.40
N GLY D 90 12.75 34.83 -52.33
CA GLY D 90 12.40 33.46 -51.93
C GLY D 90 11.23 32.89 -52.67
N PHE D 91 10.82 31.65 -52.33
CA PHE D 91 9.67 31.05 -53.02
C PHE D 91 8.93 30.08 -52.08
N VAL D 92 7.68 29.79 -52.44
CA VAL D 92 6.83 28.82 -51.76
C VAL D 92 6.59 27.61 -52.67
N HIS D 93 6.98 26.44 -52.18
CA HIS D 93 6.88 25.15 -52.87
C HIS D 93 5.67 24.42 -52.31
N SER D 94 4.55 24.40 -53.04
CA SER D 94 3.33 23.74 -52.57
C SER D 94 2.88 22.72 -53.61
N ILE D 95 3.64 21.63 -53.75
CA ILE D 95 3.56 20.67 -54.83
C ILE D 95 3.77 19.23 -54.32
N GLY D 96 2.85 18.36 -54.67
CA GLY D 96 3.00 16.94 -54.33
C GLY D 96 2.30 16.04 -55.37
N PHE D 97 2.78 14.80 -55.57
CA PHE D 97 2.11 13.84 -56.42
C PHE D 97 2.64 12.41 -56.19
N ALA D 98 1.74 11.45 -56.35
CA ALA D 98 2.02 10.02 -56.48
C ALA D 98 0.91 9.42 -57.34
N PRO D 99 1.20 8.40 -58.13
CA PRO D 99 0.20 7.72 -58.94
C PRO D 99 -0.95 7.30 -58.05
N GLY D 100 -2.19 7.40 -58.53
CA GLY D 100 -3.38 7.02 -57.77
C GLY D 100 -3.40 5.64 -57.12
N ASP D 101 -2.88 4.63 -57.81
CA ASP D 101 -2.78 3.25 -57.33
C ASP D 101 -1.94 3.13 -56.05
N GLN D 102 -1.02 4.07 -55.79
CA GLN D 102 -0.22 3.99 -54.57
C GLN D 102 -0.97 4.27 -53.27
N LEU D 103 -2.09 5.01 -53.32
CA LEU D 103 -2.78 5.48 -52.14
C LEU D 103 -4.03 4.77 -51.68
N ASP D 104 -4.11 3.47 -51.93
CA ASP D 104 -5.28 2.72 -51.49
C ASP D 104 -4.95 1.30 -50.98
N GLY D 105 -5.33 1.03 -49.73
CA GLY D 105 -5.12 -0.29 -49.14
C GLY D 105 -3.72 -0.53 -48.55
N ASP D 106 -3.46 -1.78 -48.18
CA ASP D 106 -2.17 -2.17 -47.59
C ASP D 106 -0.97 -1.59 -48.32
N TYR D 107 -0.05 -0.96 -47.57
CA TYR D 107 1.14 -0.29 -48.12
C TYR D 107 2.12 -1.23 -48.82
N VAL D 108 2.45 -2.36 -48.19
CA VAL D 108 3.38 -3.30 -48.86
C VAL D 108 2.84 -3.85 -50.17
N ASN D 109 1.54 -4.14 -50.28
CA ASN D 109 0.92 -4.60 -51.50
C ASN D 109 0.75 -3.49 -52.55
N ALA D 110 0.52 -2.25 -52.12
CA ALA D 110 0.37 -1.19 -53.14
C ALA D 110 1.63 -0.57 -53.74
N VAL D 111 2.71 -0.47 -52.93
CA VAL D 111 3.90 0.25 -53.39
C VAL D 111 4.61 -0.50 -54.52
N THR D 112 5.16 0.27 -55.49
CA THR D 112 5.91 -0.28 -56.60
C THR D 112 7.20 0.52 -56.80
N ARG D 113 8.19 -0.06 -57.47
CA ARG D 113 9.44 0.70 -57.70
C ARG D 113 9.16 2.03 -58.41
N GLU D 114 8.38 2.02 -59.50
CA GLU D 114 8.07 3.27 -60.22
C GLU D 114 7.18 4.22 -59.45
N GLY D 115 6.18 3.77 -58.67
CA GLY D 115 5.36 4.63 -57.82
C GLY D 115 6.21 5.39 -56.75
N PHE D 116 7.13 4.68 -56.13
CA PHE D 116 8.09 5.23 -55.16
C PHE D 116 8.96 6.29 -55.84
N LYS D 117 9.51 5.99 -57.01
CA LYS D 117 10.35 6.91 -57.76
C LYS D 117 9.64 8.21 -58.06
N ILE D 118 8.43 8.14 -58.62
CA ILE D 118 7.67 9.36 -58.94
C ILE D 118 7.32 10.17 -57.69
N ALA D 119 6.84 9.51 -56.63
CA ALA D 119 6.45 10.19 -55.41
C ALA D 119 7.62 11.00 -54.83
N HIS D 120 8.79 10.42 -54.77
CA HIS D 120 9.99 11.06 -54.21
C HIS D 120 10.50 12.16 -55.15
N ASP D 121 10.53 11.90 -56.46
CA ASP D 121 10.97 12.91 -57.43
C ASP D 121 10.11 14.16 -57.38
N ILE D 122 8.79 14.07 -57.55
CA ILE D 122 7.91 15.23 -57.52
C ILE D 122 7.71 15.86 -56.14
N SER D 123 7.48 15.07 -55.07
CA SER D 123 7.24 15.68 -53.76
C SER D 123 8.47 16.08 -52.97
N SER D 124 9.67 15.57 -53.23
CA SER D 124 10.86 15.97 -52.45
C SER D 124 11.98 16.52 -53.33
N TYR D 125 12.49 15.78 -54.37
CA TYR D 125 13.61 16.33 -55.14
C TYR D 125 13.33 17.71 -55.71
N SER D 126 12.12 17.95 -56.22
CA SER D 126 11.79 19.22 -56.84
C SER D 126 12.07 20.46 -55.99
N PHE D 127 11.95 20.40 -54.67
CA PHE D 127 12.20 21.53 -53.78
C PHE D 127 13.67 21.96 -53.91
N VAL D 128 14.60 20.99 -53.85
CA VAL D 128 16.01 21.35 -54.00
C VAL D 128 16.33 21.65 -55.48
N ALA D 129 15.60 21.11 -56.44
CA ALA D 129 15.87 21.43 -57.85
C ALA D 129 15.55 22.92 -58.09
N MET D 130 14.48 23.45 -57.50
CA MET D 130 14.21 24.90 -57.68
C MET D 130 15.30 25.75 -57.02
N ALA D 131 15.75 25.39 -55.82
CA ALA D 131 16.81 26.13 -55.12
C ALA D 131 18.12 26.18 -55.91
N LYS D 132 18.52 25.08 -56.53
CA LYS D 132 19.74 25.03 -57.34
C LYS D 132 19.67 26.02 -58.51
N ALA D 133 18.54 26.02 -59.20
CA ALA D 133 18.33 26.89 -60.35
C ALA D 133 18.28 28.38 -60.07
N CYS D 134 17.85 28.79 -58.87
CA CYS D 134 17.76 30.23 -58.58
C CYS D 134 18.69 30.73 -57.50
N ARG D 135 19.65 29.92 -57.06
CA ARG D 135 20.51 30.25 -55.92
C ARG D 135 21.18 31.61 -56.03
N SER D 136 21.76 31.92 -57.19
CA SER D 136 22.43 33.22 -57.34
C SER D 136 21.50 34.41 -57.51
N MET D 137 20.18 34.19 -57.65
CA MET D 137 19.18 35.23 -57.75
C MET D 137 18.63 35.67 -56.39
N LEU D 138 18.88 34.93 -55.32
CA LEU D 138 18.37 35.25 -53.99
C LEU D 138 19.11 36.34 -53.22
N ASN D 139 18.38 37.36 -52.77
CA ASN D 139 18.93 38.43 -51.93
C ASN D 139 19.29 37.91 -50.54
N PRO D 140 20.18 38.63 -49.85
CA PRO D 140 20.48 38.39 -48.45
C PRO D 140 19.14 38.51 -47.70
N GLY D 141 18.82 37.64 -46.72
CA GLY D 141 17.53 37.76 -46.05
C GLY D 141 16.42 36.93 -46.70
N SER D 142 16.71 36.16 -47.75
CA SER D 142 15.71 35.35 -48.42
C SER D 142 15.19 34.15 -47.60
N ALA D 143 13.99 33.66 -47.91
CA ALA D 143 13.40 32.51 -47.22
C ALA D 143 12.69 31.55 -48.17
N LEU D 144 12.91 30.24 -48.04
CA LEU D 144 12.23 29.24 -48.87
C LEU D 144 11.24 28.47 -47.98
N LEU D 145 10.09 28.06 -48.48
CA LEU D 145 9.12 27.31 -47.66
C LEU D 145 8.46 26.16 -48.44
N THR D 146 8.25 25.00 -47.79
CA THR D 146 7.57 23.85 -48.41
C THR D 146 6.47 23.35 -47.47
N LEU D 147 5.59 22.43 -47.92
CA LEU D 147 4.48 21.94 -47.13
C LEU D 147 4.56 20.40 -46.91
N SER D 148 4.49 19.97 -45.66
CA SER D 148 4.61 18.56 -45.29
C SER D 148 3.39 18.10 -44.52
N TYR D 149 3.35 16.85 -44.05
CA TYR D 149 2.21 16.26 -43.38
C TYR D 149 2.73 15.27 -42.34
N LEU D 150 1.97 15.03 -41.29
CA LEU D 150 2.28 14.08 -40.19
C LEU D 150 2.62 12.67 -40.65
N GLY D 151 2.16 12.26 -41.87
CA GLY D 151 2.57 10.99 -42.47
C GLY D 151 4.08 10.78 -42.64
N ALA D 152 4.88 11.84 -42.61
CA ALA D 152 6.33 11.74 -42.59
C ALA D 152 6.83 11.12 -41.29
N GLU D 153 6.18 11.40 -40.19
CA GLU D 153 6.54 11.04 -38.85
C GLU D 153 5.88 9.77 -38.30
N ARG D 154 4.64 9.46 -38.73
CA ARG D 154 3.90 8.31 -38.20
C ARG D 154 3.36 7.47 -39.37
N ALA D 155 3.06 6.18 -39.17
CA ALA D 155 2.45 5.39 -40.26
C ALA D 155 0.95 5.68 -40.29
N ILE D 156 0.41 6.19 -41.40
CA ILE D 156 -1.03 6.47 -41.48
C ILE D 156 -1.62 5.61 -42.63
N PRO D 157 -2.73 4.97 -42.38
CA PRO D 157 -3.39 4.12 -43.38
C PRO D 157 -3.63 4.87 -44.68
N ASN D 158 -3.33 4.29 -45.82
CA ASN D 158 -3.55 4.76 -47.18
C ASN D 158 -2.64 5.87 -47.69
N TYR D 159 -2.05 6.70 -46.82
CA TYR D 159 -1.08 7.72 -47.21
C TYR D 159 0.13 7.05 -47.83
N ASN D 160 0.48 5.84 -47.34
CA ASN D 160 1.43 4.95 -47.94
C ASN D 160 2.73 5.59 -48.43
N VAL D 161 3.17 5.45 -49.71
CA VAL D 161 4.49 5.94 -50.09
C VAL D 161 4.64 7.45 -50.00
N MET D 162 3.55 8.23 -50.00
CA MET D 162 3.63 9.68 -49.78
C MET D 162 4.25 9.96 -48.39
N GLY D 163 4.05 9.09 -47.41
CA GLY D 163 4.69 9.28 -46.07
C GLY D 163 6.22 9.26 -46.20
N LEU D 164 6.79 8.28 -46.95
CA LEU D 164 8.22 8.18 -47.18
C LEU D 164 8.73 9.42 -47.91
N ALA D 165 8.02 9.85 -48.97
CA ALA D 165 8.38 11.05 -49.71
C ALA D 165 8.43 12.31 -48.84
N LYS D 166 7.48 12.49 -47.93
CA LYS D 166 7.46 13.63 -47.00
C LYS D 166 8.60 13.51 -45.98
N ALA D 167 8.98 12.33 -45.49
CA ALA D 167 10.16 12.16 -44.67
C ALA D 167 11.43 12.63 -45.39
N SER D 168 11.59 12.26 -46.66
CA SER D 168 12.72 12.72 -47.48
C SER D 168 12.66 14.24 -47.63
N LEU D 169 11.48 14.84 -47.82
CA LEU D 169 11.35 16.31 -47.91
C LEU D 169 11.74 17.04 -46.64
N GLU D 170 11.37 16.58 -45.44
CA GLU D 170 11.74 17.22 -44.17
C GLU D 170 13.24 17.13 -43.96
N ALA D 171 13.88 16.01 -44.34
CA ALA D 171 15.35 15.96 -44.32
C ALA D 171 15.91 16.98 -45.34
N ASN D 172 15.30 17.15 -46.49
CA ASN D 172 15.70 18.11 -47.51
C ASN D 172 15.76 19.50 -46.92
N VAL D 173 14.72 19.89 -46.16
CA VAL D 173 14.66 21.17 -45.44
C VAL D 173 15.88 21.36 -44.53
N ARG D 174 16.26 20.34 -43.77
CA ARG D 174 17.44 20.45 -42.88
C ARG D 174 18.74 20.61 -43.66
N TYR D 175 19.07 19.74 -44.63
CA TYR D 175 20.26 19.83 -45.47
C TYR D 175 20.31 21.15 -46.26
N MET D 176 19.23 21.62 -46.83
CA MET D 176 19.19 22.93 -47.53
C MET D 176 19.49 24.11 -46.59
N ALA D 177 18.85 24.18 -45.41
CA ALA D 177 19.09 25.24 -44.45
C ALA D 177 20.57 25.26 -44.01
N ASN D 178 21.15 24.07 -43.84
CA ASN D 178 22.56 24.04 -43.40
C ASN D 178 23.48 24.52 -44.54
N ALA D 179 23.15 24.17 -45.80
CA ALA D 179 24.03 24.57 -46.90
C ALA D 179 23.88 26.04 -47.28
N MET D 180 22.67 26.59 -47.19
CA MET D 180 22.39 27.93 -47.69
C MET D 180 22.42 29.04 -46.64
N GLY D 181 22.41 28.69 -45.37
CA GLY D 181 22.44 29.61 -44.25
C GLY D 181 23.59 30.62 -44.26
N PRO D 182 24.81 30.18 -44.50
CA PRO D 182 25.98 31.05 -44.53
C PRO D 182 25.90 32.15 -45.55
N GLU D 183 25.18 31.97 -46.65
CA GLU D 183 24.99 33.02 -47.65
C GLU D 183 23.75 33.86 -47.40
N GLY D 184 23.07 33.70 -46.26
CA GLY D 184 21.93 34.45 -45.86
C GLY D 184 20.56 34.01 -46.27
N VAL D 185 20.32 32.73 -46.48
CA VAL D 185 18.98 32.24 -46.87
C VAL D 185 18.47 31.26 -45.81
N ARG D 186 17.21 31.41 -45.40
CA ARG D 186 16.60 30.45 -44.46
C ARG D 186 15.70 29.46 -45.19
N VAL D 187 15.52 28.24 -44.68
CA VAL D 187 14.67 27.21 -45.30
C VAL D 187 13.85 26.45 -44.25
N ASN D 188 12.50 26.48 -44.34
CA ASN D 188 11.63 25.78 -43.40
C ASN D 188 10.40 25.11 -44.04
N ALA D 189 9.61 24.38 -43.23
CA ALA D 189 8.37 23.78 -43.71
C ALA D 189 7.25 23.97 -42.68
N ILE D 190 6.01 23.87 -43.14
CA ILE D 190 4.82 23.77 -42.34
C ILE D 190 4.25 22.35 -42.52
N SER D 191 3.97 21.62 -41.46
CA SER D 191 3.32 20.35 -41.43
C SER D 191 1.84 20.70 -41.17
N ALA D 192 1.05 20.75 -42.24
CA ALA D 192 -0.34 21.17 -42.06
C ALA D 192 -1.28 20.02 -41.67
N GLY D 193 -2.30 20.35 -40.89
CA GLY D 193 -3.38 19.37 -40.57
C GLY D 193 -4.18 19.17 -41.87
N PRO D 194 -5.11 18.20 -41.87
CA PRO D 194 -5.93 17.89 -43.04
C PRO D 194 -6.89 19.00 -43.44
N ILE D 195 -6.90 19.31 -44.74
CA ILE D 195 -7.71 20.36 -45.36
C ILE D 195 -8.30 19.83 -46.68
N ARG D 196 -9.59 20.07 -46.93
CA ARG D 196 -10.23 19.57 -48.15
C ARG D 196 -9.77 20.36 -49.36
N THR D 197 -8.96 19.77 -50.24
CA THR D 197 -8.42 20.34 -51.46
C THR D 197 -8.62 19.34 -52.62
N LEU D 198 -8.34 19.74 -53.86
CA LEU D 198 -8.45 18.80 -54.98
C LEU D 198 -7.60 17.55 -54.79
N ALA D 199 -6.33 17.71 -54.37
CA ALA D 199 -5.47 16.53 -54.21
C ALA D 199 -5.90 15.63 -53.06
N ALA D 200 -6.55 16.18 -52.03
CA ALA D 200 -6.97 15.41 -50.87
C ALA D 200 -7.96 14.30 -51.22
N SER D 201 -8.72 14.47 -52.29
CA SER D 201 -9.72 13.51 -52.75
C SER D 201 -9.09 12.23 -53.27
N GLY D 202 -7.81 12.25 -53.62
CA GLY D 202 -7.07 11.09 -54.06
C GLY D 202 -6.65 10.13 -52.95
N ILE D 203 -6.79 10.49 -51.68
CA ILE D 203 -6.46 9.63 -50.56
C ILE D 203 -7.68 8.82 -50.09
N LYS D 204 -7.56 7.49 -50.21
CA LYS D 204 -8.68 6.65 -49.82
C LYS D 204 -9.15 6.97 -48.40
N ASP D 205 -10.44 7.26 -48.23
CA ASP D 205 -11.02 7.57 -46.94
C ASP D 205 -10.50 8.87 -46.32
N PHE D 206 -10.13 9.87 -47.13
CA PHE D 206 -9.74 11.19 -46.65
C PHE D 206 -10.82 11.77 -45.73
N ARG D 207 -12.08 11.71 -46.15
CA ARG D 207 -13.20 12.20 -45.37
C ARG D 207 -13.21 11.68 -43.94
N LYS D 208 -12.79 10.43 -43.69
CA LYS D 208 -12.76 9.90 -42.33
C LYS D 208 -11.64 10.54 -41.52
N MET D 209 -10.48 10.75 -42.13
CA MET D 209 -9.36 11.40 -41.44
C MET D 209 -9.81 12.78 -40.96
N LEU D 210 -10.49 13.51 -41.85
CA LEU D 210 -10.98 14.84 -41.55
C LEU D 210 -11.93 14.88 -40.37
N ALA D 211 -12.91 13.99 -40.34
CA ALA D 211 -13.89 13.89 -39.27
C ALA D 211 -13.25 13.57 -37.92
N HIS D 212 -12.33 12.59 -37.93
CA HIS D 212 -11.63 12.20 -36.70
C HIS D 212 -10.84 13.37 -36.13
N CYS D 213 -10.11 14.09 -36.98
CA CYS D 213 -9.27 15.20 -36.57
C CYS D 213 -10.09 16.32 -35.97
N GLU D 214 -11.30 16.57 -36.46
CA GLU D 214 -12.13 17.63 -35.87
C GLU D 214 -12.51 17.37 -34.43
N ALA D 215 -12.85 16.13 -34.08
CA ALA D 215 -13.27 15.69 -32.78
C ALA D 215 -12.14 15.61 -31.73
N VAL D 216 -10.92 15.22 -32.13
CA VAL D 216 -9.83 15.09 -31.14
C VAL D 216 -8.74 16.14 -31.13
N THR D 217 -8.68 17.06 -32.08
CA THR D 217 -7.65 18.13 -32.06
C THR D 217 -7.91 19.02 -30.85
N PRO D 218 -6.90 19.46 -30.11
CA PRO D 218 -7.03 20.35 -28.98
C PRO D 218 -7.87 21.58 -29.26
N ILE D 219 -7.73 22.27 -30.40
CA ILE D 219 -8.58 23.46 -30.63
C ILE D 219 -9.98 23.10 -31.14
N ARG D 220 -10.25 21.83 -31.33
CA ARG D 220 -11.57 21.28 -31.65
C ARG D 220 -12.16 21.75 -32.97
N ARG D 221 -11.32 21.94 -33.97
CA ARG D 221 -11.71 22.29 -35.34
C ARG D 221 -10.52 21.90 -36.23
N THR D 222 -10.76 21.74 -37.53
CA THR D 222 -9.61 21.47 -38.40
C THR D 222 -9.06 22.84 -38.83
N VAL D 223 -7.85 22.92 -39.32
CA VAL D 223 -7.23 24.16 -39.73
C VAL D 223 -7.70 24.59 -41.12
N THR D 224 -7.54 25.86 -41.43
CA THR D 224 -7.91 26.43 -42.72
C THR D 224 -6.71 26.89 -43.54
N ILE D 225 -6.92 27.18 -44.83
CA ILE D 225 -5.92 27.78 -45.70
C ILE D 225 -5.54 29.18 -45.22
N GLU D 226 -6.39 29.88 -44.48
CA GLU D 226 -6.11 31.17 -43.86
C GLU D 226 -5.15 30.98 -42.69
N ASP D 227 -5.34 29.90 -41.89
CA ASP D 227 -4.44 29.62 -40.77
C ASP D 227 -3.07 29.31 -41.34
N VAL D 228 -3.03 28.46 -42.39
CA VAL D 228 -1.74 28.07 -42.99
C VAL D 228 -1.11 29.25 -43.69
N GLY D 229 -1.94 30.08 -44.35
CA GLY D 229 -1.42 31.28 -45.04
C GLY D 229 -0.72 32.29 -44.14
N ASN D 230 -1.33 32.58 -42.98
CA ASN D 230 -0.77 33.49 -41.97
C ASN D 230 0.56 32.98 -41.42
N SER D 231 0.65 31.68 -41.10
CA SER D 231 1.93 31.09 -40.69
C SER D 231 2.98 31.09 -41.80
N ALA D 232 2.55 30.88 -43.07
CA ALA D 232 3.49 30.94 -44.19
C ALA D 232 4.02 32.37 -44.40
N ALA D 233 3.12 33.37 -44.28
CA ALA D 233 3.58 34.76 -44.41
C ALA D 233 4.66 35.07 -43.37
N PHE D 234 4.38 34.68 -42.11
CA PHE D 234 5.37 34.88 -41.05
C PHE D 234 6.68 34.19 -41.36
N LEU D 235 6.66 32.91 -41.77
CA LEU D 235 7.90 32.16 -42.03
C LEU D 235 8.69 32.64 -43.24
N CYS D 236 8.12 33.48 -44.11
CA CYS D 236 8.85 34.05 -45.25
C CYS D 236 9.18 35.53 -45.05
N SER D 237 8.91 36.09 -43.87
CA SER D 237 9.19 37.48 -43.53
C SER D 237 10.42 37.61 -42.61
N ASP D 238 10.88 38.88 -42.41
CA ASP D 238 12.02 39.10 -41.52
C ASP D 238 11.67 38.91 -40.06
N LEU D 239 10.37 38.83 -39.72
CA LEU D 239 9.94 38.55 -38.36
C LEU D 239 10.49 37.20 -37.92
N SER D 240 10.64 36.23 -38.83
CA SER D 240 11.15 34.89 -38.42
C SER D 240 12.62 34.69 -38.69
N ALA D 241 13.47 35.73 -38.61
CA ALA D 241 14.89 35.66 -38.87
C ALA D 241 15.69 34.72 -38.00
N GLY D 242 15.16 34.35 -36.82
CA GLY D 242 15.81 33.41 -35.92
C GLY D 242 15.43 31.95 -36.17
N ILE D 243 14.54 31.67 -37.13
CA ILE D 243 14.08 30.31 -37.42
C ILE D 243 14.60 29.73 -38.75
N SER D 244 15.30 28.60 -38.75
CA SER D 244 15.73 27.93 -39.97
C SER D 244 15.92 26.43 -39.75
N GLY D 245 15.59 25.63 -40.74
CA GLY D 245 15.64 24.18 -40.74
C GLY D 245 14.51 23.53 -39.92
N GLU D 246 13.47 24.32 -39.63
CA GLU D 246 12.41 23.84 -38.72
C GLU D 246 11.19 23.30 -39.44
N VAL D 247 10.55 22.28 -38.88
CA VAL D 247 9.24 21.83 -39.39
C VAL D 247 8.16 22.28 -38.39
N VAL D 248 7.38 23.31 -38.70
CA VAL D 248 6.38 23.85 -37.78
C VAL D 248 4.98 23.22 -37.95
N HIS D 249 4.44 22.65 -36.86
CA HIS D 249 3.11 22.03 -36.94
C HIS D 249 1.99 23.08 -36.86
N VAL D 250 1.22 23.13 -37.97
CA VAL D 250 0.02 23.97 -38.06
C VAL D 250 -1.19 23.06 -38.24
N ASP D 251 -1.48 22.25 -37.22
CA ASP D 251 -2.54 21.23 -37.22
C ASP D 251 -3.44 21.32 -36.00
N GLY D 252 -3.48 22.46 -35.30
CA GLY D 252 -4.29 22.71 -34.11
C GLY D 252 -3.86 21.93 -32.85
N GLY D 253 -2.68 21.33 -32.87
CA GLY D 253 -2.23 20.51 -31.76
C GLY D 253 -2.54 19.03 -31.91
N PHE D 254 -3.08 18.57 -33.02
CA PHE D 254 -3.39 17.15 -33.21
C PHE D 254 -2.23 16.22 -32.92
N SER D 255 -1.01 16.49 -33.43
CA SER D 255 0.08 15.52 -33.26
C SER D 255 0.61 15.36 -31.82
N ILE D 256 0.35 16.30 -30.92
CA ILE D 256 0.89 16.24 -29.57
C ILE D 256 -0.01 15.58 -28.55
N ALA D 257 -1.16 15.04 -28.95
CA ALA D 257 -2.06 14.40 -28.00
C ALA D 257 -2.33 12.96 -28.38
N ALA D 258 -2.83 12.15 -27.44
CA ALA D 258 -3.11 10.74 -27.70
C ALA D 258 -4.29 10.26 -26.83
N MET D 259 -5.20 9.50 -27.45
CA MET D 259 -6.35 8.92 -26.78
C MET D 259 -7.38 9.93 -26.27
N ASN D 260 -7.53 11.09 -26.91
CA ASN D 260 -8.60 12.01 -26.52
C ASN D 260 -9.96 11.37 -26.78
N GLU D 261 -10.09 10.44 -27.71
CA GLU D 261 -11.29 9.72 -28.06
C GLU D 261 -11.96 9.00 -26.89
N LEU D 262 -11.22 8.65 -25.85
CA LEU D 262 -11.72 7.92 -24.71
C LEU D 262 -12.70 8.72 -23.85
N GLY E 5 2.35 -34.61 58.03
CA GLY E 5 1.62 -34.07 56.86
C GLY E 5 2.35 -32.91 56.19
N PHE E 6 1.74 -32.35 55.14
CA PHE E 6 2.38 -31.26 54.38
C PHE E 6 2.31 -29.89 55.03
N LEU E 7 1.64 -29.70 56.17
CA LEU E 7 1.62 -28.44 56.90
C LEU E 7 2.42 -28.55 58.19
N SER E 8 3.15 -29.65 58.37
CA SER E 8 3.97 -29.80 59.58
C SER E 8 4.95 -28.63 59.70
N GLY E 9 5.00 -27.97 60.85
CA GLY E 9 5.93 -26.86 61.05
C GLY E 9 5.28 -25.50 60.82
N LYS E 10 4.00 -25.52 60.39
CA LYS E 10 3.31 -24.25 60.09
C LYS E 10 2.34 -23.88 61.22
N ARG E 11 2.14 -22.59 61.45
CA ARG E 11 1.17 -22.07 62.41
C ARG E 11 0.16 -21.17 61.70
N ILE E 12 -1.11 -21.55 61.65
CA ILE E 12 -2.14 -20.84 60.89
C ILE E 12 -3.36 -20.40 61.71
N LEU E 13 -3.80 -19.17 61.61
CA LEU E 13 -5.00 -18.63 62.24
C LEU E 13 -6.24 -18.82 61.38
N VAL E 14 -7.36 -19.29 61.95
CA VAL E 14 -8.60 -19.56 61.26
C VAL E 14 -9.80 -18.74 61.76
N THR E 15 -10.38 -17.93 60.87
CA THR E 15 -11.53 -17.12 61.26
C THR E 15 -12.79 -17.82 60.79
N GLY E 16 -13.95 -17.34 61.22
CA GLY E 16 -15.22 -17.80 60.65
C GLY E 16 -15.82 -19.12 61.03
N VAL E 17 -15.36 -19.85 62.02
CA VAL E 17 -16.05 -21.08 62.43
C VAL E 17 -17.32 -20.73 63.18
N ALA E 18 -18.50 -20.99 62.63
CA ALA E 18 -19.77 -20.72 63.29
C ALA E 18 -20.50 -22.01 63.66
N SER E 19 -20.33 -23.06 62.87
CA SER E 19 -20.97 -24.35 63.20
C SER E 19 -20.19 -25.46 62.53
N LYS E 20 -20.59 -26.72 62.70
CA LYS E 20 -19.89 -27.82 62.07
C LYS E 20 -20.16 -27.93 60.56
N LEU E 21 -21.09 -27.13 60.02
CA LEU E 21 -21.34 -27.09 58.61
C LEU E 21 -20.45 -26.02 57.92
N SER E 22 -19.87 -25.12 58.70
CA SER E 22 -19.10 -24.00 58.20
C SER E 22 -17.94 -24.38 57.27
N ILE E 23 -17.76 -23.61 56.18
CA ILE E 23 -16.59 -23.90 55.33
C ILE E 23 -15.31 -23.85 56.16
N ALA E 24 -15.16 -22.87 57.07
CA ALA E 24 -13.95 -22.78 57.88
C ALA E 24 -13.77 -23.96 58.81
N TYR E 25 -14.87 -24.64 59.22
CA TYR E 25 -14.73 -25.84 60.04
C TYR E 25 -14.06 -26.94 59.22
N GLY E 26 -14.49 -27.11 57.96
CA GLY E 26 -13.89 -28.12 57.07
C GLY E 26 -12.42 -27.80 56.75
N ILE E 27 -12.10 -26.51 56.64
CA ILE E 27 -10.70 -26.12 56.42
C ILE E 27 -9.87 -26.47 57.65
N ALA E 28 -10.31 -26.10 58.86
CA ALA E 28 -9.59 -26.41 60.08
C ALA E 28 -9.36 -27.92 60.23
N GLN E 29 -10.37 -28.74 59.95
CA GLN E 29 -10.22 -30.20 60.00
C GLN E 29 -9.11 -30.71 59.07
N ALA E 30 -9.10 -30.24 57.82
CA ALA E 30 -8.06 -30.66 56.87
C ALA E 30 -6.67 -30.22 57.32
N MET E 31 -6.54 -28.97 57.79
CA MET E 31 -5.19 -28.49 58.18
C MET E 31 -4.67 -29.23 59.42
N HIS E 32 -5.60 -29.58 60.32
CA HIS E 32 -5.22 -30.35 61.51
C HIS E 32 -4.65 -31.71 61.11
N ARG E 33 -5.34 -32.37 60.18
CA ARG E 33 -4.96 -33.66 59.65
C ARG E 33 -3.59 -33.62 59.00
N GLU E 34 -3.23 -32.50 58.36
CA GLU E 34 -1.95 -32.35 57.71
C GLU E 34 -0.86 -31.78 58.59
N GLY E 35 -1.07 -31.68 59.91
CA GLY E 35 0.01 -31.31 60.80
C GLY E 35 0.21 -29.89 61.22
N ALA E 36 -0.69 -28.97 60.84
CA ALA E 36 -0.52 -27.58 61.26
C ALA E 36 -0.87 -27.40 62.75
N GLU E 37 -0.31 -26.36 63.34
CA GLU E 37 -0.74 -25.91 64.67
C GLU E 37 -1.80 -24.82 64.42
N LEU E 38 -2.95 -24.84 65.05
CA LEU E 38 -3.99 -23.85 64.79
C LEU E 38 -4.38 -22.90 65.92
N ALA E 39 -4.94 -21.76 65.57
CA ALA E 39 -5.47 -20.76 66.49
C ALA E 39 -6.81 -20.29 65.90
N PHE E 40 -7.79 -19.90 66.71
CA PHE E 40 -9.09 -19.52 66.17
C PHE E 40 -9.63 -18.18 66.66
N THR E 41 -10.50 -17.54 65.89
CA THR E 41 -11.19 -16.32 66.34
C THR E 41 -12.71 -16.52 66.37
N TYR E 42 -13.45 -15.66 67.06
CA TYR E 42 -14.91 -15.66 67.14
C TYR E 42 -15.40 -14.23 67.14
N GLN E 43 -16.49 -13.94 66.45
CA GLN E 43 -17.01 -12.61 66.18
C GLN E 43 -17.39 -11.83 67.43
N ASN E 44 -18.17 -12.43 68.33
CA ASN E 44 -18.63 -11.81 69.56
C ASN E 44 -18.87 -12.88 70.62
N ASP E 45 -19.13 -12.46 71.87
CA ASP E 45 -19.34 -13.41 72.96
C ASP E 45 -20.40 -14.46 72.70
N LYS E 46 -21.42 -14.17 71.89
CA LYS E 46 -22.40 -15.17 71.48
C LYS E 46 -21.86 -16.38 70.73
N LEU E 47 -20.64 -16.32 70.20
CA LEU E 47 -20.00 -17.44 69.53
C LEU E 47 -18.83 -18.01 70.30
N LYS E 48 -18.35 -17.29 71.33
CA LYS E 48 -17.21 -17.80 72.08
C LYS E 48 -17.34 -19.27 72.43
N GLY E 49 -18.43 -19.64 73.10
CA GLY E 49 -18.64 -21.02 73.55
C GLY E 49 -18.54 -22.08 72.48
N ARG E 50 -19.19 -21.91 71.31
CA ARG E 50 -19.10 -22.97 70.31
C ARG E 50 -17.73 -23.01 69.65
N VAL E 51 -17.07 -21.85 69.50
CA VAL E 51 -15.72 -21.89 68.86
C VAL E 51 -14.75 -22.53 69.82
N GLU E 52 -14.83 -22.24 71.11
CA GLU E 52 -13.95 -22.86 72.10
C GLU E 52 -14.05 -24.39 72.12
N GLU E 53 -15.26 -24.91 71.89
CA GLU E 53 -15.51 -26.35 71.91
C GLU E 53 -14.84 -27.07 70.74
N PHE E 54 -14.94 -26.46 69.56
CA PHE E 54 -14.30 -27.00 68.36
C PHE E 54 -12.78 -27.00 68.49
N ALA E 55 -12.23 -25.86 68.92
CA ALA E 55 -10.78 -25.75 69.10
C ALA E 55 -10.21 -26.84 70.00
N ALA E 56 -10.82 -27.05 71.18
CA ALA E 56 -10.37 -28.07 72.11
C ALA E 56 -10.25 -29.43 71.45
N GLN E 57 -11.28 -29.80 70.69
CA GLN E 57 -11.28 -31.04 69.91
C GLN E 57 -10.15 -31.18 68.90
N LEU E 58 -9.63 -30.08 68.38
CA LEU E 58 -8.55 -30.13 67.41
C LEU E 58 -7.17 -29.90 68.02
N GLY E 59 -7.07 -29.87 69.34
CA GLY E 59 -5.78 -29.71 69.99
C GLY E 59 -5.31 -28.29 70.24
N SER E 60 -6.18 -27.31 70.09
CA SER E 60 -5.83 -25.92 70.28
C SER E 60 -6.44 -25.27 71.53
N ASP E 61 -5.65 -24.45 72.21
CA ASP E 61 -6.21 -23.67 73.31
C ASP E 61 -6.09 -22.16 73.05
N ILE E 62 -5.92 -21.76 71.79
CA ILE E 62 -5.81 -20.36 71.40
C ILE E 62 -7.09 -19.92 70.71
N VAL E 63 -7.95 -19.20 71.43
CA VAL E 63 -9.29 -18.83 70.95
C VAL E 63 -9.55 -17.36 71.28
N LEU E 64 -9.53 -16.46 70.31
CA LEU E 64 -9.58 -15.02 70.53
C LEU E 64 -10.67 -14.27 69.82
N GLN E 65 -11.18 -13.22 70.50
CA GLN E 65 -12.29 -12.46 69.92
C GLN E 65 -11.83 -11.53 68.81
N CYS E 66 -12.69 -11.34 67.80
CA CYS E 66 -12.33 -10.37 66.75
C CYS E 66 -13.55 -10.03 65.92
N ASP E 67 -13.98 -8.77 66.01
CA ASP E 67 -15.08 -8.28 65.15
C ASP E 67 -14.37 -7.44 64.08
N VAL E 68 -14.36 -7.88 62.81
CA VAL E 68 -13.60 -7.16 61.78
C VAL E 68 -14.18 -5.81 61.39
N ALA E 69 -15.32 -5.40 61.96
CA ALA E 69 -15.92 -4.10 61.77
C ALA E 69 -15.09 -3.02 62.49
N GLU E 70 -14.31 -3.44 63.47
CA GLU E 70 -13.55 -2.54 64.33
C GLU E 70 -12.04 -2.65 64.24
N ASP E 71 -11.35 -1.56 63.90
CA ASP E 71 -9.89 -1.60 63.82
C ASP E 71 -9.30 -2.02 65.16
N ALA E 72 -9.81 -1.47 66.28
CA ALA E 72 -9.26 -1.78 67.59
C ALA E 72 -9.39 -3.26 67.93
N SER E 73 -10.53 -3.88 67.61
CA SER E 73 -10.70 -5.31 67.87
C SER E 73 -9.63 -6.12 67.13
N ILE E 74 -9.37 -5.79 65.84
CA ILE E 74 -8.34 -6.49 65.07
C ILE E 74 -6.94 -6.30 65.68
N ASP E 75 -6.61 -5.04 66.02
CA ASP E 75 -5.30 -4.80 66.66
C ASP E 75 -5.15 -5.49 68.02
N THR E 76 -6.21 -5.52 68.82
CA THR E 76 -6.11 -6.17 70.14
C THR E 76 -5.94 -7.68 69.96
N MET E 77 -6.63 -8.26 68.97
CA MET E 77 -6.51 -9.71 68.75
C MET E 77 -5.09 -10.12 68.39
N PHE E 78 -4.42 -9.38 67.48
CA PHE E 78 -3.07 -9.74 67.07
C PHE E 78 -2.03 -9.53 68.16
N ALA E 79 -2.30 -8.56 69.04
CA ALA E 79 -1.35 -8.34 70.16
C ALA E 79 -1.46 -9.52 71.14
N GLU E 80 -2.66 -10.08 71.35
CA GLU E 80 -2.78 -11.24 72.21
C GLU E 80 -2.13 -12.46 71.51
N LEU E 81 -2.43 -12.62 70.21
CA LEU E 81 -1.83 -13.73 69.46
C LEU E 81 -0.31 -13.71 69.60
N GLY E 82 0.27 -12.51 69.52
CA GLY E 82 1.70 -12.30 69.59
C GLY E 82 2.35 -12.84 70.85
N LYS E 83 1.59 -12.92 71.96
CA LYS E 83 2.14 -13.47 73.21
C LYS E 83 2.47 -14.96 73.14
N VAL E 84 1.82 -15.75 72.27
CA VAL E 84 2.11 -17.18 72.16
C VAL E 84 2.78 -17.50 70.82
N TRP E 85 2.46 -16.75 69.77
CA TRP E 85 3.00 -16.92 68.42
C TRP E 85 3.56 -15.58 67.95
N PRO E 86 4.77 -15.21 68.38
CA PRO E 86 5.42 -13.97 68.00
C PRO E 86 5.53 -13.85 66.47
N LYS E 87 5.75 -14.99 65.81
CA LYS E 87 5.77 -15.13 64.37
C LYS E 87 4.85 -16.30 64.00
N PHE E 88 4.22 -16.22 62.82
CA PHE E 88 3.35 -17.29 62.35
C PHE E 88 3.30 -17.27 60.81
N ASP E 89 2.54 -18.21 60.24
CA ASP E 89 2.64 -18.44 58.80
C ASP E 89 1.43 -18.13 57.92
N GLY E 90 0.47 -17.34 58.40
CA GLY E 90 -0.65 -16.94 57.56
C GLY E 90 -2.00 -17.14 58.26
N PHE E 91 -3.06 -16.78 57.54
CA PHE E 91 -4.41 -16.88 58.13
C PHE E 91 -5.42 -17.15 57.02
N VAL E 92 -6.58 -17.69 57.41
CA VAL E 92 -7.72 -17.98 56.55
C VAL E 92 -8.87 -17.04 56.92
N HIS E 93 -9.32 -16.23 55.98
CA HIS E 93 -10.41 -15.26 56.13
C HIS E 93 -11.67 -15.85 55.52
N SER E 94 -12.62 -16.29 56.33
CA SER E 94 -13.86 -16.95 55.87
C SER E 94 -15.03 -16.24 56.54
N ILE E 95 -15.24 -14.99 56.16
CA ILE E 95 -16.15 -14.01 56.70
C ILE E 95 -16.90 -13.23 55.63
N GLY E 96 -18.21 -13.07 55.79
CA GLY E 96 -18.98 -12.29 54.81
C GLY E 96 -20.30 -11.81 55.43
N PHE E 97 -20.79 -10.64 55.01
CA PHE E 97 -22.06 -10.14 55.52
C PHE E 97 -22.65 -9.00 54.71
N ALA E 98 -23.99 -8.99 54.65
CA ALA E 98 -24.73 -7.83 54.12
C ALA E 98 -26.06 -7.90 54.90
N PRO E 99 -26.67 -6.78 55.17
CA PRO E 99 -27.95 -6.74 55.87
C PRO E 99 -28.95 -7.58 55.10
N GLY E 100 -29.80 -8.33 55.80
CA GLY E 100 -30.77 -9.23 55.20
C GLY E 100 -31.67 -8.66 54.14
N ASP E 101 -32.02 -7.38 54.21
CA ASP E 101 -32.87 -6.70 53.25
C ASP E 101 -32.20 -6.49 51.90
N GLN E 102 -30.90 -6.69 51.79
CA GLN E 102 -30.19 -6.53 50.52
C GLN E 102 -30.30 -7.75 49.62
N LEU E 103 -30.61 -8.93 50.17
CA LEU E 103 -30.58 -10.17 49.41
C LEU E 103 -31.85 -10.86 48.97
N ASP E 104 -32.85 -10.09 48.62
CA ASP E 104 -34.12 -10.69 48.15
C ASP E 104 -34.74 -9.74 47.14
N GLY E 105 -35.03 -10.24 45.95
CA GLY E 105 -35.67 -9.47 44.92
C GLY E 105 -34.75 -8.56 44.10
N ASP E 106 -35.36 -7.72 43.27
CA ASP E 106 -34.63 -6.83 42.38
C ASP E 106 -33.45 -6.11 42.98
N TYR E 107 -32.26 -6.31 42.36
CA TYR E 107 -31.06 -5.62 42.85
C TYR E 107 -31.19 -4.12 42.90
N VAL E 108 -31.66 -3.48 41.80
CA VAL E 108 -31.70 -2.01 41.80
C VAL E 108 -32.68 -1.52 42.88
N ASN E 109 -33.82 -2.18 43.02
CA ASN E 109 -34.78 -1.79 44.05
C ASN E 109 -34.25 -1.98 45.46
N ALA E 110 -33.56 -3.07 45.76
CA ALA E 110 -33.13 -3.39 47.11
C ALA E 110 -31.88 -2.76 47.66
N VAL E 111 -30.88 -2.47 46.82
CA VAL E 111 -29.62 -1.94 47.32
C VAL E 111 -29.78 -0.54 47.86
N THR E 112 -29.06 -0.22 48.94
CA THR E 112 -29.05 1.12 49.53
C THR E 112 -27.60 1.54 49.79
N ARG E 113 -27.36 2.82 50.04
CA ARG E 113 -25.97 3.27 50.27
C ARG E 113 -25.39 2.60 51.50
N GLU E 114 -26.23 2.47 52.54
CA GLU E 114 -25.75 1.82 53.77
C GLU E 114 -25.53 0.33 53.60
N GLY E 115 -26.43 -0.37 52.91
CA GLY E 115 -26.24 -1.81 52.70
C GLY E 115 -24.95 -2.08 51.89
N PHE E 116 -24.75 -1.27 50.87
CA PHE E 116 -23.57 -1.38 49.99
C PHE E 116 -22.32 -1.17 50.82
N LYS E 117 -22.28 -0.09 51.60
CA LYS E 117 -21.13 0.21 52.45
C LYS E 117 -20.80 -0.90 53.42
N ILE E 118 -21.78 -1.47 54.10
CA ILE E 118 -21.56 -2.55 55.07
C ILE E 118 -21.07 -3.81 54.39
N ALA E 119 -21.73 -4.22 53.30
CA ALA E 119 -21.31 -5.40 52.56
C ALA E 119 -19.84 -5.26 52.12
N HIS E 120 -19.45 -4.11 51.60
CA HIS E 120 -18.07 -3.93 51.14
C HIS E 120 -17.09 -3.89 52.31
N ASP E 121 -17.47 -3.24 53.40
CA ASP E 121 -16.60 -3.13 54.57
C ASP E 121 -16.32 -4.48 55.19
N ILE E 122 -17.32 -5.27 55.55
CA ILE E 122 -17.13 -6.58 56.16
C ILE E 122 -16.65 -7.70 55.24
N SER E 123 -17.06 -7.72 53.97
CA SER E 123 -16.72 -8.84 53.08
C SER E 123 -15.43 -8.61 52.29
N SER E 124 -15.01 -7.38 52.08
CA SER E 124 -13.77 -7.11 51.32
C SER E 124 -12.73 -6.33 52.09
N TYR E 125 -13.02 -5.11 52.61
CA TYR E 125 -12.00 -4.36 53.33
C TYR E 125 -11.34 -5.13 54.47
N SER E 126 -12.12 -5.88 55.26
CA SER E 126 -11.58 -6.60 56.40
C SER E 126 -10.41 -7.53 56.09
N PHE E 127 -10.36 -8.11 54.88
CA PHE E 127 -9.24 -8.99 54.54
C PHE E 127 -7.93 -8.17 54.59
N VAL E 128 -7.93 -7.01 53.95
CA VAL E 128 -6.68 -6.22 53.99
C VAL E 128 -6.47 -5.54 55.35
N ALA E 129 -7.56 -5.29 56.12
CA ALA E 129 -7.38 -4.74 57.46
C ALA E 129 -6.55 -5.73 58.26
N MET E 130 -6.88 -7.04 58.17
CA MET E 130 -6.17 -8.04 58.94
C MET E 130 -4.70 -8.15 58.51
N ALA E 131 -4.43 -8.10 57.21
CA ALA E 131 -3.05 -8.14 56.72
C ALA E 131 -2.25 -6.94 57.24
N LYS E 132 -2.81 -5.75 57.20
CA LYS E 132 -2.07 -4.58 57.72
C LYS E 132 -1.66 -4.78 59.19
N ALA E 133 -2.55 -5.28 60.04
CA ALA E 133 -2.30 -5.43 61.47
C ALA E 133 -1.28 -6.50 61.80
N CYS E 134 -1.10 -7.54 61.00
CA CYS E 134 -0.13 -8.59 61.33
C CYS E 134 1.07 -8.66 60.39
N ARG E 135 1.24 -7.73 59.45
CA ARG E 135 2.30 -7.77 58.46
C ARG E 135 3.70 -8.07 58.99
N SER E 136 4.09 -7.44 60.11
CA SER E 136 5.43 -7.73 60.66
C SER E 136 5.56 -9.01 61.47
N MET E 137 4.51 -9.79 61.70
CA MET E 137 4.52 -11.07 62.37
C MET E 137 4.62 -12.25 61.38
N LEU E 138 4.55 -11.99 60.06
CA LEU E 138 4.57 -13.09 59.10
C LEU E 138 5.97 -13.53 58.68
N ASN E 139 6.19 -14.85 58.82
CA ASN E 139 7.46 -15.46 58.39
C ASN E 139 7.52 -15.50 56.86
N PRO E 140 8.72 -15.54 56.32
CA PRO E 140 8.96 -15.72 54.90
C PRO E 140 8.30 -17.05 54.54
N GLY E 141 7.65 -17.16 53.39
CA GLY E 141 6.94 -18.40 53.07
C GLY E 141 5.51 -18.45 53.56
N SER E 142 4.98 -17.38 54.15
CA SER E 142 3.61 -17.35 54.69
C SER E 142 2.59 -17.30 53.55
N ALA E 143 1.33 -17.63 53.85
CA ALA E 143 0.28 -17.58 52.84
C ALA E 143 -1.07 -17.16 53.43
N LEU E 144 -1.78 -16.24 52.77
CA LEU E 144 -3.10 -15.78 53.19
C LEU E 144 -4.19 -16.33 52.25
N LEU E 145 -5.39 -16.60 52.77
CA LEU E 145 -6.45 -17.15 51.90
C LEU E 145 -7.82 -16.57 52.20
N THR E 146 -8.63 -16.31 51.20
CA THR E 146 -10.02 -15.86 51.45
C THR E 146 -10.98 -16.69 50.59
N LEU E 147 -12.27 -16.60 50.89
CA LEU E 147 -13.32 -17.34 50.13
C LEU E 147 -14.20 -16.41 49.31
N SER E 148 -14.36 -16.67 48.01
CA SER E 148 -15.24 -15.92 47.13
C SER E 148 -16.30 -16.84 46.52
N TYR E 149 -17.07 -16.32 45.57
CA TYR E 149 -18.15 -17.05 44.91
C TYR E 149 -18.40 -16.52 43.52
N LEU E 150 -18.96 -17.32 42.63
CA LEU E 150 -19.23 -16.95 41.22
C LEU E 150 -20.04 -15.69 41.02
N GLY E 151 -20.79 -15.23 42.03
CA GLY E 151 -21.52 -13.96 42.00
C GLY E 151 -20.59 -12.77 41.77
N ALA E 152 -19.28 -12.91 42.05
CA ALA E 152 -18.35 -11.82 41.68
C ALA E 152 -18.21 -11.67 40.17
N GLU E 153 -18.31 -12.75 39.40
CA GLU E 153 -18.07 -12.77 37.97
C GLU E 153 -19.33 -12.69 37.12
N ARG E 154 -20.48 -13.13 37.62
CA ARG E 154 -21.73 -13.06 36.86
C ARG E 154 -22.88 -12.52 37.70
N ALA E 155 -23.91 -12.00 37.07
CA ALA E 155 -25.09 -11.51 37.80
C ALA E 155 -25.97 -12.71 38.20
N ILE E 156 -26.16 -12.96 39.47
CA ILE E 156 -27.00 -14.06 39.99
C ILE E 156 -28.16 -13.48 40.80
N PRO E 157 -29.38 -13.93 40.50
CA PRO E 157 -30.58 -13.45 41.17
C PRO E 157 -30.46 -13.58 42.68
N ASN E 158 -30.88 -12.57 43.42
CA ASN E 158 -30.87 -12.48 44.86
C ASN E 158 -29.52 -12.26 45.55
N TYR E 159 -28.42 -12.67 44.98
CA TYR E 159 -27.09 -12.41 45.56
C TYR E 159 -26.80 -10.91 45.61
N ASN E 160 -27.35 -10.14 44.69
CA ASN E 160 -27.39 -8.70 44.70
C ASN E 160 -26.09 -8.02 45.13
N VAL E 161 -26.07 -7.08 46.07
CA VAL E 161 -24.86 -6.37 46.45
C VAL E 161 -23.72 -7.24 46.95
N MET E 162 -23.91 -8.50 47.39
CA MET E 162 -22.79 -9.33 47.76
C MET E 162 -21.88 -9.61 46.55
N GLY E 163 -22.45 -9.70 45.35
CA GLY E 163 -21.67 -9.94 44.13
C GLY E 163 -20.66 -8.79 43.92
N LEU E 164 -21.10 -7.53 44.13
CA LEU E 164 -20.19 -6.40 44.04
C LEU E 164 -19.10 -6.48 45.12
N ALA E 165 -19.48 -6.89 46.34
CA ALA E 165 -18.47 -6.97 47.41
C ALA E 165 -17.46 -8.07 47.12
N LYS E 166 -17.90 -9.20 46.54
CA LYS E 166 -16.95 -10.26 46.18
C LYS E 166 -16.05 -9.85 45.02
N ALA E 167 -16.53 -9.07 44.05
CA ALA E 167 -15.68 -8.55 42.97
C ALA E 167 -14.57 -7.66 43.52
N SER E 168 -14.88 -6.79 44.49
CA SER E 168 -13.90 -5.98 45.22
C SER E 168 -12.90 -6.86 46.00
N LEU E 169 -13.34 -7.97 46.61
CA LEU E 169 -12.49 -8.87 47.35
C LEU E 169 -11.49 -9.59 46.41
N GLU E 170 -11.97 -10.02 45.24
CA GLU E 170 -11.03 -10.68 44.26
C GLU E 170 -9.97 -9.71 43.77
N ALA E 171 -10.27 -8.42 43.56
CA ALA E 171 -9.28 -7.41 43.21
C ALA E 171 -8.31 -7.20 44.38
N ASN E 172 -8.84 -7.22 45.61
CA ASN E 172 -8.05 -7.14 46.83
C ASN E 172 -6.99 -8.25 46.86
N VAL E 173 -7.35 -9.48 46.49
CA VAL E 173 -6.39 -10.59 46.42
C VAL E 173 -5.24 -10.23 45.49
N ARG E 174 -5.52 -9.68 44.31
CA ARG E 174 -4.46 -9.30 43.35
C ARG E 174 -3.57 -8.15 43.85
N TYR E 175 -4.13 -7.09 44.40
CA TYR E 175 -3.35 -5.97 44.94
C TYR E 175 -2.54 -6.34 46.18
N MET E 176 -3.06 -7.17 47.07
CA MET E 176 -2.37 -7.71 48.21
C MET E 176 -1.21 -8.63 47.78
N ALA E 177 -1.45 -9.56 46.85
CA ALA E 177 -0.38 -10.43 46.37
C ALA E 177 0.77 -9.60 45.75
N ASN E 178 0.39 -8.59 44.95
CA ASN E 178 1.46 -7.78 44.32
C ASN E 178 2.29 -7.01 45.33
N ALA E 179 1.69 -6.48 46.37
CA ALA E 179 2.42 -5.72 47.41
C ALA E 179 3.23 -6.56 48.38
N MET E 180 2.76 -7.74 48.80
CA MET E 180 3.40 -8.58 49.82
C MET E 180 4.32 -9.66 49.27
N GLY E 181 4.33 -9.92 47.97
CA GLY E 181 5.20 -10.86 47.30
C GLY E 181 6.69 -10.68 47.56
N PRO E 182 7.20 -9.47 47.45
CA PRO E 182 8.62 -9.17 47.68
C PRO E 182 9.07 -9.50 49.09
N GLU E 183 8.23 -9.50 50.13
CA GLU E 183 8.64 -9.88 51.47
C GLU E 183 8.48 -11.38 51.71
N GLY E 184 8.01 -12.17 50.76
CA GLY E 184 7.90 -13.60 50.91
C GLY E 184 6.52 -14.08 51.30
N VAL E 185 5.48 -13.33 50.97
CA VAL E 185 4.11 -13.69 51.35
C VAL E 185 3.23 -13.90 50.11
N ARG E 186 2.42 -14.97 50.09
CA ARG E 186 1.52 -15.19 48.96
C ARG E 186 0.08 -14.94 49.38
N VAL E 187 -0.81 -14.57 48.47
CA VAL E 187 -2.23 -14.28 48.75
C VAL E 187 -3.13 -14.85 47.66
N ASN E 188 -4.12 -15.69 47.99
CA ASN E 188 -5.01 -16.32 46.99
C ASN E 188 -6.45 -16.44 47.50
N ALA E 189 -7.37 -16.88 46.64
CA ALA E 189 -8.73 -17.13 47.05
C ALA E 189 -9.24 -18.45 46.46
N ILE E 190 -10.24 -19.04 47.14
CA ILE E 190 -10.95 -20.18 46.57
C ILE E 190 -12.35 -19.66 46.21
N SER E 191 -12.86 -19.84 44.99
CA SER E 191 -14.23 -19.48 44.62
C SER E 191 -15.03 -20.79 44.77
N ALA E 192 -15.71 -21.00 45.91
CA ALA E 192 -16.36 -22.29 46.15
C ALA E 192 -17.73 -22.42 45.48
N GLY E 193 -18.11 -23.67 45.16
CA GLY E 193 -19.49 -23.91 44.70
C GLY E 193 -20.42 -23.79 45.93
N PRO E 194 -21.73 -23.82 45.71
CA PRO E 194 -22.73 -23.71 46.77
C PRO E 194 -22.73 -24.86 47.76
N ILE E 195 -22.74 -24.56 49.05
CA ILE E 195 -22.72 -25.51 50.14
C ILE E 195 -23.72 -25.07 51.23
N ARG E 196 -24.50 -26.02 51.74
CA ARG E 196 -25.50 -25.71 52.77
C ARG E 196 -24.84 -25.37 54.11
N THR E 197 -24.80 -24.09 54.46
CA THR E 197 -24.21 -23.58 55.69
C THR E 197 -25.21 -22.65 56.38
N LEU E 198 -24.91 -22.23 57.61
CA LEU E 198 -25.72 -21.27 58.34
C LEU E 198 -26.06 -20.02 57.53
N ALA E 199 -25.00 -19.38 56.98
CA ALA E 199 -25.19 -18.17 56.16
C ALA E 199 -25.89 -18.43 54.83
N ALA E 200 -25.73 -19.62 54.27
CA ALA E 200 -26.41 -20.02 53.04
C ALA E 200 -27.93 -19.95 53.21
N SER E 201 -28.43 -20.28 54.40
CA SER E 201 -29.84 -20.20 54.74
C SER E 201 -30.45 -18.83 54.50
N GLY E 202 -29.70 -17.74 54.58
CA GLY E 202 -30.16 -16.40 54.36
C GLY E 202 -30.23 -15.94 52.91
N ILE E 203 -29.90 -16.82 51.97
CA ILE E 203 -29.98 -16.52 50.54
C ILE E 203 -31.34 -17.00 50.03
N LYS E 204 -32.12 -16.07 49.47
CA LYS E 204 -33.44 -16.42 48.96
C LYS E 204 -33.39 -17.57 47.96
N ASP E 205 -34.12 -18.63 48.30
CA ASP E 205 -34.24 -19.82 47.48
C ASP E 205 -32.92 -20.54 47.27
N PHE E 206 -32.09 -20.62 48.31
CA PHE E 206 -30.81 -21.28 48.25
C PHE E 206 -30.94 -22.74 47.84
N ARG E 207 -31.96 -23.42 48.35
CA ARG E 207 -32.15 -24.83 48.00
C ARG E 207 -32.28 -25.08 46.49
N LYS E 208 -32.84 -24.16 45.71
CA LYS E 208 -32.92 -24.35 44.26
C LYS E 208 -31.53 -24.25 43.64
N MET E 209 -30.74 -23.24 44.04
CA MET E 209 -29.37 -23.12 43.54
C MET E 209 -28.66 -24.46 43.69
N LEU E 210 -28.71 -25.03 44.90
CA LEU E 210 -28.08 -26.30 45.21
C LEU E 210 -28.55 -27.47 44.36
N ALA E 211 -29.86 -27.64 44.17
CA ALA E 211 -30.34 -28.74 43.34
C ALA E 211 -30.00 -28.59 41.86
N HIS E 212 -30.05 -27.37 41.33
CA HIS E 212 -29.71 -27.10 39.94
C HIS E 212 -28.24 -27.37 39.65
N CYS E 213 -27.36 -26.82 40.51
CA CYS E 213 -25.92 -27.00 40.31
C CYS E 213 -25.55 -28.48 40.28
N GLU E 214 -26.11 -29.26 41.19
CA GLU E 214 -25.87 -30.69 41.27
C GLU E 214 -26.15 -31.40 39.95
N ALA E 215 -27.20 -31.02 39.23
CA ALA E 215 -27.55 -31.64 37.97
C ALA E 215 -26.65 -31.26 36.79
N VAL E 216 -26.13 -30.03 36.74
CA VAL E 216 -25.38 -29.59 35.56
C VAL E 216 -23.87 -29.44 35.71
N THR E 217 -23.32 -29.67 36.88
CA THR E 217 -21.90 -29.62 37.17
C THR E 217 -21.21 -30.82 36.54
N PRO E 218 -20.11 -30.64 35.86
CA PRO E 218 -19.35 -31.71 35.23
C PRO E 218 -19.14 -32.93 36.11
N ILE E 219 -18.81 -32.79 37.40
CA ILE E 219 -18.62 -33.98 38.24
C ILE E 219 -19.93 -34.53 38.82
N ARG E 220 -21.06 -33.92 38.53
CA ARG E 220 -22.38 -34.37 38.92
C ARG E 220 -22.64 -34.53 40.41
N ARG E 221 -22.10 -33.66 41.25
CA ARG E 221 -22.38 -33.56 42.66
C ARG E 221 -22.00 -32.13 43.09
N THR E 222 -22.53 -31.65 44.22
CA THR E 222 -22.10 -30.34 44.69
C THR E 222 -20.86 -30.56 45.59
N VAL E 223 -20.02 -29.55 45.74
CA VAL E 223 -18.79 -29.74 46.50
C VAL E 223 -19.09 -29.71 48.00
N THR E 224 -18.17 -30.24 48.79
CA THR E 224 -18.35 -30.34 50.24
C THR E 224 -17.27 -29.56 50.96
N ILE E 225 -17.43 -29.37 52.27
CA ILE E 225 -16.43 -28.64 53.05
C ILE E 225 -15.12 -29.39 53.14
N GLU E 226 -15.13 -30.71 52.91
CA GLU E 226 -13.95 -31.53 52.84
C GLU E 226 -13.14 -31.21 51.57
N ASP E 227 -13.85 -31.08 50.45
CA ASP E 227 -13.20 -30.75 49.16
C ASP E 227 -12.57 -29.35 49.26
N VAL E 228 -13.35 -28.42 49.84
CA VAL E 228 -12.77 -27.06 50.01
C VAL E 228 -11.61 -27.03 50.99
N GLY E 229 -11.74 -27.81 52.08
CA GLY E 229 -10.69 -27.89 53.10
C GLY E 229 -9.37 -28.38 52.53
N ASN E 230 -9.39 -29.47 51.77
CA ASN E 230 -8.21 -30.04 51.14
C ASN E 230 -7.55 -29.04 50.15
N SER E 231 -8.32 -28.35 49.33
CA SER E 231 -7.75 -27.31 48.45
C SER E 231 -7.19 -26.12 49.24
N ALA E 232 -7.87 -25.76 50.35
CA ALA E 232 -7.37 -24.68 51.22
C ALA E 232 -6.05 -25.06 51.89
N ALA E 233 -5.92 -26.33 52.33
CA ALA E 233 -4.71 -26.79 52.99
C ALA E 233 -3.51 -26.70 52.05
N PHE E 234 -3.74 -27.10 50.79
CA PHE E 234 -2.73 -26.99 49.72
C PHE E 234 -2.29 -25.56 49.47
N LEU E 235 -3.24 -24.64 49.35
CA LEU E 235 -2.93 -23.23 49.05
C LEU E 235 -2.23 -22.49 50.18
N CYS E 236 -2.29 -22.98 51.42
CA CYS E 236 -1.57 -22.37 52.52
C CYS E 236 -0.29 -23.13 52.85
N SER E 237 0.06 -24.16 52.11
CA SER E 237 1.27 -24.97 52.30
C SER E 237 2.37 -24.61 51.30
N ASP E 238 3.60 -25.10 51.52
CA ASP E 238 4.71 -24.84 50.61
C ASP E 238 4.60 -25.61 49.29
N LEU E 239 3.69 -26.59 49.16
CA LEU E 239 3.42 -27.26 47.91
C LEU E 239 2.90 -26.26 46.88
N SER E 240 2.23 -25.17 47.32
CA SER E 240 1.73 -24.20 46.35
C SER E 240 2.62 -22.97 46.20
N ALA E 241 3.91 -23.06 46.41
CA ALA E 241 4.87 -21.96 46.30
C ALA E 241 4.90 -21.18 44.98
N GLY E 242 4.53 -21.83 43.86
CA GLY E 242 4.45 -21.15 42.58
C GLY E 242 3.13 -20.41 42.32
N ILE E 243 2.18 -20.40 43.25
CA ILE E 243 0.88 -19.78 43.06
C ILE E 243 0.59 -18.58 43.96
N SER E 244 0.30 -17.43 43.39
CA SER E 244 -0.08 -16.21 44.12
C SER E 244 -0.98 -15.29 43.27
N GLY E 245 -1.87 -14.60 43.94
CA GLY E 245 -2.84 -13.68 43.34
C GLY E 245 -3.91 -14.38 42.50
N GLU E 246 -4.17 -15.66 42.74
CA GLU E 246 -5.07 -16.48 41.94
C GLU E 246 -6.43 -16.72 42.60
N VAL E 247 -7.47 -16.87 41.81
CA VAL E 247 -8.82 -17.23 42.30
C VAL E 247 -9.07 -18.67 41.79
N VAL E 248 -8.97 -19.65 42.67
CA VAL E 248 -9.09 -21.05 42.24
C VAL E 248 -10.55 -21.54 42.37
N HIS E 249 -11.10 -22.00 41.26
CA HIS E 249 -12.52 -22.41 41.31
C HIS E 249 -12.68 -23.84 41.86
N VAL E 250 -13.30 -23.96 43.03
CA VAL E 250 -13.57 -25.27 43.63
C VAL E 250 -15.08 -25.45 43.63
N ASP E 251 -15.62 -25.69 42.43
CA ASP E 251 -17.07 -25.82 42.24
C ASP E 251 -17.43 -27.00 41.34
N GLY E 252 -16.51 -27.95 41.18
CA GLY E 252 -16.69 -29.12 40.35
C GLY E 252 -16.80 -28.87 38.86
N GLY E 253 -16.39 -27.68 38.39
CA GLY E 253 -16.48 -27.34 36.98
C GLY E 253 -17.71 -26.55 36.56
N PHE E 254 -18.61 -26.16 37.47
CA PHE E 254 -19.84 -25.46 37.15
C PHE E 254 -19.66 -24.23 36.28
N SER E 255 -18.79 -23.32 36.67
CA SER E 255 -18.56 -22.10 35.91
C SER E 255 -18.01 -22.26 34.50
N ILE E 256 -17.36 -23.36 34.11
CA ILE E 256 -16.79 -23.46 32.78
C ILE E 256 -17.68 -24.16 31.76
N ALA E 257 -18.94 -24.47 32.12
CA ALA E 257 -19.87 -25.07 31.17
C ALA E 257 -21.07 -24.16 30.97
N ALA E 258 -21.85 -24.46 29.93
CA ALA E 258 -23.07 -23.70 29.66
C ALA E 258 -24.09 -24.59 28.94
N MET E 259 -25.37 -24.41 29.31
CA MET E 259 -26.48 -25.14 28.73
C MET E 259 -26.42 -26.65 28.81
N ASN E 260 -25.85 -27.22 29.87
CA ASN E 260 -25.80 -28.67 30.06
C ASN E 260 -27.18 -29.26 30.33
N GLU E 261 -28.12 -28.45 30.72
CA GLU E 261 -29.50 -28.70 31.07
C GLU E 261 -30.31 -29.58 30.15
N LEU E 262 -29.81 -29.96 28.99
CA LEU E 262 -30.44 -30.87 28.05
C LEU E 262 -29.83 -32.26 28.16
N GLY F 5 -27.80 12.09 12.10
CA GLY F 5 -26.96 11.60 13.21
C GLY F 5 -27.61 10.37 13.82
N PHE F 6 -26.82 9.44 14.40
CA PHE F 6 -27.47 8.24 14.94
C PHE F 6 -28.04 8.40 16.34
N LEU F 7 -27.96 9.58 16.96
CA LEU F 7 -28.57 9.84 18.25
C LEU F 7 -29.76 10.82 18.13
N SER F 8 -30.24 11.03 16.91
CA SER F 8 -31.39 11.91 16.69
C SER F 8 -32.64 11.40 17.38
N GLY F 9 -33.32 12.26 18.15
CA GLY F 9 -34.51 11.86 18.87
C GLY F 9 -34.18 11.38 20.28
N LYS F 10 -32.90 11.41 20.67
CA LYS F 10 -32.53 10.97 22.03
C LYS F 10 -32.21 12.13 22.96
N ARG F 11 -32.51 11.97 24.24
CA ARG F 11 -32.21 12.95 25.28
C ARG F 11 -31.29 12.33 26.34
N ILE F 12 -30.05 12.78 26.43
CA ILE F 12 -29.07 12.14 27.35
C ILE F 12 -28.46 13.13 28.33
N LEU F 13 -28.38 12.73 29.60
CA LEU F 13 -27.75 13.55 30.64
C LEU F 13 -26.28 13.18 30.84
N VAL F 14 -25.37 14.13 30.89
CA VAL F 14 -23.93 13.90 31.03
C VAL F 14 -23.37 14.50 32.31
N THR F 15 -22.72 13.66 33.13
CA THR F 15 -22.08 14.11 34.36
C THR F 15 -20.58 14.24 34.13
N GLY F 16 -19.87 14.85 35.08
CA GLY F 16 -18.42 14.85 35.07
C GLY F 16 -17.59 15.72 34.18
N VAL F 17 -18.14 16.77 33.58
CA VAL F 17 -17.36 17.70 32.76
C VAL F 17 -16.62 18.62 33.71
N ALA F 18 -15.29 18.55 33.79
CA ALA F 18 -14.57 19.44 34.71
C ALA F 18 -13.67 20.44 33.99
N SER F 19 -13.23 20.12 32.78
CA SER F 19 -12.39 20.99 31.96
C SER F 19 -12.49 20.49 30.53
N LYS F 20 -11.79 21.07 29.55
CA LYS F 20 -11.85 20.55 28.20
C LYS F 20 -10.97 19.31 28.00
N LEU F 21 -10.21 18.89 28.99
CA LEU F 21 -9.47 17.63 28.95
C LEU F 21 -10.39 16.46 29.36
N SER F 22 -11.50 16.72 30.03
CA SER F 22 -12.37 15.68 30.57
C SER F 22 -12.82 14.64 29.57
N ILE F 23 -12.86 13.35 29.97
CA ILE F 23 -13.45 12.32 29.09
C ILE F 23 -14.91 12.69 28.80
N ALA F 24 -15.61 13.25 29.78
CA ALA F 24 -17.00 13.67 29.61
C ALA F 24 -17.16 14.83 28.62
N TYR F 25 -16.14 15.65 28.45
CA TYR F 25 -16.11 16.71 27.45
C TYR F 25 -16.14 16.11 26.05
N GLY F 26 -15.28 15.11 25.78
CA GLY F 26 -15.30 14.41 24.50
C GLY F 26 -16.59 13.60 24.28
N ILE F 27 -17.19 13.02 25.30
CA ILE F 27 -18.43 12.26 25.17
C ILE F 27 -19.55 13.24 24.75
N ALA F 28 -19.59 14.38 25.44
CA ALA F 28 -20.57 15.42 25.03
C ALA F 28 -20.38 15.86 23.61
N GLN F 29 -19.14 16.19 23.20
CA GLN F 29 -18.89 16.64 21.84
C GLN F 29 -19.39 15.69 20.77
N ALA F 30 -19.06 14.40 20.89
CA ALA F 30 -19.50 13.39 19.93
C ALA F 30 -21.01 13.17 19.94
N MET F 31 -21.66 13.18 21.10
CA MET F 31 -23.12 12.99 21.12
C MET F 31 -23.84 14.16 20.45
N HIS F 32 -23.34 15.38 20.67
CA HIS F 32 -23.95 16.57 20.03
C HIS F 32 -23.80 16.48 18.52
N ARG F 33 -22.63 16.05 18.05
CA ARG F 33 -22.37 15.84 16.64
C ARG F 33 -23.36 14.85 16.02
N GLU F 34 -23.73 13.79 16.74
CA GLU F 34 -24.65 12.79 16.24
C GLU F 34 -26.13 13.12 16.49
N GLY F 35 -26.47 14.36 16.83
CA GLY F 35 -27.85 14.77 16.96
C GLY F 35 -28.58 14.67 18.26
N ALA F 36 -27.94 14.32 19.37
CA ALA F 36 -28.60 14.22 20.66
C ALA F 36 -28.91 15.58 21.29
N GLU F 37 -29.91 15.57 22.17
CA GLU F 37 -30.27 16.69 23.02
C GLU F 37 -29.63 16.44 24.38
N LEU F 38 -28.85 17.40 24.90
CA LEU F 38 -28.12 17.13 26.15
C LEU F 38 -28.48 18.01 27.33
N ALA F 39 -28.15 17.50 28.51
CA ALA F 39 -28.32 18.19 29.79
C ALA F 39 -27.04 17.84 30.57
N PHE F 40 -26.58 18.72 31.43
CA PHE F 40 -25.36 18.52 32.19
C PHE F 40 -25.53 18.70 33.69
N THR F 41 -24.65 18.10 34.49
CA THR F 41 -24.62 18.32 35.92
C THR F 41 -23.24 18.91 36.26
N TYR F 42 -23.06 19.46 37.46
CA TYR F 42 -21.79 20.03 37.89
C TYR F 42 -21.64 19.75 39.39
N GLN F 43 -20.46 19.33 39.83
CA GLN F 43 -20.29 18.94 41.23
C GLN F 43 -20.46 20.05 42.26
N ASN F 44 -19.88 21.21 42.04
CA ASN F 44 -20.02 22.27 43.04
C ASN F 44 -20.03 23.63 42.38
N ASP F 45 -20.34 24.68 43.14
CA ASP F 45 -20.41 26.05 42.63
C ASP F 45 -19.15 26.48 41.91
N LYS F 46 -17.99 25.98 42.30
CA LYS F 46 -16.72 26.26 41.65
C LYS F 46 -16.73 25.85 40.18
N LEU F 47 -17.44 24.80 39.75
CA LEU F 47 -17.44 24.41 38.34
C LEU F 47 -18.66 24.91 37.56
N LYS F 48 -19.70 25.36 38.24
CA LYS F 48 -20.93 25.84 37.62
C LYS F 48 -20.71 26.71 36.39
N GLY F 49 -19.97 27.81 36.50
CA GLY F 49 -19.73 28.73 35.40
C GLY F 49 -19.12 28.17 34.14
N ARG F 50 -18.12 27.30 34.27
CA ARG F 50 -17.46 26.70 33.13
C ARG F 50 -18.37 25.71 32.41
N VAL F 51 -19.13 24.92 33.17
CA VAL F 51 -20.05 23.97 32.58
C VAL F 51 -21.21 24.68 31.87
N GLU F 52 -21.78 25.73 32.48
CA GLU F 52 -22.85 26.48 31.79
C GLU F 52 -22.36 26.95 30.42
N GLU F 53 -21.13 27.44 30.36
CA GLU F 53 -20.50 27.88 29.13
C GLU F 53 -20.36 26.78 28.09
N PHE F 54 -19.75 25.64 28.44
CA PHE F 54 -19.65 24.53 27.50
C PHE F 54 -21.04 24.06 27.05
N ALA F 55 -21.98 23.95 27.97
CA ALA F 55 -23.35 23.54 27.64
C ALA F 55 -23.94 24.43 26.56
N ALA F 56 -23.84 25.75 26.73
CA ALA F 56 -24.33 26.72 25.75
C ALA F 56 -23.71 26.52 24.38
N GLN F 57 -22.39 26.29 24.28
CA GLN F 57 -21.78 26.01 22.97
C GLN F 57 -22.38 24.77 22.30
N LEU F 58 -22.84 23.77 23.05
CA LEU F 58 -23.45 22.60 22.42
C LEU F 58 -24.97 22.72 22.32
N GLY F 59 -25.51 23.92 22.48
CA GLY F 59 -26.91 24.24 22.36
C GLY F 59 -27.82 23.86 23.51
N SER F 60 -27.29 23.67 24.71
CA SER F 60 -28.12 23.29 25.84
C SER F 60 -28.14 24.33 26.95
N ASP F 61 -29.27 24.44 27.65
CA ASP F 61 -29.36 25.33 28.80
C ASP F 61 -29.88 24.59 30.03
N ILE F 62 -29.75 23.28 30.05
CA ILE F 62 -30.15 22.47 31.21
C ILE F 62 -28.88 22.06 31.96
N VAL F 63 -28.51 22.78 33.00
CA VAL F 63 -27.32 22.66 33.81
C VAL F 63 -27.68 22.66 35.28
N LEU F 64 -27.72 21.49 35.90
CA LEU F 64 -28.15 21.29 37.28
C LEU F 64 -27.04 20.85 38.22
N GLN F 65 -27.14 21.25 39.49
CA GLN F 65 -26.12 20.88 40.47
C GLN F 65 -26.30 19.48 41.00
N CYS F 66 -25.19 18.78 41.28
CA CYS F 66 -25.31 17.42 41.80
C CYS F 66 -24.00 16.86 42.36
N ASP F 67 -24.05 16.52 43.63
CA ASP F 67 -22.95 15.90 44.37
C ASP F 67 -23.45 14.49 44.68
N VAL F 68 -22.85 13.47 44.06
CA VAL F 68 -23.36 12.10 44.24
C VAL F 68 -23.08 11.45 45.58
N ALA F 69 -22.44 12.14 46.51
CA ALA F 69 -22.25 11.70 47.88
C ALA F 69 -23.54 11.74 48.69
N GLU F 70 -24.49 12.58 48.29
CA GLU F 70 -25.76 12.73 49.01
C GLU F 70 -26.98 12.30 48.23
N ASP F 71 -27.78 11.46 48.87
CA ASP F 71 -29.04 11.00 48.26
C ASP F 71 -29.94 12.20 47.94
N ALA F 72 -30.07 13.13 48.88
CA ALA F 72 -30.88 14.32 48.67
C ALA F 72 -30.45 15.12 47.45
N SER F 73 -29.16 15.34 47.25
CA SER F 73 -28.65 16.08 46.10
C SER F 73 -29.03 15.44 44.78
N ILE F 74 -28.95 14.11 44.70
CA ILE F 74 -29.32 13.34 43.52
C ILE F 74 -30.82 13.46 43.24
N ASP F 75 -31.63 13.27 44.28
CA ASP F 75 -33.08 13.33 44.15
C ASP F 75 -33.57 14.69 43.66
N THR F 76 -33.01 15.75 44.23
CA THR F 76 -33.36 17.13 43.90
C THR F 76 -33.03 17.39 42.44
N MET F 77 -31.83 16.93 42.05
CA MET F 77 -31.36 17.09 40.67
C MET F 77 -32.35 16.53 39.68
N PHE F 78 -32.83 15.30 39.90
CA PHE F 78 -33.71 14.69 38.92
C PHE F 78 -35.12 15.29 38.98
N ALA F 79 -35.47 15.90 40.12
CA ALA F 79 -36.74 16.58 40.27
C ALA F 79 -36.71 17.84 39.39
N GLU F 80 -35.61 18.60 39.41
CA GLU F 80 -35.46 19.73 38.50
C GLU F 80 -35.40 19.28 37.04
N LEU F 81 -34.75 18.14 36.77
CA LEU F 81 -34.64 17.62 35.41
C LEU F 81 -36.01 17.27 34.83
N GLY F 82 -36.88 16.73 35.67
CA GLY F 82 -38.23 16.33 35.31
C GLY F 82 -39.13 17.48 34.85
N LYS F 83 -38.83 18.71 35.25
CA LYS F 83 -39.53 19.90 34.81
C LYS F 83 -39.39 20.16 33.32
N VAL F 84 -38.25 19.79 32.71
CA VAL F 84 -38.06 20.01 31.28
C VAL F 84 -38.08 18.71 30.49
N TRP F 85 -37.68 17.62 31.12
CA TRP F 85 -37.62 16.29 30.54
C TRP F 85 -38.33 15.29 31.45
N PRO F 86 -39.63 15.15 31.34
CA PRO F 86 -40.42 14.21 32.11
C PRO F 86 -39.91 12.78 31.90
N LYS F 87 -39.56 12.48 30.65
CA LYS F 87 -38.98 11.21 30.27
C LYS F 87 -37.68 11.51 29.48
N PHE F 88 -36.69 10.63 29.58
CA PHE F 88 -35.44 10.83 28.82
C PHE F 88 -34.84 9.47 28.50
N ASP F 89 -33.68 9.44 27.79
CA ASP F 89 -33.20 8.11 27.33
C ASP F 89 -31.92 7.55 27.93
N GLY F 90 -31.47 8.01 29.09
CA GLY F 90 -30.29 7.48 29.74
C GLY F 90 -29.31 8.56 30.18
N PHE F 91 -28.19 8.16 30.79
CA PHE F 91 -27.22 9.12 31.29
C PHE F 91 -25.79 8.50 31.22
N VAL F 92 -24.82 9.38 31.22
CA VAL F 92 -23.40 9.01 31.23
C VAL F 92 -22.85 9.37 32.60
N HIS F 93 -22.36 8.36 33.32
CA HIS F 93 -21.69 8.47 34.62
C HIS F 93 -20.17 8.53 34.43
N SER F 94 -19.57 9.69 34.66
CA SER F 94 -18.14 9.92 34.43
C SER F 94 -17.54 10.59 35.65
N ILE F 95 -17.62 9.89 36.78
CA ILE F 95 -17.33 10.32 38.12
C ILE F 95 -16.48 9.35 38.92
N GLY F 96 -15.35 9.81 39.48
CA GLY F 96 -14.57 8.98 40.39
C GLY F 96 -13.81 9.82 41.41
N PHE F 97 -13.49 9.26 42.57
CA PHE F 97 -12.68 9.91 43.60
C PHE F 97 -12.18 8.95 44.67
N ALA F 98 -11.01 9.24 45.23
CA ALA F 98 -10.42 8.68 46.41
C ALA F 98 -9.50 9.77 47.01
N PRO F 99 -9.43 9.83 48.32
CA PRO F 99 -8.55 10.77 49.02
C PRO F 99 -7.13 10.59 48.51
N GLY F 100 -6.41 11.69 48.32
CA GLY F 100 -5.10 11.72 47.76
C GLY F 100 -4.07 10.77 48.36
N ASP F 101 -4.07 10.60 49.68
CA ASP F 101 -3.13 9.71 50.37
C ASP F 101 -3.28 8.25 49.94
N GLN F 102 -4.44 7.86 49.39
CA GLN F 102 -4.62 6.45 49.00
C GLN F 102 -3.80 6.01 47.79
N LEU F 103 -3.43 6.94 46.91
CA LEU F 103 -2.83 6.61 45.62
C LEU F 103 -1.34 6.91 45.47
N ASP F 104 -0.60 6.64 46.54
CA ASP F 104 0.86 6.82 46.49
C ASP F 104 1.56 5.74 47.32
N GLY F 105 2.41 4.92 46.69
CA GLY F 105 3.14 3.89 47.41
C GLY F 105 2.50 2.53 47.61
N ASP F 106 3.16 1.74 48.44
CA ASP F 106 2.73 0.37 48.71
C ASP F 106 1.24 0.32 49.05
N TYR F 107 0.46 -0.52 48.36
CA TYR F 107 -0.99 -0.58 48.59
C TYR F 107 -1.40 -0.93 50.01
N VAL F 108 -0.81 -1.96 50.60
CA VAL F 108 -1.18 -2.39 51.95
C VAL F 108 -0.88 -1.33 53.01
N ASN F 109 0.18 -0.53 52.83
CA ASN F 109 0.46 0.53 53.78
C ASN F 109 -0.45 1.74 53.59
N ALA F 110 -0.81 2.07 52.36
CA ALA F 110 -1.63 3.26 52.10
C ALA F 110 -3.11 3.14 52.38
N VAL F 111 -3.71 1.95 52.15
CA VAL F 111 -5.16 1.80 52.27
C VAL F 111 -5.65 1.94 53.70
N THR F 112 -6.79 2.64 53.87
CA THR F 112 -7.40 2.80 55.19
C THR F 112 -8.87 2.47 55.08
N ARG F 113 -9.52 2.16 56.21
CA ARG F 113 -10.97 1.88 56.16
C ARG F 113 -11.77 3.01 55.56
N GLU F 114 -11.53 4.24 56.01
CA GLU F 114 -12.19 5.44 55.48
C GLU F 114 -11.88 5.69 54.02
N GLY F 115 -10.64 5.62 53.56
CA GLY F 115 -10.33 5.78 52.14
C GLY F 115 -10.99 4.69 51.26
N PHE F 116 -11.07 3.43 51.75
CA PHE F 116 -11.73 2.38 51.00
C PHE F 116 -13.21 2.75 50.90
N LYS F 117 -13.81 3.19 52.02
CA LYS F 117 -15.24 3.54 51.97
C LYS F 117 -15.55 4.60 50.93
N ILE F 118 -14.82 5.70 50.97
CA ILE F 118 -15.06 6.83 50.08
C ILE F 118 -14.84 6.43 48.62
N ALA F 119 -13.74 5.71 48.37
CA ALA F 119 -13.49 5.30 46.99
C ALA F 119 -14.62 4.45 46.45
N HIS F 120 -15.13 3.45 47.17
CA HIS F 120 -16.21 2.63 46.64
C HIS F 120 -17.56 3.37 46.55
N ASP F 121 -17.87 4.24 47.51
CA ASP F 121 -19.11 5.02 47.54
C ASP F 121 -19.21 5.98 46.36
N ILE F 122 -18.17 6.77 46.12
CA ILE F 122 -18.20 7.72 44.99
C ILE F 122 -17.99 7.07 43.63
N SER F 123 -17.05 6.15 43.48
CA SER F 123 -16.77 5.54 42.17
C SER F 123 -17.65 4.39 41.76
N SER F 124 -18.30 3.67 42.70
CA SER F 124 -19.20 2.59 42.32
C SER F 124 -20.65 2.74 42.80
N TYR F 125 -20.94 2.84 44.11
CA TYR F 125 -22.35 3.01 44.55
C TYR F 125 -23.10 4.11 43.82
N SER F 126 -22.49 5.26 43.60
CA SER F 126 -23.12 6.39 42.92
C SER F 126 -23.74 6.02 41.59
N PHE F 127 -23.18 5.10 40.79
CA PHE F 127 -23.80 4.72 39.52
C PHE F 127 -25.20 4.14 39.74
N VAL F 128 -25.34 3.16 40.63
CA VAL F 128 -26.68 2.58 40.88
C VAL F 128 -27.59 3.56 41.63
N ALA F 129 -27.06 4.50 42.40
CA ALA F 129 -27.82 5.50 43.11
C ALA F 129 -28.55 6.41 42.12
N MET F 130 -27.87 6.79 41.03
CA MET F 130 -28.51 7.57 39.98
C MET F 130 -29.58 6.73 39.29
N ALA F 131 -29.34 5.44 39.04
CA ALA F 131 -30.36 4.66 38.32
C ALA F 131 -31.61 4.42 39.18
N LYS F 132 -31.45 4.32 40.50
CA LYS F 132 -32.62 4.18 41.38
C LYS F 132 -33.50 5.44 41.30
N ALA F 133 -32.87 6.61 41.32
CA ALA F 133 -33.58 7.88 41.39
C ALA F 133 -34.21 8.31 40.07
N CYS F 134 -33.83 7.74 38.92
CA CYS F 134 -34.46 8.16 37.67
C CYS F 134 -35.16 7.02 36.96
N ARG F 135 -35.23 5.85 37.61
CA ARG F 135 -35.81 4.66 37.01
C ARG F 135 -37.16 4.85 36.34
N SER F 136 -38.07 5.61 36.98
CA SER F 136 -39.38 5.81 36.35
C SER F 136 -39.36 6.84 35.22
N MET F 137 -38.32 7.65 35.05
CA MET F 137 -38.23 8.60 33.96
C MET F 137 -37.69 8.06 32.64
N LEU F 138 -37.13 6.85 32.62
CA LEU F 138 -36.53 6.27 31.43
C LEU F 138 -37.49 5.70 30.38
N ASN F 139 -37.33 6.08 29.12
CA ASN F 139 -38.10 5.53 28.01
C ASN F 139 -37.62 4.12 27.63
N PRO F 140 -38.45 3.38 26.90
CA PRO F 140 -38.08 2.11 26.34
C PRO F 140 -36.88 2.35 25.41
N GLY F 141 -35.91 1.44 25.39
CA GLY F 141 -34.71 1.57 24.57
C GLY F 141 -33.65 2.49 25.17
N SER F 142 -33.70 2.76 26.47
CA SER F 142 -32.75 3.63 27.13
C SER F 142 -31.40 2.90 27.38
N ALA F 143 -30.35 3.68 27.58
CA ALA F 143 -29.03 3.06 27.84
C ALA F 143 -28.26 3.87 28.86
N LEU F 144 -27.61 3.22 29.82
CA LEU F 144 -26.80 3.86 30.84
C LEU F 144 -25.32 3.48 30.62
N LEU F 145 -24.36 4.35 30.88
CA LEU F 145 -22.93 4.04 30.68
C LEU F 145 -22.02 4.57 31.77
N THR F 146 -20.97 3.86 32.18
CA THR F 146 -19.98 4.30 33.13
C THR F 146 -18.57 4.10 32.55
N LEU F 147 -17.55 4.64 33.22
CA LEU F 147 -16.16 4.58 32.76
C LEU F 147 -15.29 3.79 33.76
N SER F 148 -14.63 2.74 33.24
CA SER F 148 -13.75 1.93 34.13
C SER F 148 -12.30 2.00 33.68
N TYR F 149 -11.42 1.22 34.32
CA TYR F 149 -9.98 1.21 34.00
C TYR F 149 -9.42 -0.20 34.26
N LEU F 150 -8.36 -0.57 33.55
CA LEU F 150 -7.71 -1.90 33.68
C LEU F 150 -7.27 -2.25 35.07
N GLY F 151 -7.12 -1.30 36.00
CA GLY F 151 -6.86 -1.52 37.40
C GLY F 151 -7.90 -2.44 38.06
N ALA F 152 -9.14 -2.55 37.53
CA ALA F 152 -10.10 -3.50 38.07
C ALA F 152 -9.69 -4.95 37.85
N GLU F 153 -8.98 -5.25 36.77
CA GLU F 153 -8.58 -6.59 36.36
C GLU F 153 -7.18 -7.00 36.77
N ARG F 154 -6.27 -6.05 36.87
CA ARG F 154 -4.88 -6.33 37.20
C ARG F 154 -4.40 -5.43 38.35
N ALA F 155 -3.41 -5.91 39.10
CA ALA F 155 -2.80 -5.05 40.13
C ALA F 155 -1.82 -4.10 39.44
N ILE F 156 -2.01 -2.79 39.60
CA ILE F 156 -1.14 -1.76 38.99
C ILE F 156 -0.60 -0.87 40.12
N PRO F 157 0.71 -0.59 40.13
CA PRO F 157 1.33 0.24 41.15
C PRO F 157 0.64 1.59 41.30
N ASN F 158 0.44 2.04 42.54
CA ASN F 158 -0.15 3.33 42.91
C ASN F 158 -1.64 3.50 42.68
N TYR F 159 -2.29 2.80 41.77
CA TYR F 159 -3.74 2.89 41.54
C TYR F 159 -4.47 2.41 42.78
N ASN F 160 -3.86 1.49 43.51
CA ASN F 160 -4.24 1.02 44.82
C ASN F 160 -5.71 0.78 45.04
N VAL F 161 -6.39 1.38 46.04
CA VAL F 161 -7.79 1.09 46.31
C VAL F 161 -8.77 1.46 45.22
N MET F 162 -8.43 2.32 44.24
CA MET F 162 -9.31 2.65 43.11
C MET F 162 -9.50 1.39 42.26
N GLY F 163 -8.51 0.49 42.25
CA GLY F 163 -8.67 -0.75 41.44
C GLY F 163 -9.79 -1.61 42.07
N LEU F 164 -9.88 -1.67 43.39
CA LEU F 164 -10.95 -2.42 44.06
C LEU F 164 -12.28 -1.71 43.77
N ALA F 165 -12.33 -0.37 43.87
CA ALA F 165 -13.59 0.31 43.48
C ALA F 165 -14.03 0.07 42.06
N LYS F 166 -13.16 0.05 41.04
CA LYS F 166 -13.50 -0.26 39.65
C LYS F 166 -13.95 -1.71 39.45
N ALA F 167 -13.41 -2.66 40.23
CA ALA F 167 -13.90 -4.04 40.15
C ALA F 167 -15.36 -4.09 40.63
N SER F 168 -15.65 -3.39 41.74
CA SER F 168 -17.03 -3.27 42.22
C SER F 168 -17.93 -2.62 41.19
N LEU F 169 -17.49 -1.55 40.52
CA LEU F 169 -18.27 -0.90 39.47
C LEU F 169 -18.57 -1.82 38.29
N GLU F 170 -17.63 -2.65 37.82
CA GLU F 170 -17.86 -3.54 36.69
C GLU F 170 -18.86 -4.64 37.06
N ALA F 171 -18.85 -5.06 38.33
CA ALA F 171 -19.85 -6.03 38.81
C ALA F 171 -21.22 -5.33 38.84
N ASN F 172 -21.24 -4.07 39.24
CA ASN F 172 -22.45 -3.23 39.25
C ASN F 172 -23.09 -3.21 37.87
N VAL F 173 -22.31 -2.96 36.80
CA VAL F 173 -22.79 -3.00 35.43
C VAL F 173 -23.54 -4.29 35.15
N ARG F 174 -22.94 -5.45 35.51
CA ARG F 174 -23.61 -6.73 35.24
C ARG F 174 -24.92 -6.91 36.02
N TYR F 175 -24.93 -6.55 37.29
CA TYR F 175 -26.14 -6.66 38.14
C TYR F 175 -27.22 -5.67 37.70
N MET F 176 -26.85 -4.44 37.37
CA MET F 176 -27.74 -3.45 36.79
C MET F 176 -28.35 -3.84 35.46
N ALA F 177 -27.59 -4.38 34.51
CA ALA F 177 -28.08 -4.84 33.23
C ALA F 177 -29.06 -6.01 33.39
N ASN F 178 -28.74 -6.92 34.30
CA ASN F 178 -29.57 -8.09 34.52
C ASN F 178 -30.93 -7.68 35.10
N ALA F 179 -30.90 -6.70 35.99
CA ALA F 179 -32.13 -6.28 36.67
C ALA F 179 -33.04 -5.38 35.81
N MET F 180 -32.47 -4.53 34.97
CA MET F 180 -33.22 -3.56 34.16
C MET F 180 -33.49 -3.98 32.74
N GLY F 181 -32.89 -5.11 32.33
CA GLY F 181 -33.02 -5.64 30.99
C GLY F 181 -34.48 -5.79 30.55
N PRO F 182 -35.23 -6.59 31.30
CA PRO F 182 -36.63 -6.87 31.02
C PRO F 182 -37.50 -5.66 30.79
N GLU F 183 -37.27 -4.52 31.46
CA GLU F 183 -38.03 -3.30 31.25
C GLU F 183 -37.52 -2.40 30.14
N GLY F 184 -36.55 -2.85 29.32
CA GLY F 184 -36.05 -2.03 28.22
C GLY F 184 -34.92 -1.07 28.48
N VAL F 185 -34.00 -1.38 29.39
CA VAL F 185 -32.88 -0.52 29.70
C VAL F 185 -31.58 -1.34 29.57
N ARG F 186 -30.61 -0.82 28.82
CA ARG F 186 -29.31 -1.52 28.69
C ARG F 186 -28.28 -0.79 29.53
N VAL F 187 -27.23 -1.50 30.03
CA VAL F 187 -26.24 -0.92 30.91
C VAL F 187 -24.82 -1.46 30.60
N ASN F 188 -23.87 -0.57 30.27
CA ASN F 188 -22.50 -1.01 29.92
C ASN F 188 -21.42 -0.08 30.48
N ALA F 189 -20.14 -0.47 30.28
CA ALA F 189 -19.02 0.40 30.62
C ALA F 189 -18.00 0.43 29.46
N ILE F 190 -17.18 1.46 29.43
CA ILE F 190 -15.99 1.56 28.60
C ILE F 190 -14.77 1.51 29.54
N SER F 191 -13.83 0.59 29.32
CA SER F 191 -12.58 0.55 30.09
C SER F 191 -11.57 1.35 29.24
N ALA F 192 -11.37 2.63 29.56
CA ALA F 192 -10.48 3.45 28.70
C ALA F 192 -9.00 3.24 29.03
N GLY F 193 -8.16 3.49 28.05
CA GLY F 193 -6.68 3.52 28.29
C GLY F 193 -6.40 4.87 28.94
N PRO F 194 -5.17 5.09 29.43
CA PRO F 194 -4.80 6.31 30.14
C PRO F 194 -4.92 7.55 29.27
N ILE F 195 -5.46 8.63 29.85
CA ILE F 195 -5.65 9.93 29.19
C ILE F 195 -5.32 11.01 30.22
N ARG F 196 -4.55 12.06 29.85
CA ARG F 196 -4.19 13.11 30.80
C ARG F 196 -5.37 14.03 31.12
N THR F 197 -5.96 13.88 32.29
CA THR F 197 -7.09 14.67 32.81
C THR F 197 -6.73 15.26 34.17
N LEU F 198 -7.54 16.18 34.72
CA LEU F 198 -7.27 16.72 36.04
C LEU F 198 -7.17 15.62 37.08
N ALA F 199 -8.16 14.74 37.13
CA ALA F 199 -8.18 13.65 38.10
C ALA F 199 -6.97 12.72 38.03
N ALA F 200 -6.44 12.46 36.83
CA ALA F 200 -5.30 11.61 36.59
C ALA F 200 -4.03 12.02 37.32
N SER F 201 -3.84 13.33 37.53
CA SER F 201 -2.67 13.83 38.25
C SER F 201 -2.66 13.45 39.72
N GLY F 202 -3.76 12.91 40.26
CA GLY F 202 -3.83 12.43 41.62
C GLY F 202 -3.14 11.08 41.77
N ILE F 203 -2.85 10.36 40.68
CA ILE F 203 -2.17 9.07 40.81
C ILE F 203 -0.66 9.27 40.77
N LYS F 204 0.07 8.75 41.75
CA LYS F 204 1.52 8.89 41.73
C LYS F 204 2.11 8.26 40.47
N ASP F 205 3.00 8.99 39.80
CA ASP F 205 3.63 8.52 38.58
C ASP F 205 2.67 8.20 37.44
N PHE F 206 1.54 8.93 37.34
CA PHE F 206 0.66 8.75 36.18
C PHE F 206 1.37 8.95 34.85
N ARG F 207 2.24 9.98 34.75
CA ARG F 207 2.90 10.24 33.44
C ARG F 207 3.73 9.07 32.94
N LYS F 208 4.28 8.26 33.83
CA LYS F 208 5.04 7.07 33.51
C LYS F 208 4.13 5.97 32.94
N MET F 209 2.94 5.80 33.52
CA MET F 209 1.96 4.86 32.97
C MET F 209 1.57 5.32 31.55
N LEU F 210 1.37 6.65 31.40
CA LEU F 210 0.93 7.17 30.10
C LEU F 210 1.94 6.87 29.01
N ALA F 211 3.21 7.21 29.27
CA ALA F 211 4.29 7.01 28.29
C ALA F 211 4.55 5.54 28.01
N HIS F 212 4.41 4.70 29.03
CA HIS F 212 4.58 3.24 28.85
C HIS F 212 3.55 2.65 27.91
N CYS F 213 2.27 2.90 28.17
CA CYS F 213 1.18 2.40 27.31
C CYS F 213 1.32 2.88 25.88
N GLU F 214 1.77 4.12 25.66
CA GLU F 214 1.96 4.70 24.35
C GLU F 214 2.96 3.91 23.52
N ALA F 215 4.05 3.52 24.17
CA ALA F 215 5.12 2.74 23.54
C ALA F 215 4.77 1.29 23.18
N VAL F 216 3.97 0.59 24.00
CA VAL F 216 3.71 -0.83 23.75
C VAL F 216 2.28 -1.18 23.33
N THR F 217 1.35 -0.22 23.26
CA THR F 217 0.01 -0.63 22.79
C THR F 217 0.05 -0.96 21.31
N PRO F 218 -0.76 -1.89 20.81
CA PRO F 218 -0.81 -2.27 19.40
C PRO F 218 -0.96 -1.09 18.44
N ILE F 219 -1.85 -0.12 18.70
CA ILE F 219 -1.98 1.00 17.75
C ILE F 219 -0.90 2.06 17.91
N ARG F 220 -0.02 1.96 18.88
CA ARG F 220 1.15 2.81 19.05
C ARG F 220 0.84 4.29 19.30
N ARG F 221 -0.20 4.58 20.06
CA ARG F 221 -0.55 5.94 20.43
C ARG F 221 -1.46 5.94 21.66
N THR F 222 -1.56 7.09 22.33
CA THR F 222 -2.47 7.25 23.47
C THR F 222 -3.89 7.35 22.85
N VAL F 223 -4.92 6.81 23.48
CA VAL F 223 -6.28 7.03 22.97
C VAL F 223 -6.72 8.46 23.29
N THR F 224 -7.64 9.02 22.51
CA THR F 224 -8.13 10.39 22.81
C THR F 224 -9.52 10.40 23.42
N ILE F 225 -10.01 11.57 23.86
CA ILE F 225 -11.36 11.78 24.36
C ILE F 225 -12.35 11.72 23.20
N GLU F 226 -11.88 11.93 21.98
CA GLU F 226 -12.68 11.74 20.77
C GLU F 226 -12.90 10.25 20.49
N ASP F 227 -11.86 9.42 20.71
CA ASP F 227 -11.95 7.98 20.53
C ASP F 227 -12.96 7.43 21.55
N VAL F 228 -12.86 7.88 22.80
CA VAL F 228 -13.73 7.36 23.88
C VAL F 228 -15.14 7.93 23.64
N GLY F 229 -15.20 9.20 23.23
CA GLY F 229 -16.48 9.83 22.87
C GLY F 229 -17.26 9.13 21.78
N ASN F 230 -16.62 8.75 20.67
CA ASN F 230 -17.33 8.02 19.60
C ASN F 230 -17.89 6.66 20.03
N SER F 231 -17.09 5.92 20.82
CA SER F 231 -17.54 4.65 21.37
C SER F 231 -18.71 4.86 22.36
N ALA F 232 -18.67 5.92 23.18
CA ALA F 232 -19.75 6.22 24.12
C ALA F 232 -21.06 6.54 23.38
N ALA F 233 -21.01 7.35 22.32
CA ALA F 233 -22.18 7.64 21.51
C ALA F 233 -22.77 6.36 20.91
N PHE F 234 -21.94 5.46 20.36
CA PHE F 234 -22.43 4.19 19.87
C PHE F 234 -23.15 3.39 20.96
N LEU F 235 -22.54 3.25 22.14
CA LEU F 235 -23.08 2.44 23.23
C LEU F 235 -24.37 2.97 23.86
N CYS F 236 -24.69 4.24 23.65
CA CYS F 236 -25.93 4.81 24.18
C CYS F 236 -26.97 4.96 23.07
N SER F 237 -26.64 4.53 21.87
CA SER F 237 -27.51 4.60 20.72
C SER F 237 -28.24 3.28 20.45
N ASP F 238 -29.27 3.36 19.60
CA ASP F 238 -30.00 2.16 19.18
C ASP F 238 -29.15 1.22 18.32
N LEU F 239 -28.04 1.70 17.75
CA LEU F 239 -27.11 0.83 17.02
C LEU F 239 -26.54 -0.31 17.88
N SER F 240 -26.40 -0.15 19.19
CA SER F 240 -25.90 -1.15 20.09
C SER F 240 -26.97 -1.90 20.87
N ALA F 241 -28.18 -2.03 20.36
CA ALA F 241 -29.29 -2.76 20.94
C ALA F 241 -28.99 -4.19 21.32
N GLY F 242 -28.04 -4.85 20.67
CA GLY F 242 -27.67 -6.22 21.02
C GLY F 242 -26.62 -6.34 22.11
N ILE F 243 -26.18 -5.24 22.73
CA ILE F 243 -25.12 -5.26 23.74
C ILE F 243 -25.54 -4.75 25.11
N SER F 244 -25.39 -5.59 26.15
CA SER F 244 -25.73 -5.17 27.51
C SER F 244 -24.90 -5.96 28.53
N GLY F 245 -24.49 -5.35 29.60
CA GLY F 245 -23.70 -5.89 30.69
C GLY F 245 -22.19 -6.08 30.33
N GLU F 246 -21.76 -5.43 29.25
CA GLU F 246 -20.39 -5.58 28.73
C GLU F 246 -19.45 -4.48 29.23
N VAL F 247 -18.16 -4.82 29.38
CA VAL F 247 -17.09 -3.86 29.65
C VAL F 247 -16.24 -3.81 28.36
N VAL F 248 -16.36 -2.75 27.57
CA VAL F 248 -15.63 -2.64 26.30
C VAL F 248 -14.29 -1.92 26.43
N HIS F 249 -13.19 -2.62 26.06
CA HIS F 249 -11.89 -1.97 26.17
C HIS F 249 -11.60 -1.04 24.98
N VAL F 250 -11.37 0.23 25.31
CA VAL F 250 -11.06 1.29 24.34
C VAL F 250 -9.67 1.83 24.75
N ASP F 251 -8.67 0.92 24.60
CA ASP F 251 -7.31 1.23 25.06
C ASP F 251 -6.31 0.92 23.96
N GLY F 252 -6.77 0.74 22.72
CA GLY F 252 -5.95 0.48 21.56
C GLY F 252 -5.32 -0.93 21.53
N GLY F 253 -5.81 -1.82 22.36
CA GLY F 253 -5.29 -3.19 22.45
C GLY F 253 -4.32 -3.39 23.61
N PHE F 254 -4.04 -2.39 24.46
CA PHE F 254 -3.05 -2.57 25.52
C PHE F 254 -3.18 -3.80 26.40
N SER F 255 -4.38 -4.10 26.89
CA SER F 255 -4.59 -5.20 27.82
C SER F 255 -4.46 -6.59 27.21
N ILE F 256 -4.50 -6.76 25.90
CA ILE F 256 -4.43 -8.08 25.27
C ILE F 256 -3.04 -8.46 24.79
N ALA F 257 -2.01 -7.67 25.13
CA ALA F 257 -0.64 -8.01 24.74
C ALA F 257 0.26 -8.11 25.98
N ALA F 258 1.44 -8.73 25.80
CA ALA F 258 2.39 -8.83 26.90
C ALA F 258 3.83 -8.95 26.36
N MET F 259 4.76 -8.27 27.03
CA MET F 259 6.17 -8.31 26.70
C MET F 259 6.56 -7.65 25.39
N ASN F 260 5.79 -6.70 24.87
CA ASN F 260 6.18 -6.01 23.63
C ASN F 260 7.46 -5.19 23.86
N GLU F 261 7.79 -4.73 25.06
CA GLU F 261 9.01 -3.96 25.30
C GLU F 261 10.29 -4.63 24.82
N LEU F 262 10.40 -5.95 24.99
CA LEU F 262 11.57 -6.70 24.60
C LEU F 262 11.90 -6.64 23.11
N GLY G 5 2.41 -40.84 51.32
CA GLY G 5 2.13 -39.58 50.56
C GLY G 5 0.72 -39.60 49.99
N PHE G 6 0.23 -38.46 49.49
CA PHE G 6 -1.13 -38.32 48.99
C PHE G 6 -1.39 -38.90 47.61
N LEU G 7 -0.42 -39.49 46.95
CA LEU G 7 -0.65 -40.28 45.74
C LEU G 7 -0.49 -41.79 46.00
N SER G 8 -0.37 -42.21 47.26
CA SER G 8 -0.22 -43.65 47.54
C SER G 8 -1.42 -44.41 47.02
N GLY G 9 -1.22 -45.50 46.28
CA GLY G 9 -2.35 -46.21 45.70
C GLY G 9 -2.73 -45.76 44.29
N LYS G 10 -2.06 -44.76 43.71
CA LYS G 10 -2.37 -44.33 42.35
C LYS G 10 -1.33 -44.79 41.33
N ARG G 11 -1.77 -45.11 40.11
CA ARG G 11 -0.90 -45.48 39.00
C ARG G 11 -1.02 -44.40 37.90
N ILE G 12 0.02 -43.62 37.65
CA ILE G 12 0.01 -42.52 36.67
C ILE G 12 1.04 -42.63 35.55
N LEU G 13 0.65 -42.38 34.30
CA LEU G 13 1.54 -42.37 33.13
C LEU G 13 2.09 -40.96 32.86
N VAL G 14 3.40 -40.82 32.70
CA VAL G 14 4.03 -39.51 32.48
C VAL G 14 4.73 -39.41 31.13
N THR G 15 4.28 -38.49 30.27
CA THR G 15 4.93 -38.26 28.96
C THR G 15 5.90 -37.06 29.06
N GLY G 16 6.68 -36.77 28.03
CA GLY G 16 7.56 -35.64 27.90
C GLY G 16 8.84 -35.45 28.65
N VAL G 17 9.46 -36.52 29.19
CA VAL G 17 10.78 -36.31 29.80
C VAL G 17 11.85 -36.25 28.73
N ALA G 18 12.48 -35.11 28.47
CA ALA G 18 13.52 -35.00 27.45
C ALA G 18 14.92 -34.85 28.08
N SER G 19 15.05 -34.18 29.22
CA SER G 19 16.31 -33.94 29.90
C SER G 19 16.02 -33.72 31.38
N LYS G 20 17.03 -33.52 32.21
CA LYS G 20 16.72 -33.26 33.64
C LYS G 20 16.13 -31.86 33.86
N LEU G 21 16.13 -30.94 32.90
CA LEU G 21 15.50 -29.64 33.02
C LEU G 21 14.01 -29.64 32.69
N SER G 22 13.48 -30.67 32.07
CA SER G 22 12.10 -30.80 31.64
C SER G 22 11.05 -30.63 32.73
N ILE G 23 9.92 -29.97 32.43
CA ILE G 23 8.84 -29.85 33.41
C ILE G 23 8.37 -31.25 33.81
N ALA G 24 8.30 -32.23 32.89
CA ALA G 24 7.81 -33.56 33.26
C ALA G 24 8.78 -34.33 34.18
N TYR G 25 10.05 -34.01 34.17
CA TYR G 25 11.03 -34.63 35.08
C TYR G 25 10.70 -34.17 36.49
N GLY G 26 10.45 -32.86 36.66
CA GLY G 26 10.05 -32.31 37.96
C GLY G 26 8.72 -32.90 38.40
N ILE G 27 7.76 -33.10 37.48
CA ILE G 27 6.48 -33.71 37.84
C ILE G 27 6.73 -35.14 38.32
N ALA G 28 7.53 -35.91 37.57
CA ALA G 28 7.82 -37.30 37.94
C ALA G 28 8.37 -37.43 39.35
N GLN G 29 9.40 -36.64 39.64
CA GLN G 29 10.03 -36.64 40.97
C GLN G 29 9.07 -36.34 42.11
N ALA G 30 8.18 -35.34 41.93
CA ALA G 30 7.23 -35.05 43.00
C ALA G 30 6.22 -36.15 43.17
N MET G 31 5.71 -36.73 42.07
CA MET G 31 4.71 -37.82 42.21
C MET G 31 5.38 -39.01 42.91
N HIS G 32 6.65 -39.28 42.58
CA HIS G 32 7.38 -40.38 43.22
C HIS G 32 7.45 -40.13 44.72
N ARG G 33 7.88 -38.94 45.12
CA ARG G 33 7.93 -38.55 46.53
C ARG G 33 6.60 -38.76 47.25
N GLU G 34 5.46 -38.56 46.61
CA GLU G 34 4.16 -38.75 47.24
C GLU G 34 3.56 -40.13 47.07
N GLY G 35 4.35 -41.15 46.75
CA GLY G 35 3.90 -42.54 46.70
C GLY G 35 3.26 -43.12 45.46
N ALA G 36 3.24 -42.37 44.34
CA ALA G 36 2.57 -42.94 43.17
C ALA G 36 3.40 -44.07 42.57
N GLU G 37 2.75 -44.96 41.83
CA GLU G 37 3.43 -45.92 40.96
C GLU G 37 3.55 -45.25 39.58
N LEU G 38 4.71 -45.23 38.93
CA LEU G 38 4.79 -44.57 37.61
C LEU G 38 5.18 -45.44 36.43
N ALA G 39 4.85 -44.94 35.23
CA ALA G 39 5.19 -45.51 33.94
C ALA G 39 5.59 -44.33 33.02
N PHE G 40 6.45 -44.52 32.02
CA PHE G 40 6.96 -43.46 31.17
C PHE G 40 6.95 -43.68 29.67
N THR G 41 6.79 -42.60 28.87
CA THR G 41 6.84 -42.78 27.41
C THR G 41 8.02 -41.99 26.85
N TYR G 42 8.53 -42.38 25.68
CA TYR G 42 9.62 -41.68 24.99
C TYR G 42 9.21 -41.47 23.52
N GLN G 43 9.42 -40.27 22.95
CA GLN G 43 8.98 -39.93 21.61
C GLN G 43 9.57 -40.82 20.52
N ASN G 44 10.88 -41.10 20.58
CA ASN G 44 11.55 -41.91 19.57
C ASN G 44 12.86 -42.49 20.11
N ASP G 45 13.61 -43.22 19.28
CA ASP G 45 14.84 -43.89 19.69
C ASP G 45 16.04 -43.04 20.08
N LYS G 46 16.06 -41.74 19.78
CA LYS G 46 17.13 -40.88 20.27
C LYS G 46 16.99 -40.60 21.78
N LEU G 47 15.80 -40.78 22.34
CA LEU G 47 15.54 -40.51 23.74
C LEU G 47 15.43 -41.77 24.61
N LYS G 48 15.27 -42.94 24.00
CA LYS G 48 15.07 -44.19 24.74
C LYS G 48 16.04 -44.48 25.89
N GLY G 49 17.34 -44.51 25.62
CA GLY G 49 18.30 -44.83 26.68
C GLY G 49 18.18 -43.97 27.94
N ARG G 50 18.19 -42.66 27.78
CA ARG G 50 18.05 -41.74 28.92
C ARG G 50 16.75 -41.88 29.69
N VAL G 51 15.62 -42.01 28.99
CA VAL G 51 14.34 -42.15 29.69
C VAL G 51 14.37 -43.46 30.47
N GLU G 52 14.95 -44.53 29.89
CA GLU G 52 15.08 -45.79 30.61
C GLU G 52 15.86 -45.60 31.92
N GLU G 53 16.98 -44.88 31.88
CA GLU G 53 17.77 -44.66 33.10
C GLU G 53 16.99 -43.88 34.16
N PHE G 54 16.33 -42.78 33.74
CA PHE G 54 15.54 -41.98 34.69
C PHE G 54 14.47 -42.82 35.36
N ALA G 55 13.73 -43.60 34.57
CA ALA G 55 12.67 -44.45 35.10
C ALA G 55 13.22 -45.41 36.16
N ALA G 56 14.39 -45.98 35.90
CA ALA G 56 15.06 -46.89 36.83
C ALA G 56 15.39 -46.26 38.18
N GLN G 57 15.78 -45.00 38.23
CA GLN G 57 16.07 -44.26 39.44
C GLN G 57 14.82 -43.99 40.29
N LEU G 58 13.63 -44.05 39.70
CA LEU G 58 12.39 -43.86 40.39
C LEU G 58 11.70 -45.21 40.60
N GLY G 59 12.45 -46.29 40.41
CA GLY G 59 11.93 -47.63 40.61
C GLY G 59 10.89 -48.13 39.64
N SER G 60 10.90 -47.60 38.42
CA SER G 60 9.90 -47.99 37.42
C SER G 60 10.52 -48.84 36.32
N ASP G 61 9.77 -49.82 35.88
CA ASP G 61 10.17 -50.70 34.79
C ASP G 61 9.39 -50.52 33.50
N ILE G 62 8.40 -49.61 33.50
CA ILE G 62 7.47 -49.46 32.37
C ILE G 62 7.88 -48.26 31.51
N VAL G 63 8.56 -48.50 30.41
CA VAL G 63 9.11 -47.49 29.49
C VAL G 63 8.72 -47.87 28.07
N LEU G 64 7.78 -47.12 27.51
CA LEU G 64 7.12 -47.39 26.25
C LEU G 64 7.22 -46.26 25.22
N GLN G 65 7.46 -46.63 23.94
CA GLN G 65 7.57 -45.62 22.90
C GLN G 65 6.20 -45.03 22.53
N CYS G 66 6.15 -43.71 22.31
CA CYS G 66 4.87 -43.10 21.88
C CYS G 66 5.06 -41.77 21.14
N ASP G 67 4.80 -41.78 19.84
CA ASP G 67 4.89 -40.51 19.06
C ASP G 67 3.44 -40.08 18.89
N VAL G 68 3.02 -38.93 19.48
CA VAL G 68 1.59 -38.60 19.40
C VAL G 68 1.10 -38.05 18.09
N ALA G 69 1.93 -37.97 17.04
CA ALA G 69 1.48 -37.57 15.74
C ALA G 69 0.75 -38.75 15.08
N GLU G 70 0.96 -39.96 15.65
CA GLU G 70 0.40 -41.16 15.06
C GLU G 70 -0.62 -41.90 15.91
N ASP G 71 -1.83 -42.05 15.38
CA ASP G 71 -2.87 -42.78 16.11
C ASP G 71 -2.44 -44.21 16.44
N ALA G 72 -1.70 -44.87 15.55
CA ALA G 72 -1.23 -46.25 15.78
C ALA G 72 -0.22 -46.38 16.90
N SER G 73 0.65 -45.39 17.03
CA SER G 73 1.68 -45.36 18.08
C SER G 73 0.98 -45.26 19.43
N ILE G 74 -0.01 -44.35 19.53
CA ILE G 74 -0.79 -44.18 20.74
C ILE G 74 -1.56 -45.48 21.07
N ASP G 75 -2.23 -46.09 20.12
CA ASP G 75 -3.01 -47.31 20.34
C ASP G 75 -2.10 -48.48 20.75
N THR G 76 -0.95 -48.64 20.09
CA THR G 76 -0.03 -49.74 20.44
C THR G 76 0.52 -49.56 21.85
N MET G 77 0.85 -48.29 22.20
CA MET G 77 1.39 -48.00 23.53
C MET G 77 0.42 -48.38 24.64
N PHE G 78 -0.88 -48.10 24.47
CA PHE G 78 -1.87 -48.40 25.51
C PHE G 78 -2.13 -49.90 25.59
N ALA G 79 -1.89 -50.63 24.50
CA ALA G 79 -2.07 -52.09 24.51
C ALA G 79 -0.90 -52.73 25.29
N GLU G 80 0.31 -52.21 25.14
CA GLU G 80 1.46 -52.65 25.90
C GLU G 80 1.29 -52.32 27.38
N LEU G 81 0.82 -51.10 27.66
CA LEU G 81 0.60 -50.71 29.06
C LEU G 81 -0.47 -51.61 29.68
N GLY G 82 -1.47 -52.03 28.94
CA GLY G 82 -2.59 -52.85 29.37
C GLY G 82 -2.19 -54.22 29.95
N LYS G 83 -1.08 -54.76 29.49
CA LYS G 83 -0.48 -55.99 29.95
C LYS G 83 0.02 -55.91 31.38
N VAL G 84 0.42 -54.73 31.86
CA VAL G 84 0.86 -54.60 33.25
C VAL G 84 -0.16 -53.82 34.07
N TRP G 85 -0.85 -52.83 33.47
CA TRP G 85 -1.85 -52.03 34.13
C TRP G 85 -3.13 -52.08 33.32
N PRO G 86 -3.96 -53.08 33.56
CA PRO G 86 -5.25 -53.22 32.87
C PRO G 86 -6.13 -52.02 33.15
N LYS G 87 -6.04 -51.45 34.35
CA LYS G 87 -6.68 -50.25 34.80
C LYS G 87 -5.61 -49.35 35.46
N PHE G 88 -5.82 -48.03 35.35
CA PHE G 88 -4.88 -47.06 35.94
C PHE G 88 -5.62 -45.74 36.18
N ASP G 89 -4.96 -44.75 36.78
CA ASP G 89 -5.63 -43.59 37.34
C ASP G 89 -5.40 -42.24 36.63
N GLY G 90 -4.86 -42.24 35.42
CA GLY G 90 -4.70 -40.94 34.71
C GLY G 90 -3.30 -40.77 34.14
N PHE G 91 -3.08 -39.63 33.45
CA PHE G 91 -1.79 -39.39 32.81
C PHE G 91 -1.47 -37.89 32.74
N VAL G 92 -0.19 -37.58 32.61
CA VAL G 92 0.35 -36.24 32.46
C VAL G 92 0.82 -36.03 31.02
N HIS G 93 0.27 -35.04 30.32
CA HIS G 93 0.60 -34.65 28.96
C HIS G 93 1.49 -33.43 28.95
N SER G 94 2.78 -33.55 28.68
CA SER G 94 3.73 -32.44 28.75
C SER G 94 4.50 -32.45 27.42
N ILE G 95 3.78 -32.12 26.34
CA ILE G 95 4.17 -32.24 24.95
C ILE G 95 3.76 -31.02 24.11
N GLY G 96 4.71 -30.46 23.36
CA GLY G 96 4.39 -29.36 22.45
C GLY G 96 5.37 -29.32 21.29
N PHE G 97 4.94 -28.79 20.13
CA PHE G 97 5.83 -28.63 18.98
C PHE G 97 5.23 -27.71 17.89
N ALA G 98 6.10 -27.00 17.21
CA ALA G 98 5.88 -26.24 16.00
C ALA G 98 7.21 -26.07 15.26
N PRO G 99 7.21 -26.09 13.94
CA PRO G 99 8.43 -25.92 13.15
C PRO G 99 9.08 -24.62 13.60
N GLY G 100 10.40 -24.56 13.66
CA GLY G 100 11.16 -23.43 14.15
C GLY G 100 10.98 -22.10 13.46
N ASP G 101 10.68 -22.08 12.17
CA ASP G 101 10.45 -20.88 11.36
C ASP G 101 9.15 -20.18 11.79
N GLN G 102 8.29 -20.85 12.55
CA GLN G 102 7.07 -20.27 13.07
C GLN G 102 7.35 -19.30 14.22
N LEU G 103 8.47 -19.47 14.93
CA LEU G 103 8.75 -18.73 16.16
C LEU G 103 9.70 -17.56 16.06
N ASP G 104 9.81 -16.93 14.90
CA ASP G 104 10.78 -15.81 14.82
C ASP G 104 10.21 -14.64 14.05
N GLY G 105 10.09 -13.49 14.70
CA GLY G 105 9.63 -12.29 14.03
C GLY G 105 8.11 -12.14 13.89
N ASP G 106 7.72 -11.16 13.09
CA ASP G 106 6.30 -10.78 12.88
C ASP G 106 5.42 -12.01 12.69
N TYR G 107 4.34 -12.14 13.48
CA TYR G 107 3.44 -13.29 13.40
C TYR G 107 2.85 -13.53 12.02
N VAL G 108 2.24 -12.52 11.41
CA VAL G 108 1.55 -12.69 10.14
C VAL G 108 2.52 -13.08 9.02
N ASN G 109 3.75 -12.55 8.97
CA ASN G 109 4.72 -12.99 8.00
C ASN G 109 5.16 -14.45 8.24
N ALA G 110 5.29 -14.86 9.49
CA ALA G 110 5.85 -16.19 9.78
C ALA G 110 4.87 -17.35 9.69
N VAL G 111 3.61 -17.18 10.07
CA VAL G 111 2.63 -18.26 10.08
C VAL G 111 2.34 -18.79 8.69
N THR G 112 2.23 -20.10 8.57
CA THR G 112 1.87 -20.78 7.32
C THR G 112 0.76 -21.81 7.57
N ARG G 113 0.08 -22.27 6.53
CA ARG G 113 -1.01 -23.23 6.70
C ARG G 113 -0.51 -24.52 7.36
N GLU G 114 0.64 -25.02 6.90
CA GLU G 114 1.29 -26.23 7.39
C GLU G 114 1.85 -26.05 8.78
N GLY G 115 2.53 -24.93 9.09
CA GLY G 115 2.99 -24.62 10.43
C GLY G 115 1.85 -24.58 11.45
N PHE G 116 0.74 -23.95 11.07
CA PHE G 116 -0.46 -23.87 11.91
C PHE G 116 -0.96 -25.30 12.16
N LYS G 117 -1.12 -26.12 11.10
CA LYS G 117 -1.64 -27.48 11.25
C LYS G 117 -0.80 -28.31 12.21
N ILE G 118 0.51 -28.33 12.03
CA ILE G 118 1.40 -29.08 12.95
C ILE G 118 1.32 -28.60 14.39
N ALA G 119 1.35 -27.29 14.67
CA ALA G 119 1.30 -26.78 16.03
C ALA G 119 0.04 -27.22 16.78
N HIS G 120 -1.11 -27.14 16.11
CA HIS G 120 -2.39 -27.49 16.71
C HIS G 120 -2.51 -29.02 16.88
N ASP G 121 -2.04 -29.78 15.90
CA ASP G 121 -2.13 -31.26 15.98
C ASP G 121 -1.31 -31.82 17.14
N ILE G 122 -0.03 -31.44 17.24
CA ILE G 122 0.83 -31.95 18.30
C ILE G 122 0.55 -31.32 19.67
N SER G 123 0.27 -30.01 19.77
CA SER G 123 0.11 -29.34 21.06
C SER G 123 -1.29 -29.35 21.63
N SER G 124 -2.35 -29.52 20.84
CA SER G 124 -3.72 -29.55 21.33
C SER G 124 -4.44 -30.86 21.00
N TYR G 125 -4.53 -31.27 19.71
CA TYR G 125 -5.25 -32.51 19.43
C TYR G 125 -4.71 -33.72 20.20
N SER G 126 -3.41 -33.91 20.33
CA SER G 126 -2.86 -35.09 20.99
C SER G 126 -3.41 -35.35 22.37
N PHE G 127 -3.76 -34.35 23.18
CA PHE G 127 -4.29 -34.58 24.53
C PHE G 127 -5.59 -35.38 24.46
N VAL G 128 -6.55 -34.99 23.64
CA VAL G 128 -7.82 -35.74 23.55
C VAL G 128 -7.58 -37.07 22.80
N ALA G 129 -6.57 -37.14 21.93
CA ALA G 129 -6.23 -38.40 21.25
C ALA G 129 -5.87 -39.47 22.29
N MET G 130 -5.03 -39.11 23.25
CA MET G 130 -4.65 -40.01 24.34
C MET G 130 -5.85 -40.39 25.19
N ALA G 131 -6.77 -39.46 25.52
CA ALA G 131 -7.94 -39.81 26.31
C ALA G 131 -8.90 -40.78 25.61
N LYS G 132 -9.13 -40.66 24.31
CA LYS G 132 -9.93 -41.59 23.53
C LYS G 132 -9.35 -43.02 23.55
N ALA G 133 -8.03 -43.13 23.47
CA ALA G 133 -7.36 -44.43 23.39
C ALA G 133 -7.35 -45.18 24.72
N CYS G 134 -7.44 -44.49 25.84
CA CYS G 134 -7.43 -45.18 27.14
C CYS G 134 -8.70 -45.02 27.95
N ARG G 135 -9.75 -44.44 27.38
CA ARG G 135 -10.97 -44.13 28.10
C ARG G 135 -11.50 -45.27 28.98
N SER G 136 -11.57 -46.49 28.41
CA SER G 136 -12.14 -47.61 29.19
C SER G 136 -11.18 -48.22 30.18
N MET G 137 -9.90 -47.81 30.19
CA MET G 137 -8.91 -48.24 31.16
C MET G 137 -8.86 -47.39 32.44
N LEU G 138 -9.57 -46.26 32.49
CA LEU G 138 -9.52 -45.37 33.65
C LEU G 138 -10.48 -45.78 34.78
N ASN G 139 -9.95 -45.84 35.98
CA ASN G 139 -10.72 -46.10 37.20
C ASN G 139 -11.50 -44.84 37.56
N PRO G 140 -12.56 -45.00 38.33
CA PRO G 140 -13.32 -43.91 38.91
C PRO G 140 -12.38 -43.10 39.81
N GLY G 141 -12.43 -41.76 39.76
CA GLY G 141 -11.51 -40.94 40.53
C GLY G 141 -10.20 -40.60 39.80
N SER G 142 -10.12 -40.93 38.52
CA SER G 142 -8.95 -40.68 37.70
C SER G 142 -8.80 -39.18 37.39
N ALA G 143 -7.60 -38.78 36.99
CA ALA G 143 -7.39 -37.37 36.63
C ALA G 143 -6.40 -37.21 35.47
N LEU G 144 -6.71 -36.30 34.54
CA LEU G 144 -5.84 -36.00 33.39
C LEU G 144 -5.28 -34.57 33.50
N LEU G 145 -4.00 -34.35 33.14
CA LEU G 145 -3.39 -33.03 33.29
C LEU G 145 -2.56 -32.67 32.07
N THR G 146 -2.59 -31.38 31.64
CA THR G 146 -1.75 -30.89 30.52
C THR G 146 -1.05 -29.59 30.92
N LEU G 147 -0.13 -29.06 30.13
CA LEU G 147 0.61 -27.85 30.40
C LEU G 147 0.41 -26.73 29.34
N SER G 148 -0.07 -25.56 29.79
CA SER G 148 -0.32 -24.42 28.90
C SER G 148 0.59 -23.24 29.23
N TYR G 149 0.42 -22.11 28.54
CA TYR G 149 1.23 -20.92 28.76
C TYR G 149 0.38 -19.67 28.53
N LEU G 150 0.77 -18.53 29.11
CA LEU G 150 0.07 -17.24 29.01
C LEU G 150 -0.17 -16.76 27.58
N GLY G 151 0.63 -17.25 26.60
CA GLY G 151 0.45 -16.97 25.18
C GLY G 151 -0.95 -17.37 24.71
N ALA G 152 -1.64 -18.28 25.39
CA ALA G 152 -3.03 -18.56 24.99
C ALA G 152 -3.93 -17.31 25.17
N GLU G 153 -3.74 -16.57 26.25
CA GLU G 153 -4.59 -15.44 26.66
C GLU G 153 -4.15 -14.08 26.14
N ARG G 154 -2.85 -13.86 25.90
CA ARG G 154 -2.34 -12.58 25.40
C ARG G 154 -1.43 -12.77 24.20
N ALA G 155 -1.24 -11.76 23.36
CA ALA G 155 -0.34 -11.85 22.21
C ALA G 155 1.08 -11.56 22.72
N ILE G 156 2.01 -12.47 22.52
CA ILE G 156 3.41 -12.31 23.01
C ILE G 156 4.33 -12.45 21.80
N PRO G 157 5.26 -11.54 21.63
CA PRO G 157 6.20 -11.55 20.50
C PRO G 157 6.89 -12.91 20.40
N ASN G 158 7.09 -13.38 19.19
CA ASN G 158 7.75 -14.61 18.78
C ASN G 158 7.07 -15.93 19.17
N TYR G 159 6.21 -15.97 20.17
CA TYR G 159 5.48 -17.22 20.52
C TYR G 159 4.51 -17.58 19.40
N ASN G 160 3.98 -16.55 18.72
CA ASN G 160 3.30 -16.71 17.45
C ASN G 160 2.24 -17.81 17.43
N VAL G 161 2.25 -18.71 16.44
CA VAL G 161 1.14 -19.71 16.35
C VAL G 161 1.02 -20.68 17.52
N MET G 162 2.07 -20.85 18.35
CA MET G 162 1.96 -21.60 19.60
C MET G 162 0.90 -21.01 20.53
N GLY G 163 0.71 -19.68 20.56
CA GLY G 163 -0.35 -19.08 21.38
C GLY G 163 -1.76 -19.59 20.91
N LEU G 164 -2.02 -19.62 19.61
CA LEU G 164 -3.30 -20.14 19.10
C LEU G 164 -3.50 -21.61 19.50
N ALA G 165 -2.46 -22.43 19.41
CA ALA G 165 -2.50 -23.83 19.78
C ALA G 165 -2.77 -24.02 21.26
N LYS G 166 -2.18 -23.17 22.12
CA LYS G 166 -2.43 -23.27 23.56
C LYS G 166 -3.86 -22.78 23.83
N ALA G 167 -4.39 -21.80 23.09
CA ALA G 167 -5.79 -21.40 23.31
C ALA G 167 -6.73 -22.58 22.99
N SER G 168 -6.43 -23.32 21.93
CA SER G 168 -7.17 -24.52 21.54
C SER G 168 -7.07 -25.59 22.65
N LEU G 169 -5.86 -25.77 23.21
CA LEU G 169 -5.66 -26.75 24.28
C LEU G 169 -6.51 -26.42 25.49
N GLU G 170 -6.56 -25.15 25.93
CA GLU G 170 -7.37 -24.77 27.11
C GLU G 170 -8.85 -25.07 26.88
N ALA G 171 -9.42 -24.78 25.74
CA ALA G 171 -10.79 -25.11 25.39
C ALA G 171 -10.93 -26.66 25.37
N ASN G 172 -9.93 -27.37 24.90
CA ASN G 172 -9.95 -28.85 24.96
C ASN G 172 -10.07 -29.34 26.42
N VAL G 173 -9.38 -28.72 27.40
CA VAL G 173 -9.53 -29.07 28.81
C VAL G 173 -10.98 -28.93 29.25
N ARG G 174 -11.69 -27.88 28.85
CA ARG G 174 -13.07 -27.61 29.25
C ARG G 174 -14.02 -28.65 28.64
N TYR G 175 -13.87 -28.91 27.35
CA TYR G 175 -14.74 -29.89 26.67
C TYR G 175 -14.47 -31.31 27.13
N MET G 176 -13.22 -31.67 27.42
CA MET G 176 -12.93 -33.02 27.94
C MET G 176 -13.50 -33.19 29.35
N ALA G 177 -13.38 -32.15 30.21
CA ALA G 177 -13.93 -32.20 31.56
C ALA G 177 -15.46 -32.36 31.60
N ASN G 178 -16.14 -31.63 30.72
CA ASN G 178 -17.59 -31.69 30.64
C ASN G 178 -18.05 -33.07 30.13
N ALA G 179 -17.30 -33.66 29.21
CA ALA G 179 -17.72 -34.96 28.68
C ALA G 179 -17.33 -36.12 29.61
N MET G 180 -16.22 -36.01 30.32
CA MET G 180 -15.76 -37.18 31.09
C MET G 180 -16.14 -37.15 32.56
N GLY G 181 -16.56 -35.98 33.08
CA GLY G 181 -16.98 -35.81 34.44
C GLY G 181 -17.97 -36.84 34.97
N PRO G 182 -19.10 -37.03 34.30
CA PRO G 182 -20.16 -37.94 34.73
C PRO G 182 -19.70 -39.36 34.99
N GLU G 183 -18.70 -39.86 34.27
CA GLU G 183 -18.14 -41.17 34.49
C GLU G 183 -17.04 -41.18 35.55
N GLY G 184 -16.76 -40.02 36.18
CA GLY G 184 -15.79 -39.98 37.25
C GLY G 184 -14.36 -39.60 36.95
N VAL G 185 -14.09 -38.87 35.87
CA VAL G 185 -12.74 -38.46 35.51
C VAL G 185 -12.65 -36.92 35.53
N ARG G 186 -11.59 -36.36 36.09
CA ARG G 186 -11.40 -34.90 36.09
C ARG G 186 -10.30 -34.52 35.09
N VAL G 187 -10.38 -33.32 34.53
CA VAL G 187 -9.38 -32.91 33.51
C VAL G 187 -8.97 -31.46 33.78
N ASN G 188 -7.69 -31.15 34.01
CA ASN G 188 -7.27 -29.78 34.29
C ASN G 188 -5.95 -29.41 33.57
N ALA G 189 -5.57 -28.13 33.62
CA ALA G 189 -4.27 -27.71 33.09
C ALA G 189 -3.52 -26.79 34.07
N ILE G 190 -2.19 -26.77 33.93
CA ILE G 190 -1.36 -25.81 34.63
C ILE G 190 -0.75 -24.81 33.62
N SER G 191 -0.96 -23.50 33.82
CA SER G 191 -0.35 -22.49 32.92
C SER G 191 0.95 -22.10 33.61
N ALA G 192 2.08 -22.68 33.22
CA ALA G 192 3.33 -22.41 33.96
C ALA G 192 4.02 -21.12 33.53
N GLY G 193 4.75 -20.49 34.48
CA GLY G 193 5.58 -19.33 34.09
C GLY G 193 6.83 -19.86 33.36
N PRO G 194 7.62 -18.97 32.79
CA PRO G 194 8.80 -19.31 32.01
C PRO G 194 9.87 -20.04 32.80
N ILE G 195 10.37 -21.13 32.23
CA ILE G 195 11.42 -22.01 32.78
C ILE G 195 12.41 -22.41 31.69
N ARG G 196 13.72 -22.36 31.95
CA ARG G 196 14.70 -22.78 30.93
C ARG G 196 14.70 -24.28 30.63
N THR G 197 14.20 -24.67 29.45
CA THR G 197 14.18 -26.06 29.01
C THR G 197 14.67 -26.13 27.57
N LEU G 198 14.90 -27.34 27.01
CA LEU G 198 15.32 -27.41 25.60
C LEU G 198 14.34 -26.76 24.63
N ALA G 199 13.04 -27.05 24.77
CA ALA G 199 12.03 -26.41 23.89
C ALA G 199 11.98 -24.90 24.07
N ALA G 200 12.13 -24.38 25.28
CA ALA G 200 12.08 -22.95 25.57
C ALA G 200 13.22 -22.25 24.82
N SER G 201 14.35 -22.95 24.71
CA SER G 201 15.51 -22.42 24.00
C SER G 201 15.36 -22.30 22.49
N GLY G 202 14.28 -22.74 21.86
CA GLY G 202 13.98 -22.59 20.45
C GLY G 202 13.19 -21.29 20.19
N ILE G 203 12.75 -20.61 21.24
CA ILE G 203 11.96 -19.38 21.10
C ILE G 203 12.93 -18.21 20.98
N LYS G 204 12.76 -17.40 19.91
CA LYS G 204 13.67 -16.23 19.80
C LYS G 204 13.63 -15.34 21.03
N ASP G 205 14.79 -14.99 21.56
CA ASP G 205 14.92 -14.11 22.71
C ASP G 205 14.29 -14.63 23.99
N PHE G 206 14.30 -15.95 24.22
CA PHE G 206 13.73 -16.50 25.45
C PHE G 206 14.43 -15.97 26.69
N ARG G 207 15.74 -15.77 26.62
CA ARG G 207 16.56 -15.25 27.70
C ARG G 207 16.01 -13.91 28.21
N LYS G 208 15.52 -13.07 27.31
CA LYS G 208 14.90 -11.79 27.69
C LYS G 208 13.54 -11.95 28.38
N MET G 209 12.72 -12.90 27.93
CA MET G 209 11.46 -13.18 28.60
C MET G 209 11.72 -13.61 30.04
N LEU G 210 12.66 -14.54 30.22
CA LEU G 210 12.99 -15.09 31.52
C LEU G 210 13.43 -13.98 32.47
N ALA G 211 14.35 -13.12 32.04
CA ALA G 211 14.85 -12.07 32.94
C ALA G 211 13.75 -11.05 33.26
N HIS G 212 12.92 -10.69 32.28
CA HIS G 212 11.82 -9.75 32.56
C HIS G 212 10.85 -10.30 33.62
N CYS G 213 10.47 -11.59 33.51
CA CYS G 213 9.56 -12.19 34.48
C CYS G 213 10.15 -12.26 35.86
N GLU G 214 11.47 -12.49 35.98
CA GLU G 214 12.11 -12.52 37.30
C GLU G 214 12.00 -11.18 38.02
N ALA G 215 12.13 -10.08 37.27
CA ALA G 215 12.05 -8.75 37.81
C ALA G 215 10.65 -8.27 38.19
N VAL G 216 9.60 -8.59 37.44
CA VAL G 216 8.26 -8.09 37.75
C VAL G 216 7.26 -9.09 38.30
N THR G 217 7.61 -10.35 38.45
CA THR G 217 6.67 -11.30 39.05
C THR G 217 6.48 -10.96 40.51
N PRO G 218 5.29 -10.99 41.08
CA PRO G 218 5.04 -10.71 42.49
C PRO G 218 5.92 -11.44 43.48
N ILE G 219 6.28 -12.72 43.27
CA ILE G 219 7.12 -13.44 44.21
C ILE G 219 8.59 -13.15 43.98
N ARG G 220 8.93 -12.35 43.01
CA ARG G 220 10.25 -11.87 42.65
C ARG G 220 11.27 -12.96 42.38
N ARG G 221 10.84 -14.00 41.69
CA ARG G 221 11.69 -15.10 41.24
C ARG G 221 10.94 -15.83 40.10
N THR G 222 11.64 -16.61 39.28
CA THR G 222 10.90 -17.37 38.27
C THR G 222 10.59 -18.74 38.89
N VAL G 223 9.57 -19.41 38.36
CA VAL G 223 9.18 -20.69 39.01
C VAL G 223 10.11 -21.83 38.63
N THR G 224 10.07 -22.90 39.42
CA THR G 224 10.91 -24.08 39.16
C THR G 224 10.10 -25.30 38.75
N ILE G 225 10.78 -26.35 38.29
CA ILE G 225 10.08 -27.60 37.97
C ILE G 225 9.60 -28.28 39.25
N GLU G 226 10.19 -27.93 40.39
CA GLU G 226 9.74 -28.39 41.71
C GLU G 226 8.39 -27.75 42.07
N ASP G 227 8.23 -26.45 41.83
CA ASP G 227 6.99 -25.73 42.07
C ASP G 227 5.90 -26.36 41.19
N VAL G 228 6.23 -26.51 39.89
CA VAL G 228 5.24 -27.09 38.97
C VAL G 228 4.94 -28.53 39.31
N GLY G 229 5.94 -29.33 39.69
CA GLY G 229 5.70 -30.73 40.03
C GLY G 229 4.82 -30.87 41.26
N ASN G 230 4.96 -29.98 42.24
CA ASN G 230 4.12 -30.02 43.45
C ASN G 230 2.67 -29.70 43.12
N SER G 231 2.39 -28.68 42.27
CA SER G 231 1.02 -28.41 41.87
C SER G 231 0.45 -29.53 41.01
N ALA G 232 1.25 -30.14 40.14
CA ALA G 232 0.81 -31.25 39.29
C ALA G 232 0.42 -32.45 40.16
N ALA G 233 1.20 -32.73 41.20
CA ALA G 233 0.90 -33.82 42.14
C ALA G 233 -0.42 -33.61 42.83
N PHE G 234 -0.70 -32.41 43.29
CA PHE G 234 -1.99 -32.04 43.89
C PHE G 234 -3.15 -32.27 42.92
N LEU G 235 -3.01 -31.75 41.69
CA LEU G 235 -4.07 -31.84 40.71
C LEU G 235 -4.39 -33.23 40.17
N CYS G 236 -3.48 -34.21 40.31
CA CYS G 236 -3.80 -35.58 39.91
C CYS G 236 -4.18 -36.46 41.10
N SER G 237 -4.32 -35.87 42.29
CA SER G 237 -4.68 -36.61 43.50
C SER G 237 -6.12 -36.37 43.94
N ASP G 238 -6.65 -37.18 44.87
CA ASP G 238 -8.00 -37.00 45.40
C ASP G 238 -8.19 -35.75 46.27
N LEU G 239 -7.13 -35.09 46.70
CA LEU G 239 -7.15 -33.82 47.39
C LEU G 239 -7.80 -32.73 46.52
N SER G 240 -7.69 -32.82 45.20
CA SER G 240 -8.29 -31.84 44.29
C SER G 240 -9.59 -32.33 43.68
N ALA G 241 -10.35 -33.18 44.39
CA ALA G 241 -11.60 -33.72 43.96
C ALA G 241 -12.66 -32.68 43.61
N GLY G 242 -12.61 -31.45 44.15
CA GLY G 242 -13.59 -30.45 43.79
C GLY G 242 -13.21 -29.56 42.61
N ILE G 243 -12.11 -29.83 41.93
CA ILE G 243 -11.62 -29.00 40.82
C ILE G 243 -11.55 -29.73 39.48
N SER G 244 -12.25 -29.22 38.46
CA SER G 244 -12.23 -29.83 37.13
C SER G 244 -12.54 -28.75 36.08
N GLY G 245 -11.89 -28.90 34.93
CA GLY G 245 -12.04 -27.98 33.81
C GLY G 245 -11.26 -26.67 33.98
N GLU G 246 -10.35 -26.56 34.94
CA GLU G 246 -9.67 -25.35 35.34
C GLU G 246 -8.26 -25.19 34.77
N VAL G 247 -7.88 -23.94 34.51
CA VAL G 247 -6.50 -23.62 34.09
C VAL G 247 -5.85 -22.89 35.27
N VAL G 248 -4.98 -23.57 36.01
CA VAL G 248 -4.40 -22.98 37.24
C VAL G 248 -3.08 -22.29 36.94
N HIS G 249 -2.95 -20.99 37.20
CA HIS G 249 -1.69 -20.27 36.89
C HIS G 249 -0.63 -20.55 37.95
N VAL G 250 0.48 -21.15 37.54
CA VAL G 250 1.62 -21.44 38.40
C VAL G 250 2.83 -20.66 37.86
N ASP G 251 2.72 -19.33 37.89
CA ASP G 251 3.70 -18.40 37.34
C ASP G 251 4.09 -17.31 38.35
N GLY G 252 3.90 -17.55 39.64
CA GLY G 252 4.26 -16.59 40.69
C GLY G 252 3.43 -15.33 40.75
N GLY G 253 2.33 -15.25 40.02
CA GLY G 253 1.43 -14.10 39.96
C GLY G 253 1.72 -13.18 38.78
N PHE G 254 2.63 -13.55 37.87
CA PHE G 254 2.96 -12.67 36.75
C PHE G 254 1.77 -12.16 35.94
N SER G 255 0.80 -13.01 35.58
CA SER G 255 -0.32 -12.64 34.73
C SER G 255 -1.32 -11.69 35.39
N ILE G 256 -1.36 -11.58 36.72
CA ILE G 256 -2.35 -10.73 37.37
C ILE G 256 -1.87 -9.33 37.71
N ALA G 257 -0.67 -8.98 37.28
CA ALA G 257 -0.10 -7.65 37.48
C ALA G 257 0.22 -6.93 36.17
N ALA G 258 0.39 -5.61 36.22
CA ALA G 258 0.72 -4.81 35.05
C ALA G 258 1.49 -3.55 35.47
N MET G 259 2.51 -3.20 34.69
CA MET G 259 3.35 -2.04 34.94
C MET G 259 4.19 -2.03 36.21
N ASN G 260 4.63 -3.16 36.77
CA ASN G 260 5.51 -3.16 37.93
C ASN G 260 6.89 -2.60 37.60
N GLU G 261 7.32 -2.67 36.34
CA GLU G 261 8.66 -2.23 35.93
C GLU G 261 8.92 -0.74 36.15
N LEU G 262 7.89 0.05 36.45
CA LEU G 262 8.06 1.47 36.67
C LEU G 262 8.32 1.82 38.12
N GLU G 263 7.85 1.01 39.07
CA GLU G 263 8.08 1.36 40.47
C GLU G 263 9.26 0.60 41.06
N GLY H 5 -23.33 8.42 5.58
CA GLY H 5 -23.26 7.68 6.85
C GLY H 5 -21.82 7.62 7.37
N PHE H 6 -21.63 6.97 8.52
CA PHE H 6 -20.28 6.90 9.11
C PHE H 6 -19.30 5.97 8.42
N LEU H 7 -19.63 5.32 7.33
CA LEU H 7 -18.70 4.52 6.54
C LEU H 7 -18.42 5.17 5.18
N SER H 8 -18.92 6.40 4.96
CA SER H 8 -18.69 7.05 3.68
C SER H 8 -17.21 7.16 3.37
N GLY H 9 -16.80 6.75 2.17
CA GLY H 9 -15.39 6.87 1.79
C GLY H 9 -14.63 5.57 2.06
N LYS H 10 -15.28 4.57 2.65
CA LYS H 10 -14.61 3.28 2.92
C LYS H 10 -14.99 2.24 1.88
N ARG H 11 -14.04 1.35 1.56
CA ARG H 11 -14.30 0.18 0.71
C ARG H 11 -14.12 -1.10 1.52
N ILE H 12 -15.17 -1.89 1.73
CA ILE H 12 -15.00 -3.13 2.54
C ILE H 12 -15.42 -4.38 1.79
N LEU H 13 -14.65 -5.47 1.86
CA LEU H 13 -14.95 -6.76 1.24
C LEU H 13 -15.73 -7.65 2.20
N VAL H 14 -16.83 -8.27 1.78
CA VAL H 14 -17.63 -9.12 2.69
C VAL H 14 -17.68 -10.57 2.25
N THR H 15 -17.21 -11.51 3.09
CA THR H 15 -17.28 -12.93 2.77
C THR H 15 -18.55 -13.54 3.43
N GLY H 16 -18.86 -14.80 3.12
CA GLY H 16 -19.89 -15.55 3.79
C GLY H 16 -21.37 -15.33 3.58
N VAL H 17 -21.78 -14.60 2.57
CA VAL H 17 -23.24 -14.47 2.31
C VAL H 17 -23.69 -15.79 1.67
N ALA H 18 -24.68 -16.46 2.23
CA ALA H 18 -25.18 -17.71 1.65
C ALA H 18 -26.69 -17.62 1.40
N SER H 19 -27.40 -16.86 2.21
CA SER H 19 -28.84 -16.64 2.07
C SER H 19 -29.19 -15.33 2.74
N LYS H 20 -30.46 -14.88 2.73
CA LYS H 20 -30.75 -13.62 3.40
C LYS H 20 -30.87 -13.74 4.92
N LEU H 21 -30.70 -14.92 5.48
CA LEU H 21 -30.65 -15.17 6.91
C LEU H 21 -29.19 -15.06 7.42
N SER H 22 -28.24 -15.15 6.49
CA SER H 22 -26.81 -15.09 6.86
C SER H 22 -26.46 -13.89 7.72
N ILE H 23 -25.55 -14.08 8.71
CA ILE H 23 -25.09 -12.91 9.49
C ILE H 23 -24.40 -11.90 8.57
N ALA H 24 -23.67 -12.37 7.57
CA ALA H 24 -22.95 -11.50 6.65
C ALA H 24 -23.91 -10.67 5.81
N TYR H 25 -25.10 -11.24 5.54
CA TYR H 25 -26.14 -10.48 4.82
C TYR H 25 -26.58 -9.29 5.63
N GLY H 26 -26.83 -9.47 6.94
CA GLY H 26 -27.19 -8.37 7.80
C GLY H 26 -26.04 -7.36 7.91
N ILE H 27 -24.79 -7.85 7.96
CA ILE H 27 -23.66 -6.88 8.05
C ILE H 27 -23.56 -6.03 6.78
N ALA H 28 -23.75 -6.64 5.62
CA ALA H 28 -23.69 -5.92 4.35
C ALA H 28 -24.83 -4.90 4.25
N GLN H 29 -26.04 -5.22 4.71
CA GLN H 29 -27.13 -4.21 4.66
C GLN H 29 -26.80 -2.99 5.51
N ALA H 30 -26.32 -3.22 6.75
CA ALA H 30 -25.96 -2.11 7.61
C ALA H 30 -24.81 -1.26 7.05
N MET H 31 -23.80 -1.87 6.45
CA MET H 31 -22.67 -1.09 5.93
C MET H 31 -23.14 -0.27 4.71
N HIS H 32 -24.04 -0.84 3.90
CA HIS H 32 -24.60 -0.11 2.74
C HIS H 32 -25.35 1.11 3.21
N ARG H 33 -26.17 0.94 4.25
CA ARG H 33 -26.91 2.04 4.85
C ARG H 33 -26.00 3.17 5.34
N GLU H 34 -24.81 2.86 5.84
CA GLU H 34 -23.88 3.88 6.30
C GLU H 34 -22.90 4.35 5.24
N GLY H 35 -23.16 4.14 3.95
CA GLY H 35 -22.31 4.71 2.91
C GLY H 35 -21.08 4.01 2.40
N ALA H 36 -20.81 2.77 2.81
CA ALA H 36 -19.63 2.04 2.35
C ALA H 36 -19.83 1.57 0.91
N GLU H 37 -18.74 1.47 0.16
CA GLU H 37 -18.77 0.78 -1.13
C GLU H 37 -18.43 -0.69 -0.82
N LEU H 38 -19.14 -1.65 -1.39
CA LEU H 38 -18.91 -3.05 -1.05
C LEU H 38 -18.48 -3.96 -2.17
N ALA H 39 -17.85 -5.09 -1.84
CA ALA H 39 -17.43 -6.17 -2.70
C ALA H 39 -17.75 -7.50 -2.01
N PHE H 40 -18.02 -8.55 -2.77
CA PHE H 40 -18.43 -9.84 -2.20
C PHE H 40 -17.68 -11.06 -2.73
N THR H 41 -17.61 -12.15 -1.97
CA THR H 41 -17.05 -13.42 -2.37
C THR H 41 -18.11 -14.54 -2.22
N TYR H 42 -17.97 -15.64 -2.96
CA TYR H 42 -18.84 -16.81 -2.82
C TYR H 42 -18.00 -18.09 -2.89
N GLN H 43 -18.35 -19.12 -2.12
CA GLN H 43 -17.60 -20.35 -2.01
C GLN H 43 -17.54 -21.27 -3.22
N ASN H 44 -18.66 -21.49 -3.87
CA ASN H 44 -18.76 -22.43 -4.98
C ASN H 44 -19.80 -21.99 -5.99
N ASP H 45 -19.76 -22.60 -7.17
CA ASP H 45 -20.64 -22.23 -8.28
C ASP H 45 -22.12 -22.19 -7.93
N LYS H 46 -22.57 -23.10 -7.08
CA LYS H 46 -23.93 -23.20 -6.61
C LYS H 46 -24.46 -21.95 -5.92
N LEU H 47 -23.64 -21.14 -5.26
CA LEU H 47 -24.10 -19.91 -4.64
C LEU H 47 -23.91 -18.66 -5.51
N LYS H 48 -23.16 -18.72 -6.59
CA LYS H 48 -22.90 -17.57 -7.45
C LYS H 48 -24.10 -16.71 -7.78
N GLY H 49 -25.09 -17.26 -8.47
CA GLY H 49 -26.27 -16.53 -8.91
C GLY H 49 -26.93 -15.69 -7.83
N ARG H 50 -27.22 -16.30 -6.69
CA ARG H 50 -27.80 -15.65 -5.55
C ARG H 50 -26.94 -14.49 -5.03
N VAL H 51 -25.64 -14.73 -4.87
CA VAL H 51 -24.76 -13.67 -4.35
C VAL H 51 -24.73 -12.51 -5.33
N GLU H 52 -24.58 -12.73 -6.63
CA GLU H 52 -24.60 -11.66 -7.62
C GLU H 52 -25.86 -10.78 -7.55
N GLU H 53 -27.01 -11.38 -7.27
CA GLU H 53 -28.28 -10.65 -7.16
C GLU H 53 -28.32 -9.79 -5.92
N PHE H 54 -27.91 -10.34 -4.76
CA PHE H 54 -27.81 -9.56 -3.53
C PHE H 54 -26.88 -8.38 -3.71
N ALA H 55 -25.69 -8.61 -4.27
CA ALA H 55 -24.76 -7.51 -4.52
C ALA H 55 -25.39 -6.36 -5.32
N ALA H 56 -26.12 -6.69 -6.39
CA ALA H 56 -26.77 -5.70 -7.25
C ALA H 56 -27.81 -4.89 -6.49
N GLN H 57 -28.55 -5.53 -5.60
CA GLN H 57 -29.52 -4.82 -4.76
C GLN H 57 -28.84 -3.78 -3.87
N LEU H 58 -27.59 -4.01 -3.47
CA LEU H 58 -26.82 -3.09 -2.66
C LEU H 58 -25.85 -2.25 -3.50
N GLY H 59 -26.01 -2.19 -4.82
CA GLY H 59 -25.23 -1.36 -5.70
C GLY H 59 -23.80 -1.74 -6.01
N SER H 60 -23.46 -3.01 -5.94
CA SER H 60 -22.13 -3.47 -6.26
C SER H 60 -22.14 -4.51 -7.37
N ASP H 61 -21.13 -4.45 -8.25
CA ASP H 61 -20.96 -5.48 -9.26
C ASP H 61 -19.63 -6.21 -9.07
N ILE H 62 -19.08 -6.17 -7.85
CA ILE H 62 -17.81 -6.86 -7.58
C ILE H 62 -18.11 -8.13 -6.79
N VAL H 63 -18.13 -9.27 -7.43
CA VAL H 63 -18.48 -10.59 -6.91
C VAL H 63 -17.51 -11.64 -7.44
N LEU H 64 -16.66 -12.16 -6.56
CA LEU H 64 -15.57 -13.03 -6.90
C LEU H 64 -15.56 -14.34 -6.12
N GLN H 65 -15.15 -15.43 -6.78
CA GLN H 65 -15.17 -16.73 -6.09
C GLN H 65 -13.96 -16.92 -5.19
N CYS H 66 -14.13 -17.62 -4.07
CA CYS H 66 -13.02 -17.85 -3.17
C CYS H 66 -13.25 -19.06 -2.24
N ASP H 67 -12.37 -20.04 -2.34
CA ASP H 67 -12.47 -21.18 -1.41
C ASP H 67 -11.29 -21.03 -0.44
N VAL H 68 -11.53 -20.72 0.82
CA VAL H 68 -10.40 -20.51 1.73
C VAL H 68 -9.58 -21.71 2.18
N ALA H 69 -9.89 -22.92 1.76
CA ALA H 69 -9.04 -24.09 1.97
C ALA H 69 -7.81 -24.03 1.07
N GLU H 70 -7.82 -23.20 0.01
CA GLU H 70 -6.71 -23.14 -0.94
C GLU H 70 -5.95 -21.82 -0.96
N ASP H 71 -4.66 -21.85 -0.74
CA ASP H 71 -3.81 -20.66 -0.81
C ASP H 71 -3.93 -20.00 -2.20
N ALA H 72 -3.90 -20.80 -3.26
CA ALA H 72 -3.96 -20.23 -4.62
C ALA H 72 -5.31 -19.59 -4.92
N SER H 73 -6.40 -20.11 -4.36
CA SER H 73 -7.70 -19.49 -4.57
C SER H 73 -7.80 -18.11 -3.91
N ILE H 74 -7.25 -17.97 -2.70
CA ILE H 74 -7.24 -16.67 -2.01
C ILE H 74 -6.38 -15.67 -2.81
N ASP H 75 -5.18 -16.07 -3.23
CA ASP H 75 -4.31 -15.15 -3.98
C ASP H 75 -4.95 -14.73 -5.31
N THR H 76 -5.56 -15.67 -6.02
CA THR H 76 -6.23 -15.28 -7.29
C THR H 76 -7.35 -14.28 -7.06
N MET H 77 -8.12 -14.45 -5.98
CA MET H 77 -9.24 -13.60 -5.66
C MET H 77 -8.78 -12.17 -5.45
N PHE H 78 -7.73 -11.96 -4.66
CA PHE H 78 -7.23 -10.63 -4.34
C PHE H 78 -6.59 -9.96 -5.56
N ALA H 79 -6.00 -10.74 -6.46
CA ALA H 79 -5.44 -10.14 -7.69
C ALA H 79 -6.56 -9.63 -8.61
N GLU H 80 -7.70 -10.33 -8.69
CA GLU H 80 -8.85 -9.87 -9.42
C GLU H 80 -9.46 -8.64 -8.75
N LEU H 81 -9.52 -8.65 -7.41
CA LEU H 81 -10.05 -7.52 -6.66
C LEU H 81 -9.26 -6.25 -6.96
N GLY H 82 -7.94 -6.40 -7.04
CA GLY H 82 -6.97 -5.33 -7.28
C GLY H 82 -7.10 -4.62 -8.62
N LYS H 83 -7.82 -5.19 -9.59
CA LYS H 83 -8.13 -4.50 -10.86
C LYS H 83 -9.13 -3.38 -10.67
N VAL H 84 -9.95 -3.39 -9.62
CA VAL H 84 -10.92 -2.35 -9.34
C VAL H 84 -10.62 -1.63 -8.03
N TRP H 85 -10.07 -2.37 -7.05
CA TRP H 85 -9.69 -1.84 -5.75
C TRP H 85 -8.24 -2.16 -5.41
N PRO H 86 -7.26 -1.47 -5.97
CA PRO H 86 -5.84 -1.72 -5.72
C PRO H 86 -5.47 -1.37 -4.28
N LYS H 87 -6.22 -0.48 -3.62
CA LYS H 87 -6.17 -0.18 -2.21
C LYS H 87 -7.60 -0.25 -1.65
N PHE H 88 -7.79 -0.77 -0.45
CA PHE H 88 -9.11 -0.81 0.19
C PHE H 88 -8.96 -0.78 1.72
N ASP H 89 -10.07 -0.79 2.44
CA ASP H 89 -10.09 -0.50 3.87
C ASP H 89 -10.43 -1.66 4.82
N GLY H 90 -10.31 -2.90 4.36
CA GLY H 90 -10.55 -4.02 5.26
C GLY H 90 -11.55 -5.03 4.77
N PHE H 91 -11.79 -6.07 5.60
CA PHE H 91 -12.70 -7.16 5.18
C PHE H 91 -13.41 -7.81 6.36
N VAL H 92 -14.54 -8.44 6.08
CA VAL H 92 -15.38 -9.17 7.05
C VAL H 92 -15.25 -10.67 6.79
N HIS H 93 -14.81 -11.44 7.76
CA HIS H 93 -14.59 -12.90 7.68
C HIS H 93 -15.75 -13.58 8.40
N SER H 94 -16.68 -14.16 7.67
CA SER H 94 -17.87 -14.77 8.28
C SER H 94 -18.03 -16.17 7.73
N ILE H 95 -17.08 -17.04 8.09
CA ILE H 95 -16.86 -18.36 7.52
C ILE H 95 -16.51 -19.36 8.64
N GLY H 96 -17.19 -20.49 8.62
CA GLY H 96 -16.91 -21.54 9.62
C GLY H 96 -17.35 -22.90 9.05
N PHE H 97 -16.61 -23.97 9.40
CA PHE H 97 -17.00 -25.31 8.99
C PHE H 97 -16.36 -26.41 9.82
N ALA H 98 -17.11 -27.46 10.11
CA ALA H 98 -16.58 -28.71 10.65
C ALA H 98 -17.42 -29.84 9.99
N PRO H 99 -16.80 -30.97 9.72
CA PRO H 99 -17.50 -32.15 9.19
C PRO H 99 -18.66 -32.51 10.12
N GLY H 100 -19.83 -32.78 9.55
CA GLY H 100 -21.06 -33.09 10.23
C GLY H 100 -20.98 -34.00 11.42
N ASP H 101 -20.31 -35.13 11.30
CA ASP H 101 -20.12 -36.11 12.36
C ASP H 101 -19.49 -35.55 13.63
N GLN H 102 -18.75 -34.43 13.55
CA GLN H 102 -18.14 -33.82 14.71
C GLN H 102 -19.13 -33.20 15.70
N LEU H 103 -20.28 -32.75 15.26
CA LEU H 103 -21.21 -31.99 16.08
C LEU H 103 -22.40 -32.72 16.69
N ASP H 104 -22.23 -34.00 16.99
CA ASP H 104 -23.33 -34.75 17.60
C ASP H 104 -22.89 -35.72 18.68
N GLY H 105 -23.42 -35.53 19.88
CA GLY H 105 -23.13 -36.39 21.01
C GLY H 105 -21.81 -36.12 21.71
N ASP H 106 -21.46 -37.01 22.64
CA ASP H 106 -20.24 -36.90 23.44
C ASP H 106 -19.03 -36.40 22.64
N TYR H 107 -18.40 -35.32 23.14
CA TYR H 107 -17.22 -34.72 22.48
C TYR H 107 -16.07 -35.66 22.31
N VAL H 108 -15.64 -36.37 23.34
CA VAL H 108 -14.50 -37.28 23.21
C VAL H 108 -14.74 -38.43 22.23
N ASN H 109 -15.92 -38.99 22.16
CA ASN H 109 -16.20 -40.06 21.19
C ASN H 109 -16.32 -39.54 19.76
N ALA H 110 -16.80 -38.31 19.57
CA ALA H 110 -17.00 -37.77 18.22
C ALA H 110 -15.76 -37.19 17.57
N VAL H 111 -14.88 -36.56 18.35
CA VAL H 111 -13.73 -35.89 17.73
C VAL H 111 -12.75 -36.84 17.08
N THR H 112 -12.23 -36.46 15.92
CA THR H 112 -11.20 -37.25 15.23
C THR H 112 -10.02 -36.36 14.80
N ARG H 113 -8.86 -36.95 14.50
CA ARG H 113 -7.72 -36.16 14.05
C ARG H 113 -8.04 -35.31 12.83
N GLU H 114 -8.69 -35.90 11.82
CA GLU H 114 -9.04 -35.19 10.60
C GLU H 114 -10.13 -34.16 10.80
N GLY H 115 -11.13 -34.49 11.62
CA GLY H 115 -12.21 -33.57 11.97
C GLY H 115 -11.65 -32.29 12.63
N PHE H 116 -10.71 -32.46 13.55
CA PHE H 116 -10.03 -31.40 14.28
C PHE H 116 -9.24 -30.52 13.29
N LYS H 117 -8.48 -31.21 12.42
CA LYS H 117 -7.64 -30.47 11.46
C LYS H 117 -8.44 -29.53 10.56
N ILE H 118 -9.50 -30.03 9.95
CA ILE H 118 -10.38 -29.27 9.08
C ILE H 118 -11.08 -28.13 9.79
N ALA H 119 -11.64 -28.39 10.98
CA ALA H 119 -12.34 -27.34 11.74
C ALA H 119 -11.42 -26.14 12.04
N HIS H 120 -10.18 -26.47 12.42
CA HIS H 120 -9.25 -25.38 12.74
C HIS H 120 -8.79 -24.70 11.45
N ASP H 121 -8.53 -25.48 10.37
CA ASP H 121 -8.07 -24.83 9.12
C ASP H 121 -9.07 -23.82 8.54
N ILE H 122 -10.33 -24.24 8.36
CA ILE H 122 -11.38 -23.41 7.80
C ILE H 122 -11.88 -22.31 8.74
N SER H 123 -12.08 -22.59 10.01
CA SER H 123 -12.65 -21.63 10.96
C SER H 123 -11.67 -20.66 11.59
N SER H 124 -10.38 -20.99 11.69
CA SER H 124 -9.38 -20.11 12.30
C SER H 124 -8.24 -19.74 11.37
N TYR H 125 -7.45 -20.71 10.84
CA TYR H 125 -6.35 -20.34 9.93
C TYR H 125 -6.77 -19.45 8.76
N SER H 126 -7.90 -19.66 8.10
CA SER H 126 -8.32 -18.84 6.95
C SER H 126 -8.35 -17.36 7.23
N PHE H 127 -8.66 -16.91 8.44
CA PHE H 127 -8.70 -15.47 8.74
C PHE H 127 -7.31 -14.84 8.57
N VAL H 128 -6.29 -15.54 9.09
CA VAL H 128 -4.93 -14.97 8.92
C VAL H 128 -4.43 -15.20 7.51
N ALA H 129 -4.90 -16.25 6.79
CA ALA H 129 -4.47 -16.46 5.39
C ALA H 129 -4.95 -15.28 4.53
N MET H 130 -6.19 -14.82 4.77
CA MET H 130 -6.70 -13.67 4.02
C MET H 130 -5.91 -12.41 4.33
N ALA H 131 -5.56 -12.15 5.59
CA ALA H 131 -4.75 -10.98 5.94
C ALA H 131 -3.39 -11.02 5.26
N LYS H 132 -2.70 -12.18 5.21
CA LYS H 132 -1.42 -12.32 4.57
C LYS H 132 -1.47 -11.95 3.09
N ALA H 133 -2.53 -12.35 2.42
CA ALA H 133 -2.71 -12.15 1.00
C ALA H 133 -3.10 -10.73 0.61
N CYS H 134 -3.60 -9.91 1.52
CA CYS H 134 -3.96 -8.52 1.13
C CYS H 134 -3.27 -7.44 1.94
N ARG H 135 -2.27 -7.79 2.77
CA ARG H 135 -1.61 -6.85 3.68
C ARG H 135 -1.11 -5.57 2.99
N SER H 136 -0.49 -5.71 1.81
CA SER H 136 0.05 -4.52 1.13
C SER H 136 -1.00 -3.73 0.37
N MET H 137 -2.25 -4.22 0.32
CA MET H 137 -3.36 -3.49 -0.32
C MET H 137 -4.20 -2.67 0.66
N LEU H 138 -3.95 -2.79 1.96
CA LEU H 138 -4.76 -2.11 2.96
C LEU H 138 -4.29 -0.69 3.21
N ASN H 139 -5.24 0.25 3.22
CA ASN H 139 -4.90 1.64 3.57
C ASN H 139 -4.71 1.82 5.06
N PRO H 140 -3.97 2.83 5.48
CA PRO H 140 -3.88 3.24 6.88
C PRO H 140 -5.31 3.46 7.41
N GLY H 141 -5.62 3.07 8.65
CA GLY H 141 -6.99 3.18 9.17
C GLY H 141 -7.89 2.01 8.79
N SER H 142 -7.35 0.93 8.22
CA SER H 142 -8.17 -0.21 7.79
C SER H 142 -8.54 -1.07 9.02
N ALA H 143 -9.63 -1.83 8.89
CA ALA H 143 -10.11 -2.70 9.97
C ALA H 143 -10.56 -4.07 9.46
N LEU H 144 -10.15 -5.12 10.19
CA LEU H 144 -10.56 -6.51 9.87
C LEU H 144 -11.52 -7.03 10.95
N LEU H 145 -12.49 -7.88 10.60
CA LEU H 145 -13.47 -8.38 11.60
C LEU H 145 -13.84 -9.86 11.38
N THR H 146 -13.94 -10.65 12.46
CA THR H 146 -14.41 -12.04 12.34
C THR H 146 -15.59 -12.30 13.29
N LEU H 147 -16.22 -13.47 13.18
CA LEU H 147 -17.36 -13.82 14.01
C LEU H 147 -17.10 -15.02 14.92
N SER H 148 -17.33 -14.91 16.22
CA SER H 148 -17.10 -16.02 17.15
C SER H 148 -18.34 -16.38 17.95
N TYR H 149 -18.22 -17.28 18.92
CA TYR H 149 -19.36 -17.74 19.71
C TYR H 149 -18.92 -18.18 21.10
N LEU H 150 -19.78 -18.10 22.12
CA LEU H 150 -19.56 -18.48 23.50
C LEU H 150 -18.91 -19.83 23.72
N GLY H 151 -19.04 -20.78 22.78
CA GLY H 151 -18.42 -22.09 22.86
C GLY H 151 -16.89 -22.02 22.90
N ALA H 152 -16.31 -20.86 22.50
CA ALA H 152 -14.86 -20.68 22.63
C ALA H 152 -14.45 -20.60 24.09
N GLU H 153 -15.30 -19.99 24.94
CA GLU H 153 -15.07 -19.78 26.34
C GLU H 153 -15.66 -20.82 27.29
N ARG H 154 -16.76 -21.48 26.95
CA ARG H 154 -17.37 -22.47 27.83
C ARG H 154 -17.65 -23.78 27.09
N ALA H 155 -17.73 -24.91 27.78
CA ALA H 155 -18.04 -26.18 27.12
C ALA H 155 -19.57 -26.22 26.90
N ILE H 156 -20.00 -26.30 25.66
CA ILE H 156 -21.45 -26.36 25.34
C ILE H 156 -21.74 -27.67 24.62
N PRO H 157 -22.71 -28.45 25.08
CA PRO H 157 -23.08 -29.72 24.47
C PRO H 157 -23.23 -29.66 22.96
N ASN H 158 -22.67 -30.60 22.23
CA ASN H 158 -22.71 -30.78 20.80
C ASN H 158 -21.89 -29.77 19.98
N TYR H 159 -21.50 -28.61 20.53
CA TYR H 159 -20.69 -27.64 19.76
C TYR H 159 -19.32 -28.26 19.52
N ASN H 160 -18.85 -29.11 20.43
CA ASN H 160 -17.71 -29.97 20.34
C ASN H 160 -16.46 -29.33 19.75
N VAL H 161 -15.80 -29.90 18.74
CA VAL H 161 -14.54 -29.34 18.23
C VAL H 161 -14.68 -27.94 17.67
N MET H 162 -15.86 -27.44 17.30
CA MET H 162 -16.00 -26.04 16.89
C MET H 162 -15.63 -25.06 18.03
N GLY H 163 -15.79 -25.46 19.28
CA GLY H 163 -15.44 -24.64 20.45
C GLY H 163 -13.91 -24.45 20.48
N LEU H 164 -13.14 -25.50 20.21
CA LEU H 164 -11.69 -25.38 20.19
C LEU H 164 -11.18 -24.51 19.04
N ALA H 165 -11.82 -24.64 17.86
CA ALA H 165 -11.51 -23.83 16.70
C ALA H 165 -11.82 -22.35 16.95
N LYS H 166 -12.94 -22.03 17.61
CA LYS H 166 -13.27 -20.66 17.94
C LYS H 166 -12.30 -20.10 18.98
N ALA H 167 -11.80 -20.92 19.91
CA ALA H 167 -10.79 -20.47 20.87
C ALA H 167 -9.52 -20.08 20.13
N SER H 168 -9.14 -20.88 19.13
CA SER H 168 -8.02 -20.59 18.26
C SER H 168 -8.19 -19.28 17.48
N LEU H 169 -9.41 -19.06 16.98
CA LEU H 169 -9.75 -17.83 16.27
C LEU H 169 -9.64 -16.61 17.16
N GLU H 170 -10.13 -16.60 18.40
CA GLU H 170 -10.07 -15.43 19.30
C GLU H 170 -8.61 -15.13 19.64
N ALA H 171 -7.75 -16.15 19.81
CA ALA H 171 -6.30 -15.87 19.96
C ALA H 171 -5.70 -15.30 18.66
N ASN H 172 -6.14 -15.76 17.49
CA ASN H 172 -5.74 -15.24 16.19
C ASN H 172 -6.05 -13.73 16.10
N VAL H 173 -7.23 -13.32 16.59
CA VAL H 173 -7.55 -11.87 16.61
C VAL H 173 -6.47 -11.10 17.39
N ARG H 174 -6.13 -11.53 18.59
CA ARG H 174 -5.09 -10.92 19.43
C ARG H 174 -3.74 -10.87 18.72
N TYR H 175 -3.23 -11.97 18.19
CA TYR H 175 -1.89 -12.00 17.55
C TYR H 175 -1.87 -11.11 16.31
N MET H 176 -2.95 -11.13 15.51
CA MET H 176 -3.02 -10.30 14.31
C MET H 176 -3.07 -8.82 14.68
N ALA H 177 -3.88 -8.44 15.67
CA ALA H 177 -3.96 -7.05 16.10
C ALA H 177 -2.57 -6.56 16.56
N ASN H 178 -1.87 -7.40 17.34
CA ASN H 178 -0.55 -6.95 17.85
C ASN H 178 0.43 -6.78 16.69
N ALA H 179 0.40 -7.68 15.70
CA ALA H 179 1.33 -7.63 14.60
C ALA H 179 1.09 -6.48 13.62
N MET H 180 -0.19 -6.28 13.30
CA MET H 180 -0.57 -5.29 12.31
C MET H 180 -0.91 -3.89 12.80
N GLY H 181 -1.04 -3.68 14.11
CA GLY H 181 -1.33 -2.37 14.66
C GLY H 181 -0.37 -1.27 14.21
N PRO H 182 0.93 -1.47 14.39
CA PRO H 182 1.96 -0.50 14.07
C PRO H 182 1.88 0.06 12.66
N GLU H 183 1.39 -0.65 11.64
CA GLU H 183 1.19 -0.07 10.31
C GLU H 183 -0.22 0.49 10.11
N GLY H 184 -1.07 0.63 11.12
CA GLY H 184 -2.38 1.24 10.96
C GLY H 184 -3.58 0.36 10.68
N VAL H 185 -3.58 -0.91 11.13
CA VAL H 185 -4.70 -1.81 10.89
C VAL H 185 -5.26 -2.28 12.24
N ARG H 186 -6.57 -2.32 12.43
CA ARG H 186 -7.15 -2.83 13.68
C ARG H 186 -7.84 -4.18 13.39
N VAL H 187 -7.91 -5.10 14.35
CA VAL H 187 -8.46 -6.43 14.15
C VAL H 187 -9.33 -6.82 15.36
N ASN H 188 -10.63 -7.13 15.16
CA ASN H 188 -11.51 -7.50 16.26
C ASN H 188 -12.48 -8.63 15.89
N ALA H 189 -13.28 -9.08 16.88
CA ALA H 189 -14.32 -10.07 16.64
C ALA H 189 -15.60 -9.65 17.36
N ILE H 190 -16.71 -10.22 16.88
CA ILE H 190 -17.99 -10.13 17.57
C ILE H 190 -18.33 -11.58 18.00
N SER H 191 -18.71 -11.75 19.24
CA SER H 191 -19.18 -13.04 19.76
C SER H 191 -20.73 -12.97 19.75
N ALA H 192 -21.34 -13.47 18.67
CA ALA H 192 -22.80 -13.34 18.56
C ALA H 192 -23.59 -14.38 19.34
N GLY H 193 -24.77 -13.99 19.86
CA GLY H 193 -25.69 -14.97 20.48
C GLY H 193 -26.28 -15.81 19.34
N PRO H 194 -26.99 -16.90 19.64
CA PRO H 194 -27.56 -17.82 18.66
C PRO H 194 -28.64 -17.24 17.75
N ILE H 195 -28.47 -17.49 16.45
CA ILE H 195 -29.32 -16.99 15.37
C ILE H 195 -29.63 -18.11 14.36
N ARG H 196 -30.89 -18.22 13.93
CA ARG H 196 -31.25 -19.25 12.94
C ARG H 196 -30.72 -18.97 11.54
N THR H 197 -29.72 -19.74 11.13
CA THR H 197 -29.08 -19.62 9.82
C THR H 197 -28.96 -21.01 9.20
N LEU H 198 -28.54 -21.15 7.94
CA LEU H 198 -28.31 -22.46 7.35
C LEU H 198 -27.33 -23.31 8.16
N ALA H 199 -26.14 -22.77 8.50
CA ALA H 199 -25.16 -23.54 9.26
C ALA H 199 -25.66 -23.91 10.64
N ALA H 200 -26.47 -23.06 11.28
CA ALA H 200 -27.01 -23.30 12.61
C ALA H 200 -27.74 -24.63 12.66
N SER H 201 -28.47 -24.98 11.61
CA SER H 201 -29.20 -26.23 11.47
C SER H 201 -28.32 -27.46 11.58
N GLY H 202 -27.02 -27.36 11.44
CA GLY H 202 -26.07 -28.44 11.61
C GLY H 202 -25.73 -28.74 13.08
N ILE H 203 -26.18 -27.93 14.03
CA ILE H 203 -25.87 -28.25 15.43
C ILE H 203 -27.06 -29.00 16.04
N LYS H 204 -26.72 -30.23 16.46
CA LYS H 204 -27.71 -31.09 17.12
C LYS H 204 -28.44 -30.28 18.19
N ASP H 205 -29.75 -30.20 18.08
CA ASP H 205 -30.61 -29.51 19.01
C ASP H 205 -30.38 -28.01 19.13
N PHE H 206 -30.20 -27.31 18.02
CA PHE H 206 -30.01 -25.87 18.00
C PHE H 206 -31.24 -25.08 18.43
N ARG H 207 -32.44 -25.52 18.07
CA ARG H 207 -33.70 -24.87 18.42
C ARG H 207 -33.94 -24.81 19.93
N LYS H 208 -33.32 -25.71 20.69
CA LYS H 208 -33.38 -25.75 22.14
C LYS H 208 -32.46 -24.68 22.75
N MET H 209 -31.30 -24.45 22.12
CA MET H 209 -30.38 -23.41 22.58
C MET H 209 -31.10 -22.07 22.37
N LEU H 210 -31.69 -21.94 21.19
CA LEU H 210 -32.45 -20.77 20.81
C LEU H 210 -33.51 -20.41 21.84
N ALA H 211 -34.42 -21.34 22.14
CA ALA H 211 -35.46 -21.06 23.14
C ALA H 211 -34.93 -20.79 24.55
N HIS H 212 -33.89 -21.51 24.97
CA HIS H 212 -33.33 -21.30 26.31
C HIS H 212 -32.69 -19.92 26.43
N CYS H 213 -31.94 -19.52 25.40
CA CYS H 213 -31.32 -18.20 25.43
C CYS H 213 -32.38 -17.13 25.49
N GLU H 214 -33.45 -17.27 24.70
CA GLU H 214 -34.55 -16.31 24.69
C GLU H 214 -35.14 -16.04 26.06
N ALA H 215 -35.28 -17.03 26.92
CA ALA H 215 -35.85 -16.88 28.25
C ALA H 215 -34.97 -16.26 29.33
N VAL H 216 -33.68 -16.53 29.35
CA VAL H 216 -32.75 -16.07 30.37
C VAL H 216 -31.85 -14.92 29.99
N THR H 217 -31.88 -14.47 28.74
CA THR H 217 -31.06 -13.29 28.35
C THR H 217 -31.63 -12.05 28.99
N PRO H 218 -30.80 -11.15 29.48
CA PRO H 218 -31.19 -9.87 30.06
C PRO H 218 -32.15 -9.08 29.22
N ILE H 219 -31.97 -8.91 27.91
CA ILE H 219 -32.93 -8.14 27.09
C ILE H 219 -34.17 -8.94 26.74
N ARG H 220 -34.24 -10.21 27.12
CA ARG H 220 -35.39 -11.08 26.95
C ARG H 220 -35.83 -11.31 25.52
N ARG H 221 -34.87 -11.45 24.60
CA ARG H 221 -35.11 -11.74 23.21
C ARG H 221 -33.78 -12.27 22.63
N THR H 222 -33.83 -12.98 21.52
CA THR H 222 -32.54 -13.39 20.93
C THR H 222 -32.08 -12.26 20.01
N VAL H 223 -30.82 -12.24 19.58
CA VAL H 223 -30.37 -11.09 18.81
C VAL H 223 -30.67 -11.33 17.33
N THR H 224 -30.67 -10.25 16.55
CA THR H 224 -30.95 -10.34 15.13
C THR H 224 -29.70 -10.05 14.28
N ILE H 225 -29.77 -10.35 12.98
CA ILE H 225 -28.70 -10.01 12.06
C ILE H 225 -28.56 -8.49 11.90
N GLU H 226 -29.56 -7.70 12.24
CA GLU H 226 -29.52 -6.24 12.28
C GLU H 226 -28.73 -5.74 13.49
N ASP H 227 -28.91 -6.32 14.68
CA ASP H 227 -28.14 -5.98 15.85
C ASP H 227 -26.64 -6.26 15.58
N VAL H 228 -26.36 -7.42 15.02
CA VAL H 228 -24.97 -7.83 14.73
C VAL H 228 -24.43 -6.97 13.59
N GLY H 229 -25.22 -6.72 12.56
CA GLY H 229 -24.82 -5.86 11.43
C GLY H 229 -24.48 -4.46 11.89
N ASN H 230 -25.27 -3.83 12.78
CA ASN H 230 -24.98 -2.48 13.26
C ASN H 230 -23.67 -2.46 14.08
N SER H 231 -23.46 -3.49 14.90
CA SER H 231 -22.22 -3.57 15.70
C SER H 231 -20.99 -3.77 14.79
N ALA H 232 -21.16 -4.54 13.71
CA ALA H 232 -20.05 -4.79 12.77
C ALA H 232 -19.69 -3.53 11.96
N ALA H 233 -20.69 -2.74 11.56
CA ALA H 233 -20.46 -1.49 10.81
C ALA H 233 -19.65 -0.51 11.65
N PHE H 234 -19.98 -0.41 12.94
CA PHE H 234 -19.28 0.41 13.91
C PHE H 234 -17.81 -0.07 14.05
N LEU H 235 -17.59 -1.38 14.21
CA LEU H 235 -16.24 -1.89 14.40
C LEU H 235 -15.32 -1.83 13.20
N CYS H 236 -15.83 -1.59 11.99
CA CYS H 236 -15.03 -1.47 10.79
C CYS H 236 -14.93 0.01 10.37
N SER H 237 -15.51 0.89 11.18
CA SER H 237 -15.48 2.34 10.89
C SER H 237 -14.47 3.07 11.74
N ASP H 238 -14.20 4.36 11.43
CA ASP H 238 -13.30 5.20 12.21
C ASP H 238 -13.84 5.63 13.56
N LEU H 239 -15.12 5.37 13.86
CA LEU H 239 -15.69 5.61 15.16
C LEU H 239 -15.04 4.70 16.21
N SER H 240 -14.66 3.50 15.78
CA SER H 240 -14.03 2.55 16.70
C SER H 240 -12.50 2.58 16.63
N ALA H 241 -11.89 3.72 16.31
CA ALA H 241 -10.44 3.81 16.22
C ALA H 241 -9.67 3.46 17.49
N GLY H 242 -10.24 3.55 18.69
CA GLY H 242 -9.61 3.21 19.95
C GLY H 242 -9.75 1.73 20.33
N ILE H 243 -10.41 0.92 19.54
CA ILE H 243 -10.63 -0.50 19.81
C ILE H 243 -9.88 -1.44 18.86
N SER H 244 -8.99 -2.29 19.44
CA SER H 244 -8.31 -3.33 18.69
C SER H 244 -7.97 -4.56 19.55
N GLY H 245 -8.00 -5.71 18.90
CA GLY H 245 -7.74 -7.02 19.56
C GLY H 245 -8.85 -7.49 20.53
N GLU H 246 -10.07 -6.96 20.42
CA GLU H 246 -11.19 -7.19 21.33
C GLU H 246 -12.24 -8.17 20.80
N VAL H 247 -12.82 -8.99 21.69
CA VAL H 247 -13.92 -9.88 21.36
C VAL H 247 -15.17 -9.24 22.00
N VAL H 248 -16.01 -8.60 21.19
CA VAL H 248 -17.21 -7.90 21.75
C VAL H 248 -18.44 -8.80 21.79
N HIS H 249 -19.09 -8.95 22.95
CA HIS H 249 -20.25 -9.88 23.02
C HIS H 249 -21.54 -9.15 22.60
N VAL H 250 -22.15 -9.62 21.53
CA VAL H 250 -23.42 -9.10 21.01
C VAL H 250 -24.44 -10.25 21.13
N ASP H 251 -24.76 -10.58 22.38
CA ASP H 251 -25.68 -11.69 22.68
C ASP H 251 -26.77 -11.27 23.67
N GLY H 252 -27.02 -9.97 23.80
CA GLY H 252 -28.00 -9.40 24.71
C GLY H 252 -27.74 -9.53 26.21
N GLY H 253 -26.53 -9.87 26.62
CA GLY H 253 -26.10 -10.05 27.98
C GLY H 253 -26.07 -11.50 28.47
N PHE H 254 -26.42 -12.45 27.62
CA PHE H 254 -26.53 -13.85 28.03
C PHE H 254 -25.33 -14.37 28.78
N SER H 255 -24.10 -14.15 28.27
CA SER H 255 -22.93 -14.70 28.97
C SER H 255 -22.62 -14.06 30.31
N ILE H 256 -23.17 -12.91 30.68
CA ILE H 256 -22.76 -12.34 31.97
C ILE H 256 -23.72 -12.64 33.11
N ALA H 257 -24.73 -13.48 32.86
CA ALA H 257 -25.69 -13.84 33.88
C ALA H 257 -25.62 -15.33 34.22
N ALA H 258 -26.16 -15.72 35.36
CA ALA H 258 -26.14 -17.15 35.73
C ALA H 258 -27.33 -17.43 36.67
N MET H 259 -27.94 -18.58 36.46
CA MET H 259 -29.08 -19.06 37.21
C MET H 259 -30.36 -18.24 37.16
N ASN H 260 -30.61 -17.52 36.06
CA ASN H 260 -31.85 -16.75 35.90
C ASN H 260 -33.02 -17.71 35.72
N GLU H 261 -32.73 -18.88 35.17
CA GLU H 261 -33.58 -20.02 34.93
C GLU H 261 -34.61 -20.22 36.03
N LEU H 262 -34.22 -20.11 37.30
CA LEU H 262 -35.11 -20.21 38.43
C LEU H 262 -35.95 -18.94 38.60
C1 GLC I . 5.11 8.03 -0.44
C2 GLC I . 4.70 7.32 -1.69
C3 GLC I . 3.49 6.40 -1.57
C4 GLC I . 2.98 6.48 -0.08
C5 GLC I . 2.84 7.98 0.21
C6 GLC I . 1.83 8.23 1.32
O1 GLC I . 6.22 8.92 -0.53
O2 GLC I . 5.68 6.99 -2.62
O3 GLC I . 3.51 5.09 -2.03
O4 GLC I . 1.57 6.08 -0.11
O5 GLC I . 4.11 8.61 0.41
O6 GLC I . 2.30 7.57 2.49
PA NAD J . 3.18 -1.60 -9.42
O1A NAD J . 2.07 -1.06 -8.63
O2A NAD J . 3.34 -3.12 -9.56
O5B NAD J . 4.62 -1.12 -8.92
C5B NAD J . 4.83 0.25 -8.38
C4B NAD J . 5.96 0.15 -7.41
O4B NAD J . 6.31 1.54 -6.93
C3B NAD J . 5.51 -0.53 -6.05
O3B NAD J . 6.40 -1.73 -5.88
C2B NAD J . 5.77 0.45 -4.91
O2B NAD J . 6.23 -0.14 -3.75
C1B NAD J . 6.84 1.34 -5.63
N9A NAD J . 6.90 2.61 -4.93
C8A NAD J . 6.00 3.68 -4.80
N7A NAD J . 6.45 4.66 -4.02
C5A NAD J . 7.62 4.27 -3.52
C6A NAD J . 8.53 4.92 -2.55
N6A NAD J . 8.34 6.08 -1.96
N1A NAD J . 9.64 4.16 -2.32
C2A NAD J . 9.97 2.98 -2.85
N3A NAD J . 9.13 2.32 -3.75
C4A NAD J . 7.96 3.01 -4.07
O3 NAD J . 3.11 -0.93 -10.85
PN NAD J . 4.02 -1.01 -12.24
O1N NAD J . 3.08 -0.73 -13.34
O2N NAD J . 4.78 -2.26 -12.35
O5D NAD J . 4.98 0.23 -12.03
C5D NAD J . 6.43 0.18 -12.26
C4D NAD J . 7.00 1.31 -13.00
O4D NAD J . 6.54 1.10 -14.45
C3D NAD J . 6.58 2.79 -12.66
O3D NAD J . 7.68 3.64 -12.89
C2D NAD J . 5.37 3.04 -13.63
O2D NAD J . 5.23 4.39 -13.85
C1D NAD J . 5.96 2.35 -14.92
N1N NAD J . 5.06 2.03 -16.12
C2N NAD J . 3.97 1.18 -15.90
C3N NAD J . 3.25 0.96 -17.08
C7N NAD J . 2.00 0.05 -16.90
O7N NAD J . 1.20 0.09 -17.89
N7N NAD J . 1.79 -0.75 -15.83
C4N NAD J . 3.49 1.45 -18.38
C5N NAD J . 4.65 2.29 -18.46
C6N NAD J . 5.41 2.55 -17.33
C1 TCL K . 1.69 4.26 -16.91
C2 TCL K . 0.66 3.35 -17.18
C6 TCL K . 2.20 4.30 -15.60
C5 TCL K . 1.78 3.42 -14.64
C4 TCL K . 0.80 2.49 -14.97
C3 TCL K . 0.16 2.48 -16.22
C11 TCL K . 0.85 6.35 -10.63
C10 TCL K . 1.94 5.54 -10.26
C9 TCL K . 2.42 4.63 -11.20
C8 TCL K . 1.86 4.49 -12.44
C12 TCL K . 0.24 6.26 -11.85
C13 TCL K . 0.78 5.30 -12.75
O7 TCL K . 2.31 3.53 -13.37
CL14 TCL K . -0.02 3.33 -18.79
CL15 TCL K . 0.24 7.50 -9.45
CL16 TCL K . 3.72 3.57 -10.72
O17 TCL K . 3.21 5.22 -15.29
C1 GLC L . 13.48 31.66 -5.25
C2 GLC L . 13.46 32.75 -6.34
C3 GLC L . 14.87 33.32 -6.49
C4 GLC L . 15.51 33.83 -5.14
C5 GLC L . 15.28 32.81 -4.01
C6 GLC L . 15.55 33.42 -2.62
O1 GLC L . 12.13 31.19 -5.08
O2 GLC L . 12.96 32.17 -7.58
O3 GLC L . 14.88 34.34 -7.49
O4 GLC L . 16.97 33.92 -5.26
O5 GLC L . 14.04 32.11 -4.02
O6 GLC L . 14.40 34.04 -2.07
PA NAD M . 16.70 37.26 -16.89
O1A NAD M . 17.75 37.11 -15.83
O2A NAD M . 16.66 38.57 -17.69
O5B NAD M . 15.21 36.94 -16.44
C5B NAD M . 14.89 35.86 -15.47
C4B NAD M . 13.69 36.37 -14.80
O4B NAD M . 13.19 35.32 -13.82
C3B NAD M . 13.89 37.64 -13.86
O3B NAD M . 13.06 38.75 -14.41
C2B NAD M . 13.40 37.25 -12.49
O2B NAD M . 12.88 38.20 -11.69
C1B NAD M . 12.46 36.08 -12.90
N9A NAD M . 12.23 35.26 -11.72
C8A NAD M . 12.99 34.34 -11.05
N7A NAD M . 12.42 33.79 -10.00
C5A NAD M . 11.20 34.33 -9.90
C6A NAD M . 10.13 34.11 -8.93
N6A NAD M . 10.18 33.27 -7.91
N1A NAD M . 9.01 34.87 -9.19
C2A NAD M . 8.85 35.73 -10.20
N3A NAD M . 9.83 35.96 -11.14
C4A NAD M . 11.02 35.25 -10.98
O3 NAD M . 16.97 36.04 -17.88
PN NAD M . 16.35 35.52 -19.31
O1N NAD M . 17.43 34.83 -20.06
O2N NAD M . 15.67 36.61 -20.04
O5D NAD M . 15.28 34.43 -18.88
C5D NAD M . 13.93 34.34 -19.46
C4D NAD M . 13.51 32.92 -19.56
O4D NAD M . 14.23 32.44 -20.81
C3D NAD M . 13.93 31.84 -18.51
O3D NAD M . 12.83 30.97 -18.42
C2D NAD M . 15.22 31.16 -19.03
O2D NAD M . 15.35 29.84 -18.59
C1D NAD M . 14.85 31.17 -20.54
N1N NAD M . 15.93 30.98 -21.64
C2N NAD M . 17.01 31.86 -21.59
C3N NAD M . 17.90 31.63 -22.60
C7N NAD M . 19.15 32.60 -22.58
O7N NAD M . 20.02 32.20 -23.36
N7N NAD M . 19.17 33.73 -21.85
C4N NAD M . 17.83 30.67 -23.64
C5N NAD M . 16.67 29.85 -23.56
C6N NAD M . 15.74 30.03 -22.58
C1 TCL N . 19.46 28.92 -20.71
C2 TCL N . 20.57 29.66 -21.12
C6 TCL N . 18.72 29.39 -19.62
C5 TCL N . 19.06 30.56 -18.98
C4 TCL N . 20.16 31.27 -19.41
C3 TCL N . 20.93 30.83 -20.49
C11 TCL N . 19.06 30.15 -14.03
C10 TCL N . 17.97 30.99 -14.31
C9 TCL N . 17.67 31.23 -15.65
C8 TCL N . 18.41 30.69 -16.67
C12 TCL N . 19.83 29.60 -15.00
C13 TCL N . 19.48 29.88 -16.32
O7 TCL N . 18.16 31.01 -18.03
CL14 TCL N . 21.50 29.10 -22.48
CL15 TCL N . 19.45 29.87 -12.35
CL16 TCL N . 16.32 32.25 -16.00
O17 TCL N . 17.60 28.72 -19.12
C1 GLC O . 24.26 0.40 -58.47
C2 GLC O . 24.78 -0.57 -57.37
C3 GLC O . 26.24 -0.15 -57.06
C4 GLC O . 27.16 -0.17 -58.33
C5 GLC O . 26.51 0.61 -59.48
C6 GLC O . 27.20 0.38 -60.84
O1 GLC O . 22.89 0.00 -58.77
O2 GLC O . 23.96 -0.41 -56.18
O3 GLC O . 26.73 -0.91 -55.96
O4 GLC O . 28.46 0.45 -58.05
O5 GLC O . 25.10 0.52 -59.60
O6 GLC O . 26.62 -0.72 -61.52
PA NAD P . 29.93 -2.43 -46.71
O1A NAD P . 30.55 -1.78 -47.93
O2A NAD P . 30.71 -3.53 -46.00
O5B NAD P . 28.50 -3.04 -47.13
C5B NAD P . 27.61 -2.33 -48.11
C4B NAD P . 26.97 -3.41 -48.90
O4B NAD P . 25.89 -2.92 -49.82
C3B NAD P . 27.92 -4.20 -49.88
O3B NAD P . 28.06 -5.60 -49.40
C2B NAD P . 27.29 -4.19 -51.26
O2B NAD P . 27.40 -5.36 -51.92
C1B NAD P . 25.82 -3.85 -50.84
N9A NAD P . 25.11 -3.33 -51.99
C8A NAD P . 25.19 -2.14 -52.65
N7A NAD P . 24.41 -2.03 -53.72
C5A NAD P . 23.76 -3.20 -53.83
C6A NAD P . 22.78 -3.65 -54.84
N6A NAD P . 22.35 -2.96 -55.86
N1A NAD P . 22.35 -4.94 -54.63
C2A NAD P . 22.76 -5.74 -53.62
N3A NAD P . 23.69 -5.34 -52.66
C4A NAD P . 24.18 -4.05 -52.79
O3 NAD P . 29.52 -1.22 -45.79
PN NAD P . 28.64 -1.10 -44.37
O1N NAD P . 29.15 0.07 -43.67
O2N NAD P . 28.59 -2.44 -43.78
O5D NAD P . 27.15 -0.79 -44.88
C5D NAD P . 26.02 -1.61 -44.39
C4D NAD P . 24.83 -0.77 -44.20
O4D NAD P . 25.05 0.01 -42.90
C3D NAD P . 24.51 0.39 -45.21
O3D NAD P . 23.14 0.45 -45.26
C2D NAD P . 25.14 1.68 -44.65
O2D NAD P . 24.52 2.83 -45.09
C1D NAD P . 24.89 1.43 -43.13
N1N NAD P . 25.65 2.21 -42.03
C2N NAD P . 27.05 2.18 -42.04
C3N NAD P . 27.60 2.90 -41.00
C7N NAD P . 29.18 2.88 -40.97
O7N NAD P . 29.71 3.75 -40.28
N7N NAD P . 29.90 1.93 -41.61
C4N NAD P . 26.93 3.60 -39.98
C5N NAD P . 25.52 3.53 -40.08
C6N NAD P . 24.90 2.84 -41.09
C1 TCL Q . 27.21 6.01 -42.85
C2 TCL Q . 28.56 6.09 -42.47
C6 TCL Q . 26.93 5.17 -43.93
C5 TCL Q . 27.89 4.46 -44.59
C4 TCL Q . 29.21 4.59 -44.20
C3 TCL Q . 29.55 5.40 -43.11
C11 TCL Q . 27.77 4.77 -49.56
C10 TCL Q . 27.42 3.45 -49.28
C9 TCL Q . 27.25 3.10 -47.94
C8 TCL Q . 27.44 4.00 -46.92
C12 TCL Q . 27.97 5.69 -48.58
C13 TCL Q . 27.80 5.28 -47.24
O7 TCL Q . 27.44 3.58 -45.56
CL14 TCL Q . 28.97 7.13 -41.11
CL15 TCL Q . 28.00 5.24 -51.24
CL16 TCL Q . 26.82 1.44 -47.58
O17 TCL Q . 25.60 5.08 -44.35
C1 GLC R . 3.54 14.28 -63.24
C2 GLC R . 2.74 14.54 -61.95
C3 GLC R . 1.24 14.62 -62.21
C4 GLC R . 1.03 14.33 -63.75
C5 GLC R . 1.73 13.01 -64.01
C6 GLC R . 1.04 12.10 -65.00
O1 GLC R . 4.97 14.34 -63.09
O2 GLC R . 3.26 15.66 -61.23
O3 GLC R . 0.66 15.89 -61.95
O4 GLC R . -0.36 14.07 -64.04
O5 GLC R . 3.15 13.14 -64.01
O6 GLC R . 1.48 12.31 -66.33
PA NAD S . -3.87 21.09 -54.57
O1A NAD S . -4.37 19.98 -55.42
O2A NAD S . -4.65 22.35 -54.38
O5B NAD S . -2.37 21.43 -54.99
C5B NAD S . -1.38 20.45 -55.50
C4B NAD S . -0.55 21.27 -56.45
O4B NAD S . 0.56 20.38 -56.93
C3B NAD S . -1.29 21.61 -57.82
O3B NAD S . -1.25 23.08 -58.03
C2B NAD S . -0.59 20.91 -58.96
O2B NAD S . -0.57 21.61 -60.14
C1B NAD S . 0.81 20.82 -58.24
N9A NAD S . 1.63 19.86 -58.94
C8A NAD S . 1.58 18.49 -59.04
N7A NAD S . 2.51 17.97 -59.82
C5A NAD S . 3.23 18.99 -60.31
C6A NAD S . 4.35 19.02 -61.25
N6A NAD S . 4.93 17.99 -61.84
N1A NAD S . 4.77 20.31 -61.51
C2A NAD S . 4.27 21.44 -61.01
N3A NAD S . 3.21 21.46 -60.11
C4A NAD S . 2.69 20.20 -59.79
O3 NAD S . -3.60 20.45 -53.14
PN NAD S . -2.91 21.01 -51.73
O1N NAD S . -3.55 20.24 -50.64
O2N NAD S . -3.02 22.48 -51.61
O5D NAD S . -1.37 20.60 -51.87
C5D NAD S . -0.22 21.46 -51.67
C4D NAD S . 0.86 20.87 -50.88
O4D NAD S . 0.33 20.68 -49.46
C3D NAD S . 1.33 19.40 -51.23
O3D NAD S . 2.72 19.39 -51.13
C2D NAD S . 0.58 18.44 -50.28
O2D NAD S . 1.27 17.27 -50.03
C1D NAD S . 0.55 19.33 -49.01
N1N NAD S . -0.34 19.06 -47.80
C2N NAD S . -1.73 19.05 -48.02
C3N NAD S . -2.43 18.82 -46.86
C7N NAD S . -3.98 18.80 -47.04
O7N NAD S . -4.66 18.35 -46.13
N7N NAD S . -4.56 19.29 -48.16
C4N NAD S . -1.92 18.66 -45.56
C5N NAD S . -0.51 18.72 -45.47
C6N NAD S . 0.26 18.92 -46.60
C1 TCL T . -1.87 15.26 -47.19
C2 TCL T . -3.23 15.36 -46.95
C6 TCL T . -1.39 15.59 -48.46
C5 TCL T . -2.24 16.00 -49.48
C4 TCL T . -3.60 16.08 -49.17
C3 TCL T . -4.11 15.76 -47.92
C11 TCL T . -1.46 13.50 -53.71
C10 TCL T . -1.02 14.80 -54.00
C9 TCL T . -1.08 15.72 -52.96
C8 TCL T . -1.53 15.39 -51.72
C12 TCL T . -1.91 13.11 -52.48
C13 TCL T . -1.95 14.09 -51.47
O7 TCL T . -1.75 16.33 -50.69
CL14 TCL T . -3.86 14.97 -45.36
CL15 TCL T . -1.39 12.31 -55.00
CL16 TCL T . -0.61 17.36 -53.31
O17 TCL T . -0.02 15.47 -48.63
C1 GLC U . -22.08 -6.52 61.51
C2 GLC U . -21.76 -8.02 61.62
C3 GLC U . -23.09 -8.81 61.60
C4 GLC U . -24.06 -8.34 62.74
C5 GLC U . -24.21 -6.83 62.75
C6 GLC U . -24.83 -6.31 64.08
O1 GLC U . -20.86 -5.74 61.62
O2 GLC U . -20.85 -8.41 60.57
O3 GLC U . -22.84 -10.20 61.62
O4 GLC U . -25.42 -8.87 62.65
O5 GLC U . -23.07 -6.06 62.40
O6 GLC U . -23.82 -6.20 65.09
PA NAD V . -21.04 -19.47 57.99
O1A NAD V . -22.37 -18.85 58.35
O2A NAD V . -20.64 -20.85 58.53
O5B NAD V . -19.83 -18.48 58.31
C5B NAD V . -19.82 -17.00 58.09
C4B NAD V . -18.95 -16.43 59.15
O4B NAD V . -18.76 -14.96 59.03
C3B NAD V . -19.51 -16.59 60.63
O3B NAD V . -18.55 -17.46 61.32
C2B NAD V . -19.57 -15.21 61.26
O2B NAD V . -19.36 -15.14 62.61
C1B NAD V . -18.49 -14.53 60.35
N9A NAD V . -18.69 -13.10 60.43
C8A NAD V . -19.70 -12.26 60.01
N7A NAD V . -19.52 -10.99 60.33
C5A NAD V . -18.38 -10.92 61.02
C6A NAD V . -17.71 -9.76 61.66
N6A NAD V . -18.14 -8.51 61.62
N1A NAD V . -16.53 -10.12 62.26
C2A NAD V . -16.01 -11.35 62.36
N3A NAD V . -16.64 -12.46 61.80
C4A NAD V . -17.83 -12.21 61.14
O3 NAD V . -21.04 -19.51 56.43
PN NAD V . -19.93 -20.05 55.29
O1N NAD V . -20.71 -20.21 54.07
O2N NAD V . -19.02 -21.09 55.80
O5D NAD V . -18.97 -18.76 55.24
C5D NAD V . -18.97 -18.05 54.03
C4D NAD V . -17.57 -17.56 53.72
O4D NAD V . -17.40 -18.35 52.39
C3D NAD V . -17.98 -16.11 53.19
O3D NAD V . -16.90 -15.36 52.90
C2D NAD V . -19.03 -16.57 52.11
O2D NAD V . -19.47 -15.53 51.33
C1D NAD V . -18.20 -17.67 51.41
N1N NAD V . -18.81 -18.69 50.44
C2N NAD V . -19.81 -19.55 50.92
C3N NAD V . -20.29 -20.41 49.97
C7N NAD V . -21.41 -21.40 50.46
O7N NAD V . -22.14 -21.92 49.59
N7N NAD V . -21.54 -21.72 51.77
C4N NAD V . -19.88 -20.52 48.62
C5N NAD V . -18.86 -19.61 48.27
C6N NAD V . -18.32 -18.72 49.17
C1 TCL W . -22.50 -17.62 48.69
C2 TCL W . -23.34 -18.74 48.78
C6 TCL W . -22.17 -17.00 49.89
C5 TCL W . -22.67 -17.44 51.10
C4 TCL W . -23.49 -18.55 51.14
C3 TCL W . -23.85 -19.20 49.96
C11 TCL W . -24.40 -13.52 53.73
C10 TCL W . -23.26 -13.96 54.41
C9 TCL W . -22.51 -14.96 53.81
C8 TCL W . -22.83 -15.50 52.59
C12 TCL W . -24.75 -14.02 52.52
C13 TCL W . -23.95 -15.01 51.95
O7 TCL W . -22.32 -16.76 52.24
CL14 TCL W . -23.79 -19.57 47.30
CL15 TCL W . -25.37 -12.27 54.48
CL16 TCL W . -21.11 -15.54 54.67
O17 TCL W . -21.32 -15.89 49.88
C1 GLC X . -16.01 13.77 48.03
C2 GLC X . -16.09 14.37 46.60
C3 GLC X . -14.72 15.03 46.28
C4 GLC X . -14.30 16.07 47.35
C5 GLC X . -14.45 15.57 48.78
C6 GLC X . -14.71 16.80 49.70
O1 GLC X . -17.32 13.26 48.42
O2 GLC X . -16.31 13.33 45.62
O3 GLC X . -14.81 15.49 44.93
O4 GLC X . -12.94 16.56 47.23
O5 GLC X . -15.46 14.60 49.02
O6 GLC X . -15.87 17.50 49.24
PA NAD Y . -11.87 14.59 35.33
O1A NAD Y . -11.08 15.17 36.48
O2A NAD Y . -11.94 15.27 33.99
O5B NAD Y . -13.32 14.15 35.85
C5B NAD Y . -13.63 13.66 37.22
C4B NAD Y . -15.02 14.13 37.49
O4B NAD Y . -15.58 13.49 38.72
C3B NAD Y . -15.05 15.67 37.84
O3B NAD Y . -15.94 16.28 36.82
C2B NAD Y . -15.70 15.81 39.21
O2B NAD Y . -16.49 16.90 39.35
C1B NAD Y . -16.46 14.46 39.25
N9A NAD Y . -16.77 14.15 40.63
C8A NAD Y . -15.98 13.77 41.68
N7A NAD Y . -16.58 13.57 42.84
C5A NAD Y . -17.87 13.86 42.61
C6A NAD Y . -19.03 13.81 43.52
N6A NAD Y . -19.01 13.52 44.81
N1A NAD Y . -20.19 14.16 42.90
C2A NAD Y . -20.35 14.50 41.61
N3A NAD Y . -19.27 14.53 40.72
C4A NAD Y . -18.03 14.22 41.25
O3 NAD Y . -11.27 13.13 35.13
PN NAD Y . -11.63 11.93 34.04
O1N NAD Y . -10.38 11.21 33.87
O2N NAD Y . -12.44 12.43 32.91
O5D NAD Y . -12.66 11.01 34.92
C5D NAD Y . -13.89 10.46 34.36
C4D NAD Y . -14.15 9.05 34.71
O4D NAD Y . -13.15 8.31 33.82
C3D NAD Y . -13.78 8.49 36.14
O3D NAD Y . -14.70 7.50 36.46
C2D NAD Y . -12.32 7.94 36.04
O2D NAD Y . -12.05 6.95 36.95
C1D NAD Y . -12.44 7.32 34.62
N1N NAD Y . -11.20 6.86 33.82
C2N NAD Y . -10.24 7.84 33.53
C3N NAD Y . -9.19 7.34 32.79
C7N NAD Y . -8.09 8.39 32.45
O7N NAD Y . -6.98 7.94 32.08
N7N NAD Y . -8.34 9.70 32.56
C4N NAD Y . -9.05 6.02 32.28
C5N NAD Y . -10.09 5.16 32.63
C6N NAD Y . -11.15 5.58 33.39
C1 TCL Z . -7.58 5.94 35.83
C2 TCL Z . -6.56 6.63 35.16
C6 TCL Z . -8.53 6.71 36.52
C5 TCL Z . -8.47 8.09 36.55
C4 TCL Z . -7.43 8.72 35.87
C3 TCL Z . -6.46 7.99 35.17
C11 TCL Z . -9.04 9.87 41.17
C10 TCL Z . -10.22 10.23 40.52
C9 TCL Z . -10.38 9.80 39.20
C8 TCL Z . -9.42 9.04 38.56
C12 TCL Z . -8.07 9.13 40.57
C13 TCL Z . -8.27 8.73 39.26
O7 TCL Z . -9.49 8.77 37.17
CL14 TCL Z . -5.39 5.68 34.29
CL15 TCL Z . -8.82 10.39 42.83
CL16 TCL Z . -11.80 10.27 38.35
O17 TCL Z . -9.52 6.00 37.16
C1 GLC AA . 6.82 -34.26 14.99
C2 GLC AA . 7.16 -33.29 16.11
C3 GLC AA . 8.65 -33.11 16.32
C4 GLC AA . 9.46 -33.89 15.24
C5 GLC AA . 8.76 -33.52 13.92
C6 GLC AA . 9.66 -33.54 12.69
O1 GLC AA . 5.49 -34.68 14.78
O2 GLC AA . 6.46 -33.47 17.31
O3 GLC AA . 9.19 -33.24 17.60
O4 GLC AA . 10.75 -33.23 15.08
O5 GLC AA . 7.52 -34.20 13.78
O6 GLC AA . 10.15 -34.87 12.52
PA NAD BA . 11.08 -30.08 26.89
O1A NAD BA . 11.89 -29.76 25.69
O2A NAD BA . 11.83 -30.50 28.14
O5B NAD BA . 9.90 -31.08 26.61
C5B NAD BA . 9.11 -31.09 25.36
C4B NAD BA . 8.71 -32.49 25.17
O4B NAD BA . 7.72 -32.59 24.05
C3B NAD BA . 9.88 -33.47 24.76
O3B NAD BA . 10.04 -34.54 25.80
C2B NAD BA . 9.48 -34.09 23.42
O2B NAD BA . 9.82 -35.39 23.26
C1B NAD BA . 7.95 -33.88 23.54
N9A NAD BA . 7.36 -34.03 22.24
C8A NAD BA . 7.39 -33.23 21.10
N7A NAD BA . 6.78 -33.73 20.06
C5A NAD BA . 6.32 -34.93 20.41
C6A NAD BA . 5.59 -35.95 19.64
N6A NAD BA . 5.20 -35.82 18.39
N1A NAD BA . 5.31 -37.04 20.41
C2A NAD BA . 5.65 -37.28 21.66
N3A NAD BA . 6.36 -36.36 22.44
C4A NAD BA . 6.68 -35.18 21.76
O3 NAD BA . 10.27 -28.74 27.22
PN NAD BA . 9.18 -28.28 28.38
O1N NAD BA . 9.39 -26.87 28.58
O2N NAD BA . 9.23 -29.23 29.54
O5D NAD BA . 7.80 -28.65 27.68
C5D NAD BA . 6.69 -29.38 28.25
C4D NAD BA . 5.35 -28.78 28.04
O4D NAD BA . 5.37 -27.52 28.94
C3D NAD BA . 4.94 -28.20 26.64
O3D NAD BA . 3.58 -28.45 26.41
C2D NAD BA . 5.21 -26.66 26.70
O2D NAD BA . 4.48 -26.00 25.75
C1D NAD BA . 4.80 -26.40 28.18
N1N NAD BA . 5.27 -25.10 28.89
C2N NAD BA . 6.65 -24.89 29.00
C3N NAD BA . 6.95 -23.72 29.65
C7N NAD BA . 8.49 -23.42 29.81
O7N NAD BA . 8.76 -22.25 30.22
N7N NAD BA . 9.47 -24.31 29.66
C4N NAD BA . 6.06 -22.76 30.20
C5N NAD BA . 4.68 -23.13 30.06
C6N NAD BA . 4.32 -24.28 29.39
C1 TCL CA . 6.23 -21.72 26.63
C2 TCL CA . 7.45 -21.21 27.12
C6 TCL CA . 6.27 -22.96 26.00
C5 TCL CA . 7.45 -23.68 25.86
C4 TCL CA . 8.61 -23.13 26.36
C3 TCL CA . 8.64 -21.89 27.00
C11 TCL CA . 7.71 -25.03 21.02
C10 TCL CA . 7.48 -26.22 21.73
C9 TCL CA . 7.36 -26.14 23.12
C8 TCL CA . 7.44 -24.96 23.79
C12 TCL CA . 7.77 -23.83 21.65
C13 TCL CA . 7.65 -23.81 23.06
O7 TCL CA . 7.42 -24.90 25.22
CL14 TCL CA . 7.44 -19.65 27.92
CL15 TCL CA . 7.87 -25.13 19.28
CL16 TCL CA . 7.16 -27.65 23.98
O17 TCL CA . 5.09 -23.51 25.48
C1 GLC DA . -14.76 -27.81 3.12
C2 GLC DA . -15.70 -26.62 3.01
C3 GLC DA . -17.15 -27.05 3.32
C4 GLC DA . -17.62 -28.32 2.58
C5 GLC DA . -16.52 -29.35 2.46
C6 GLC DA . -16.20 -29.55 0.95
O1 GLC DA . -13.35 -27.56 2.98
O2 GLC DA . -15.28 -25.59 3.92
O3 GLC DA . -18.04 -25.95 3.12
O4 GLC DA . -18.85 -28.97 2.95
O5 GLC DA . -15.24 -29.11 3.06
O6 GLC DA . -17.20 -30.44 0.48
PA NAD EA . -24.16 -19.34 7.03
O1A NAD EA . -24.42 -20.78 6.77
O2A NAD EA . -25.09 -18.21 6.57
O5B NAD EA . -22.69 -18.96 6.52
C5B NAD EA . -21.48 -19.81 6.68
C4B NAD EA . -20.63 -19.42 5.51
O4B NAD EA . -19.37 -20.24 5.56
C3B NAD EA . -21.22 -19.78 4.10
O3B NAD EA . -21.51 -18.55 3.31
C2B NAD EA . -20.24 -20.70 3.42
O2B NAD EA . -20.11 -20.57 2.07
C1B NAD EA . -18.98 -20.25 4.22
N9A NAD EA . -17.92 -21.21 4.03
C8A NAD EA . -17.73 -22.47 4.52
N7A NAD EA . -16.63 -23.09 4.10
C5A NAD EA . -16.04 -22.24 3.26
C6A NAD EA . -14.79 -22.40 2.51
N6A NAD EA . -14.02 -23.46 2.53
N1A NAD EA . -14.49 -21.29 1.74
C2A NAD EA . -15.22 -20.18 1.67
N3A NAD EA . -16.39 -19.98 2.39
C4A NAD EA . -16.78 -21.04 3.18
O3 NAD EA . -23.95 -19.21 8.59
PN NAD EA . -23.69 -18.05 9.72
O1N NAD EA . -24.38 -18.42 10.94
O2N NAD EA . -23.98 -16.70 9.16
O5D NAD EA . -22.09 -18.19 9.94
C5D NAD EA . -21.21 -17.03 9.83
C4D NAD EA . -20.10 -17.10 10.81
O4D NAD EA . -20.79 -16.81 12.12
C3D NAD EA . -19.43 -18.48 11.12
O3D NAD EA . -18.06 -18.25 11.32
C2D NAD EA . -20.15 -19.10 12.35
O2D NAD EA . -19.37 -19.96 13.08
C1D NAD EA . -20.46 -17.79 13.11
N1N NAD EA . -21.49 -17.65 14.27
C2N NAD EA . -22.82 -18.04 13.99
C3N NAD EA . -23.65 -17.85 15.05
C7N NAD EA . -25.15 -18.27 14.78
O7N NAD EA . -25.82 -18.43 15.81
N7N NAD EA . -25.64 -18.39 13.53
C4N NAD EA . -23.35 -17.35 16.33
C5N NAD EA . -21.98 -17.01 16.48
C6N NAD EA . -21.08 -17.15 15.45
C1 TCL FA . -22.60 -21.12 16.31
C2 TCL FA . -24.00 -21.20 16.36
C6 TCL FA . -21.99 -21.31 15.08
C5 TCL FA . -22.73 -21.54 13.93
C4 TCL FA . -24.10 -21.60 14.02
C3 TCL FA . -24.76 -21.43 15.25
C11 TCL FA . -20.80 -25.37 11.38
C10 TCL FA . -20.52 -24.23 10.61
C9 TCL FA . -20.89 -22.99 11.12
C8 TCL FA . -21.52 -22.87 12.32
C12 TCL FA . -21.42 -25.27 12.59
C13 TCL FA . -21.78 -24.00 13.05
O7 TCL FA . -21.96 -21.61 12.79
CL14 TCL FA . -24.77 -20.97 17.91
CL15 TCL FA . -20.33 -26.93 10.75
CL16 TCL FA . -20.56 -21.58 10.16
O17 TCL FA . -20.60 -21.26 14.95
#